data_7N8Q
#
_entry.id   7N8Q
#
_cell.length_a   99.182
_cell.length_b   82.664
_cell.length_c   111.899
_cell.angle_alpha   90.00
_cell.angle_beta   112.02
_cell.angle_gamma   90.00
#
_symmetry.space_group_name_H-M   'P 1 21 1'
#
loop_
_entity.id
_entity.type
_entity.pdbx_description
1 polymer 'clade A/E 93TH057 HIV-1 gp120 core'
2 polymer 'M48U1 CD4 MIMETIC PEPTIDE'
3 polymer 'Rhesusized DH677.3 FAB HEAVY CHAIN'
4 polymer 'Rhesusized DH677.3 FAB LIGHT CHAIN'
5 non-polymer 2-acetamido-2-deoxy-beta-D-glucopyranose
6 water water
#
loop_
_entity_poly.entity_id
_entity_poly.type
_entity_poly.pdbx_seq_one_letter_code
_entity_poly.pdbx_strand_id
1 'polypeptide(L)'
;VPVWKDADTTLFCASDAKAHETEVHNVWATHACVPTDPNPQEIHLENVTENFNMWKNNMVEQMQEDVISLWDQSLQPCVK
LTGGSVIKQACPKISFDPIPIHYCTPAGYVILKCNDKNFNGTGPCKNVSSVQCTHGIKPVVSTQLLLNGSLAEEEIIIRS
ENLTNNAKTIIVHLNKSVEINCTRPSNGGSGSGGDIRKAYCEINGTKWNKVLKQVTEKLKEHFNNKTIIFQPPSGGDLEI
TMHSFNCRGEFFYCNTTQLFNNTCIGNETMKGCNGTITLPCKIKQIINMWQGTGQAMYAPPIDGKINCVSNITGILLTRD
GGANNTSNETFRPGGGNIKDNWRSELYKYKVVQIE
;
G,A
2 'polypeptide(L)' (MPT)NLHFCQLRCKSLGLLGRCA(DPR)T(U2X)CACV(NH2) N
3 'polypeptide(L)'
;QVQLVQSGAEVKKPGASVKLSCKASGYTFTSYDINWVRQAPGQGLEWMGWMNPKTGNTGYAQKFQGRVTMTRDTSTSTAY
MELSSLRSEDTAVYYCATYRIIAAVGYRYFQYWGQGALVTVSSASTKGPSVFPLAPSSRSTSESTAALGCLVKDYFPEPV
TVSWNSGSLTSGVHTFPAVLQSSGLYSLSSVVTVPSSSLGTQTYVCNVNHKPSNTKVDKRVEIKTCGG
;
H,C
4 'polypeptide(L)'
;AIQMTQSPSSLSASVGDKVTITCRASQGFGNYLAWYQQKPGKVPKLLIYAATTLQSEVPSRFSGSGSGTDFTLTISSLQP
EDVATYYCQKYNSAPFTFGQGTRLEIKRAVAAPSVFIFPPSEDQVKSGTVSVVCLLNNFYPREASVKWKVDGVLKTGNSQ
ESVTEQDSKDNTYSLSSTLTLSNTDYQSHNVYACEVTHQGLSSPVTKSFNRGEC
;
L,D
#
loop_
_chem_comp.id
_chem_comp.type
_chem_comp.name
_chem_comp.formula
MPT non-polymer 'BETA-MERCAPTOPROPIONIC ACID' 'C3 H6 O2 S'
NAG D-saccharide, beta linking 2-acetamido-2-deoxy-beta-D-glucopyranose 'C8 H15 N O6'
NH2 non-polymer 'AMINO GROUP' 'H2 N'
#
# COMPACT_ATOMS: atom_id res chain seq x y z
N PRO A 2 -14.94 4.72 18.09
CA PRO A 2 -15.56 4.04 16.95
C PRO A 2 -14.57 3.17 16.19
N VAL A 3 -13.73 3.82 15.38
CA VAL A 3 -12.78 3.14 14.46
C VAL A 3 -11.48 2.79 15.20
N TRP A 4 -11.19 3.46 16.31
CA TRP A 4 -9.93 3.21 17.04
C TRP A 4 -10.18 2.26 18.22
N LYS A 5 -9.11 1.75 18.81
CA LYS A 5 -9.19 0.76 19.88
C LYS A 5 -8.12 1.12 20.91
N ASP A 6 -8.48 1.14 22.19
CA ASP A 6 -7.49 1.40 23.26
C ASP A 6 -6.50 0.25 23.23
N ALA A 7 -5.22 0.55 23.23
CA ALA A 7 -4.19 -0.52 23.26
C ALA A 7 -2.87 0.06 23.75
N ASP A 8 -1.92 -0.80 24.07
CA ASP A 8 -0.59 -0.32 24.53
C ASP A 8 0.45 -0.61 23.45
N THR A 9 1.42 0.28 23.28
CA THR A 9 2.49 0.08 22.29
C THR A 9 3.81 0.58 22.85
N THR A 10 4.85 0.64 22.02
CA THR A 10 6.17 1.15 22.42
C THR A 10 6.27 2.61 22.00
N LEU A 11 5.93 3.54 22.87
CA LEU A 11 5.95 4.98 22.51
C LEU A 11 7.39 5.42 22.33
N PHE A 12 7.65 6.29 21.35
CA PHE A 12 9.02 6.81 21.08
C PHE A 12 9.11 8.22 21.65
N CYS A 13 10.29 8.59 22.12
CA CYS A 13 10.46 9.87 22.80
C CYS A 13 10.93 10.93 21.80
N ALA A 14 11.24 12.10 22.31
CA ALA A 14 11.57 13.25 21.45
C ALA A 14 11.85 14.45 22.34
N SER A 15 13.11 14.69 22.67
CA SER A 15 13.48 15.88 23.47
C SER A 15 13.72 17.07 22.55
N ASP A 16 14.72 17.86 22.93
CA ASP A 16 15.22 19.07 22.24
C ASP A 16 16.71 19.16 22.54
N ALA A 17 17.18 18.34 23.48
CA ALA A 17 18.57 18.30 24.01
C ALA A 17 19.59 18.42 22.87
N LYS A 18 20.60 19.25 23.11
CA LYS A 18 21.73 19.46 22.19
C LYS A 18 22.86 18.54 22.63
N ALA A 19 23.72 18.10 21.72
CA ALA A 19 24.87 17.19 22.00
C ALA A 19 26.09 18.03 22.38
N HIS A 20 25.95 19.34 22.38
CA HIS A 20 26.99 20.30 22.83
C HIS A 20 27.02 20.30 24.36
N GLU A 21 25.90 19.95 25.00
CA GLU A 21 25.84 19.91 26.47
C GLU A 21 26.14 18.50 26.93
N THR A 22 26.96 18.33 27.94
CA THR A 22 27.32 16.98 28.43
C THR A 22 26.49 16.67 29.68
N GLU A 23 25.68 17.63 30.11
CA GLU A 23 24.75 17.37 31.22
C GLU A 23 24.01 16.09 30.83
N VAL A 24 24.13 15.04 31.63
CA VAL A 24 23.64 13.65 31.33
C VAL A 24 22.26 13.61 30.67
N HIS A 25 21.29 14.43 31.09
CA HIS A 25 19.96 14.51 30.45
C HIS A 25 20.15 14.64 28.95
N ASN A 26 20.80 15.74 28.55
CA ASN A 26 21.09 16.11 27.14
C ASN A 26 21.87 14.97 26.49
N VAL A 27 22.87 14.44 27.19
CA VAL A 27 23.69 13.32 26.66
C VAL A 27 22.80 12.09 26.48
N TRP A 28 21.95 11.78 27.47
CA TRP A 28 21.05 10.61 27.35
C TRP A 28 20.07 10.91 26.23
N ALA A 29 19.55 12.14 26.17
CA ALA A 29 18.56 12.56 25.16
C ALA A 29 19.14 12.53 23.73
N THR A 30 20.46 12.64 23.55
CA THR A 30 21.12 12.56 22.23
C THR A 30 20.62 11.31 21.50
N HIS A 31 20.56 10.15 22.15
CA HIS A 31 20.02 8.92 21.51
C HIS A 31 18.64 8.59 22.06
N ALA A 32 18.13 7.41 21.69
CA ALA A 32 16.85 6.85 22.16
C ALA A 32 15.66 7.72 21.73
N CYS A 33 15.90 9.02 21.56
CA CYS A 33 14.88 10.07 21.33
C CYS A 33 15.37 11.04 20.25
N VAL A 34 14.43 11.53 19.46
CA VAL A 34 14.72 12.36 18.27
C VAL A 34 14.29 13.79 18.56
N PRO A 35 14.38 14.72 17.60
CA PRO A 35 13.94 16.10 17.81
C PRO A 35 12.44 16.32 18.02
N THR A 36 12.10 17.57 18.32
CA THR A 36 10.71 17.98 18.64
C THR A 36 9.98 18.30 17.34
N ASP A 37 8.66 18.36 17.39
CA ASP A 37 7.80 18.74 16.24
C ASP A 37 7.80 20.25 16.18
N PRO A 38 8.15 20.85 15.04
CA PRO A 38 8.10 22.30 14.89
C PRO A 38 6.65 22.70 14.62
N ASN A 39 5.89 21.78 14.06
CA ASN A 39 4.44 21.97 13.82
C ASN A 39 3.73 20.67 14.16
N PRO A 40 3.53 20.39 15.47
CA PRO A 40 2.87 19.15 15.87
C PRO A 40 1.37 19.28 15.64
N GLN A 41 0.72 18.20 15.27
CA GLN A 41 -0.73 18.25 14.96
C GLN A 41 -1.55 17.78 16.17
N GLU A 42 -2.69 18.43 16.39
CA GLU A 42 -3.68 18.14 17.46
C GLU A 42 -5.05 18.30 16.81
N ILE A 43 -5.64 17.18 16.39
CA ILE A 43 -6.93 17.16 15.64
C ILE A 43 -8.09 16.93 16.61
N HIS A 44 -9.01 17.90 16.72
CA HIS A 44 -10.18 17.82 17.61
C HIS A 44 -11.10 16.67 17.18
N LEU A 45 -11.20 15.62 18.01
CA LEU A 45 -12.02 14.42 17.71
C LEU A 45 -13.51 14.78 17.73
N GLU A 46 -14.13 14.76 16.55
CA GLU A 46 -15.58 15.00 16.26
C GLU A 46 -16.22 15.88 17.32
N ASN A 47 -16.98 15.27 18.24
CA ASN A 47 -17.69 15.97 19.33
C ASN A 47 -18.19 14.92 20.32
N VAL A 48 -17.56 13.75 20.27
CA VAL A 48 -17.83 12.60 21.18
C VAL A 48 -17.03 12.83 22.46
N THR A 49 -16.93 11.80 23.30
CA THR A 49 -16.25 11.92 24.61
C THR A 49 -15.82 10.53 25.08
N GLU A 50 -14.53 10.34 25.30
CA GLU A 50 -13.95 9.06 25.74
C GLU A 50 -13.92 9.02 27.27
N ASN A 51 -13.26 8.00 27.81
CA ASN A 51 -13.21 7.75 29.27
C ASN A 51 -11.81 7.28 29.66
N PHE A 52 -11.04 8.12 30.33
CA PHE A 52 -9.64 7.75 30.65
C PHE A 52 -9.51 7.17 32.05
N ASN A 53 -8.28 6.80 32.37
CA ASN A 53 -7.86 6.25 33.67
C ASN A 53 -6.35 6.41 33.78
N MET A 54 -5.90 7.31 34.65
CA MET A 54 -4.46 7.63 34.84
C MET A 54 -3.79 6.63 35.79
N TRP A 55 -4.52 5.65 36.32
CA TRP A 55 -3.94 4.72 37.29
C TRP A 55 -3.61 3.38 36.64
N LYS A 56 -3.98 3.23 35.35
CA LYS A 56 -3.72 1.97 34.61
C LYS A 56 -3.25 2.33 33.19
N ASN A 57 -2.43 3.38 33.06
CA ASN A 57 -1.87 3.78 31.74
C ASN A 57 -0.58 3.00 31.54
N ASN A 58 -0.16 2.80 30.29
CA ASN A 58 1.10 2.08 29.99
C ASN A 58 2.19 3.10 29.72
N MET A 59 1.82 4.33 29.37
CA MET A 59 2.82 5.39 29.18
C MET A 59 3.57 5.52 30.50
N VAL A 60 2.83 5.54 31.60
CA VAL A 60 3.44 5.66 32.95
C VAL A 60 4.51 4.58 33.11
N GLU A 61 4.25 3.33 32.77
CA GLU A 61 5.30 2.31 33.02
C GLU A 61 6.40 2.41 31.95
N GLN A 62 6.09 2.92 30.75
CA GLN A 62 7.11 3.11 29.69
C GLN A 62 8.07 4.19 30.17
N MET A 63 7.51 5.33 30.58
CA MET A 63 8.26 6.51 31.07
C MET A 63 8.97 6.20 32.37
N GLN A 64 8.46 5.25 33.15
CA GLN A 64 9.09 4.84 34.43
C GLN A 64 10.39 4.12 34.08
N GLU A 65 10.36 3.32 33.02
CA GLU A 65 11.53 2.54 32.61
C GLU A 65 12.49 3.46 31.86
N ASP A 66 11.95 4.38 31.06
CA ASP A 66 12.77 5.37 30.31
C ASP A 66 13.73 6.03 31.29
N VAL A 67 13.17 6.61 32.34
CA VAL A 67 13.90 7.41 33.36
C VAL A 67 14.79 6.50 34.19
N ILE A 68 14.48 5.22 34.31
CA ILE A 68 15.34 4.33 35.14
C ILE A 68 16.69 4.13 34.44
N SER A 69 16.67 3.95 33.13
CA SER A 69 17.89 3.72 32.31
C SER A 69 18.77 4.95 32.42
N LEU A 70 18.14 6.10 32.21
CA LEU A 70 18.78 7.43 32.28
C LEU A 70 19.61 7.52 33.56
N TRP A 71 18.97 7.24 34.69
CA TRP A 71 19.58 7.33 36.04
C TRP A 71 20.68 6.28 36.24
N ASP A 72 20.50 5.05 35.75
CA ASP A 72 21.55 4.04 36.03
C ASP A 72 22.54 4.03 34.87
N GLN A 73 22.36 4.93 33.90
CA GLN A 73 23.32 5.09 32.79
C GLN A 73 24.09 6.37 33.03
N SER A 74 23.43 7.39 33.56
CA SER A 74 24.05 8.69 33.87
C SER A 74 24.54 8.68 35.32
N LEU A 75 23.62 8.73 36.28
CA LEU A 75 24.00 8.70 37.72
C LEU A 75 24.30 7.25 38.12
N GLN A 76 25.54 6.78 37.86
CA GLN A 76 25.91 5.38 38.19
C GLN A 76 26.56 5.36 39.55
N PRO A 77 26.09 4.55 40.50
CA PRO A 77 26.63 4.54 41.86
C PRO A 77 27.89 3.71 42.02
N CYS A 78 28.89 4.26 42.70
CA CYS A 78 30.15 3.53 42.96
C CYS A 78 29.81 2.08 43.35
N VAL A 79 28.76 1.92 44.15
CA VAL A 79 28.32 0.59 44.64
C VAL A 79 26.80 0.60 44.80
N LYS A 80 26.13 -0.32 44.11
CA LYS A 80 24.66 -0.39 44.10
C LYS A 80 24.24 -1.77 44.59
N LEU A 81 23.67 -1.79 45.78
CA LEU A 81 23.30 -3.01 46.51
C LEU A 81 21.78 -3.19 46.52
N THR A 82 21.30 -4.23 45.83
CA THR A 82 19.87 -4.56 45.68
C THR A 82 19.61 -6.02 46.05
N GLY A 83 18.53 -6.29 46.76
CA GLY A 83 18.09 -7.67 47.05
C GLY A 83 18.70 -8.66 46.08
N GLY A 84 19.45 -9.73 46.76
CA GLY A 84 20.04 -10.66 45.78
C GLY A 84 21.50 -10.40 45.50
N SER A 85 21.91 -9.14 45.28
CA SER A 85 23.31 -8.88 44.86
C SER A 85 23.69 -7.40 44.91
N VAL A 86 24.99 -7.16 44.86
CA VAL A 86 25.54 -5.80 44.74
C VAL A 86 26.43 -5.69 43.48
N ILE A 87 26.44 -4.50 42.89
CA ILE A 87 27.23 -4.15 41.67
C ILE A 87 28.14 -2.95 41.97
N LYS A 88 29.46 -3.14 41.88
CA LYS A 88 30.47 -2.07 42.16
C LYS A 88 30.80 -1.28 40.88
N GLN A 89 30.69 0.06 40.92
CA GLN A 89 30.94 0.92 39.73
C GLN A 89 31.82 2.13 40.04
N ALA A 90 31.53 3.28 39.45
CA ALA A 90 32.30 4.53 39.62
C ALA A 90 31.37 5.73 39.75
N CYS A 91 31.83 6.82 40.38
CA CYS A 91 30.94 7.97 40.64
C CYS A 91 31.52 9.27 40.11
N PRO A 92 31.01 9.77 38.96
CA PRO A 92 31.51 11.02 38.37
C PRO A 92 30.69 12.23 38.87
N LYS A 93 31.17 13.45 38.58
CA LYS A 93 30.47 14.69 39.00
C LYS A 93 29.90 15.37 37.76
N ILE A 94 28.57 15.53 37.70
CA ILE A 94 27.90 16.18 36.54
C ILE A 94 26.91 17.24 37.04
N SER A 95 25.84 17.48 36.27
CA SER A 95 24.81 18.48 36.63
C SER A 95 23.46 17.94 36.17
N PHE A 96 22.39 18.36 36.82
CA PHE A 96 21.04 17.80 36.54
C PHE A 96 20.03 18.92 36.34
N ASP A 97 19.88 19.38 35.11
CA ASP A 97 18.72 20.26 34.83
C ASP A 97 17.94 19.56 33.73
N PRO A 98 16.86 18.83 34.11
CA PRO A 98 16.03 18.10 33.17
C PRO A 98 15.53 18.84 31.93
N ILE A 99 15.27 18.06 30.88
CA ILE A 99 14.71 18.66 29.65
C ILE A 99 13.28 18.19 29.56
N PRO A 100 12.35 19.04 29.14
CA PRO A 100 10.99 18.63 28.82
C PRO A 100 11.03 17.53 27.78
N ILE A 101 10.32 16.44 27.99
CA ILE A 101 10.35 15.30 27.03
C ILE A 101 8.97 15.16 26.43
N HIS A 102 8.86 14.87 25.12
CA HIS A 102 7.56 14.60 24.46
C HIS A 102 7.45 13.12 24.17
N TYR A 103 6.34 12.49 24.51
CA TYR A 103 6.17 11.05 24.23
C TYR A 103 5.27 10.92 23.00
N CYS A 104 5.58 9.93 22.15
CA CYS A 104 5.01 9.89 20.80
C CYS A 104 4.74 8.43 20.40
N THR A 105 3.53 8.21 19.91
CA THR A 105 3.04 6.87 19.49
C THR A 105 3.53 6.56 18.10
N PRO A 106 3.91 5.31 17.82
CA PRO A 106 4.35 4.92 16.48
C PRO A 106 3.31 4.81 15.36
N ALA A 107 3.68 4.08 14.32
CA ALA A 107 2.86 3.90 13.11
C ALA A 107 1.46 3.43 13.50
N GLY A 108 0.41 4.13 13.06
CA GLY A 108 -0.97 3.69 13.25
C GLY A 108 -1.55 4.25 14.54
N TYR A 109 -0.87 4.01 15.66
CA TYR A 109 -1.31 4.47 17.00
C TYR A 109 -1.40 5.99 17.07
N VAL A 110 -2.36 6.49 17.85
CA VAL A 110 -2.57 7.94 18.06
C VAL A 110 -2.84 8.16 19.55
N ILE A 111 -2.40 9.30 20.09
CA ILE A 111 -2.55 9.66 21.53
C ILE A 111 -3.87 10.41 21.71
N LEU A 112 -4.75 9.92 22.59
CA LEU A 112 -6.01 10.63 22.85
C LEU A 112 -5.78 11.55 24.05
N LYS A 113 -6.25 12.79 24.00
CA LYS A 113 -5.94 13.74 25.09
C LYS A 113 -7.22 14.42 25.54
N CYS A 114 -7.34 14.58 26.87
CA CYS A 114 -8.49 15.23 27.53
C CYS A 114 -8.13 16.68 27.79
N ASN A 115 -8.83 17.58 27.13
CA ASN A 115 -8.70 19.03 27.42
C ASN A 115 -9.87 19.51 28.29
N ASP A 116 -10.67 18.59 28.81
CA ASP A 116 -11.81 18.97 29.70
C ASP A 116 -11.25 19.85 30.81
N LYS A 117 -11.85 21.03 31.02
CA LYS A 117 -11.39 22.12 31.95
C LYS A 117 -10.76 21.53 33.23
N ASN A 118 -11.57 21.00 34.15
CA ASN A 118 -11.07 20.44 35.43
C ASN A 118 -11.24 18.93 35.42
N PHE A 119 -10.21 18.19 35.01
CA PHE A 119 -10.30 16.71 34.91
C PHE A 119 -9.50 16.09 36.05
N ASN A 120 -9.97 14.94 36.49
CA ASN A 120 -9.36 14.22 37.63
C ASN A 120 -8.82 12.87 37.16
N GLY A 121 -8.47 12.80 35.88
CA GLY A 121 -7.86 11.62 35.25
C GLY A 121 -8.69 10.36 35.33
N THR A 122 -10.02 10.46 35.45
CA THR A 122 -10.81 9.21 35.56
C THR A 122 -12.22 9.42 35.01
N GLY A 123 -12.61 8.59 34.04
CA GLY A 123 -13.97 8.53 33.45
C GLY A 123 -14.23 9.63 32.41
N PRO A 124 -15.52 10.00 32.22
CA PRO A 124 -15.98 11.03 31.28
C PRO A 124 -15.03 12.18 30.94
N CYS A 125 -14.93 12.48 29.64
CA CYS A 125 -13.84 13.33 29.11
C CYS A 125 -14.23 14.17 27.89
N LYS A 126 -15.51 14.41 27.64
CA LYS A 126 -15.99 15.19 26.47
C LYS A 126 -14.86 15.66 25.55
N ASN A 127 -14.28 16.83 25.80
CA ASN A 127 -13.32 17.47 24.88
C ASN A 127 -12.10 16.56 24.70
N VAL A 128 -12.16 15.66 23.75
CA VAL A 128 -11.05 14.70 23.48
C VAL A 128 -10.31 15.18 22.23
N SER A 129 -9.05 14.80 22.06
CA SER A 129 -8.31 15.17 20.84
C SER A 129 -7.22 14.15 20.54
N SER A 130 -6.72 14.16 19.31
CA SER A 130 -5.67 13.23 18.81
C SER A 130 -4.39 14.02 18.55
N VAL A 131 -3.30 13.56 19.14
CA VAL A 131 -1.95 14.14 18.95
C VAL A 131 -0.98 13.00 18.64
N GLN A 132 0.24 13.29 18.21
CA GLN A 132 1.24 12.24 17.93
C GLN A 132 2.19 12.20 19.11
N CYS A 133 2.43 13.37 19.70
CA CYS A 133 3.31 13.47 20.89
C CYS A 133 2.56 13.85 22.17
N THR A 134 3.22 13.61 23.30
CA THR A 134 2.72 14.07 24.60
C THR A 134 2.88 15.58 24.60
N HIS A 135 3.64 16.08 25.57
CA HIS A 135 3.95 17.54 25.68
C HIS A 135 5.19 17.73 26.54
N GLY A 136 5.62 18.98 26.69
CA GLY A 136 6.86 19.24 27.45
C GLY A 136 6.75 18.81 28.90
N ILE A 137 7.21 17.62 29.23
CA ILE A 137 7.19 17.19 30.65
C ILE A 137 8.63 16.93 31.09
N LYS A 138 9.03 17.52 32.19
CA LYS A 138 10.37 17.33 32.80
C LYS A 138 10.27 16.07 33.65
N PRO A 139 11.26 15.15 33.55
CA PRO A 139 11.27 13.94 34.34
C PRO A 139 11.99 14.15 35.67
N VAL A 140 11.41 14.94 36.56
CA VAL A 140 12.02 15.22 37.89
C VAL A 140 11.48 14.24 38.93
N VAL A 141 12.39 13.60 39.63
CA VAL A 141 12.07 12.61 40.69
C VAL A 141 11.90 13.37 42.00
N SER A 142 10.70 13.44 42.55
CA SER A 142 10.46 14.19 43.81
C SER A 142 9.89 13.24 44.88
N THR A 143 9.23 13.82 45.89
CA THR A 143 8.62 13.13 47.05
C THR A 143 7.81 14.20 47.79
N GLN A 144 6.64 13.86 48.35
CA GLN A 144 5.75 14.85 49.02
C GLN A 144 5.30 15.94 48.03
N LEU A 145 6.15 16.90 47.66
CA LEU A 145 5.74 17.97 46.72
C LEU A 145 6.21 17.62 45.32
N LEU A 146 5.40 17.96 44.31
CA LEU A 146 5.74 17.74 42.89
C LEU A 146 6.27 19.05 42.32
N LEU A 147 7.47 19.07 41.77
CA LEU A 147 8.08 20.34 41.29
C LEU A 147 8.26 20.34 39.77
N ASN A 148 8.37 21.55 39.22
CA ASN A 148 8.73 21.81 37.81
C ASN A 148 7.75 21.12 36.87
N GLY A 149 6.46 21.25 37.15
CA GLY A 149 5.45 20.51 36.37
C GLY A 149 4.32 21.41 35.90
N SER A 150 3.29 20.80 35.32
CA SER A 150 2.12 21.55 34.79
C SER A 150 1.20 21.96 35.94
N LEU A 151 0.29 22.91 35.67
CA LEU A 151 -0.65 23.41 36.69
C LEU A 151 -2.06 23.33 36.15
N ALA A 152 -3.05 23.26 37.03
CA ALA A 152 -4.48 23.18 36.63
C ALA A 152 -4.87 24.47 35.92
N GLU A 153 -5.73 24.38 34.92
CA GLU A 153 -6.14 25.59 34.18
C GLU A 153 -7.21 26.34 34.98
N GLU A 154 -8.25 25.65 35.44
CA GLU A 154 -9.36 26.29 36.20
C GLU A 154 -9.11 26.14 37.70
N GLU A 155 -9.97 25.39 38.38
CA GLU A 155 -9.91 25.18 39.84
C GLU A 155 -8.78 24.22 40.19
N ILE A 156 -8.54 24.03 41.49
CA ILE A 156 -7.46 23.10 41.97
C ILE A 156 -8.01 21.69 41.81
N ILE A 157 -7.17 20.74 41.37
CA ILE A 157 -7.70 19.37 41.16
C ILE A 157 -7.10 18.46 42.21
N ILE A 158 -7.95 17.66 42.82
CA ILE A 158 -7.53 16.60 43.77
C ILE A 158 -7.92 15.31 43.08
N ARG A 159 -7.06 14.29 43.07
CA ARG A 159 -7.49 13.09 42.32
C ARG A 159 -6.68 11.85 42.71
N SER A 160 -7.38 10.71 42.77
CA SER A 160 -6.78 9.38 43.05
C SER A 160 -7.66 8.30 42.45
N GLU A 161 -7.33 7.04 42.71
CA GLU A 161 -8.13 5.94 42.14
C GLU A 161 -9.33 5.70 43.04
N ASN A 162 -9.03 5.42 44.30
CA ASN A 162 -10.04 5.08 45.33
C ASN A 162 -9.89 6.12 46.42
N LEU A 163 -10.49 7.29 46.22
CA LEU A 163 -10.36 8.42 47.17
C LEU A 163 -10.53 7.91 48.61
N THR A 164 -11.57 7.12 48.81
CA THR A 164 -12.00 6.52 50.08
C THR A 164 -10.90 5.62 50.66
N ASN A 165 -10.29 4.80 49.84
CA ASN A 165 -9.20 3.90 50.30
C ASN A 165 -8.05 4.77 50.82
N ASN A 166 -7.41 4.38 51.91
CA ASN A 166 -6.29 5.22 52.40
C ASN A 166 -4.99 4.68 51.80
N ALA A 167 -5.03 3.56 51.09
CA ALA A 167 -3.80 2.99 50.49
C ALA A 167 -3.57 3.63 49.13
N LYS A 168 -4.61 4.21 48.56
CA LYS A 168 -4.54 4.88 47.25
C LYS A 168 -4.00 6.29 47.47
N THR A 169 -2.78 6.57 46.98
CA THR A 169 -2.08 7.87 47.10
C THR A 169 -2.92 8.98 46.49
N ILE A 170 -2.93 10.15 47.11
CA ILE A 170 -3.70 11.33 46.65
C ILE A 170 -2.76 12.23 45.87
N ILE A 171 -3.20 12.70 44.71
CA ILE A 171 -2.36 13.65 43.91
C ILE A 171 -3.05 15.01 44.02
N VAL A 172 -2.32 15.99 44.48
CA VAL A 172 -2.88 17.36 44.52
C VAL A 172 -2.21 18.14 43.40
N HIS A 173 -2.98 18.49 42.38
CA HIS A 173 -2.53 19.32 41.25
C HIS A 173 -3.02 20.73 41.51
N LEU A 174 -2.10 21.68 41.58
CA LEU A 174 -2.46 23.07 41.93
C LEU A 174 -2.80 23.87 40.69
N ASN A 175 -3.29 25.07 40.97
CA ASN A 175 -3.72 26.07 39.97
C ASN A 175 -2.76 27.25 39.96
N LYS A 176 -1.95 27.34 41.00
CA LYS A 176 -0.90 28.38 41.10
C LYS A 176 0.41 27.67 41.45
N SER A 177 1.52 28.12 40.86
CA SER A 177 2.85 27.50 41.13
C SER A 177 3.62 28.30 42.17
N VAL A 178 3.55 27.89 43.43
CA VAL A 178 4.28 28.59 44.50
C VAL A 178 5.75 28.24 44.38
N GLU A 179 6.60 29.25 44.14
CA GLU A 179 8.05 29.03 43.98
C GLU A 179 8.67 28.50 45.26
N ILE A 180 9.76 27.77 45.13
CA ILE A 180 10.57 27.30 46.28
C ILE A 180 12.04 27.55 45.93
N ASN A 181 12.92 27.52 46.92
CA ASN A 181 14.34 27.78 46.61
C ASN A 181 15.21 27.07 47.64
N CYS A 182 15.99 26.08 47.19
CA CYS A 182 16.87 25.25 48.04
C CYS A 182 18.33 25.46 47.64
N THR A 183 19.22 25.53 48.62
CA THR A 183 20.65 25.83 48.33
C THR A 183 21.57 25.14 49.34
N ARG A 184 22.83 24.95 48.98
CA ARG A 184 23.83 24.32 49.89
C ARG A 184 25.01 25.26 50.08
N PRO A 185 24.89 26.33 50.90
CA PRO A 185 26.00 27.24 51.17
C PRO A 185 26.58 26.98 52.57
N ILE A 196 30.88 19.28 56.58
CA ILE A 196 29.44 18.97 56.75
C ILE A 196 28.71 19.22 55.42
N ARG A 197 27.48 18.74 55.30
CA ARG A 197 26.71 18.80 54.02
C ARG A 197 25.45 19.66 54.13
N LYS A 198 24.87 19.72 55.33
CA LYS A 198 23.57 20.38 55.68
C LYS A 198 23.31 21.60 54.80
N ALA A 199 22.17 21.63 54.11
CA ALA A 199 21.73 22.78 53.31
C ALA A 199 20.35 23.21 53.76
N TYR A 200 19.63 24.00 52.99
CA TYR A 200 18.30 24.46 53.44
C TYR A 200 17.48 24.91 52.24
N CYS A 201 16.24 25.28 52.52
CA CYS A 201 15.28 25.79 51.53
C CYS A 201 14.50 26.95 52.13
N GLU A 202 13.80 27.68 51.28
CA GLU A 202 12.96 28.80 51.78
C GLU A 202 11.80 29.04 50.81
N ILE A 203 10.65 29.40 51.38
CA ILE A 203 9.34 29.42 50.67
C ILE A 203 8.58 30.65 51.13
N ASN A 204 8.09 31.46 50.20
CA ASN A 204 7.19 32.56 50.59
C ASN A 204 5.99 31.94 51.30
N GLY A 205 6.11 31.77 52.62
CA GLY A 205 5.04 31.20 53.45
C GLY A 205 3.76 32.02 53.34
N THR A 206 3.85 33.24 52.83
CA THR A 206 2.66 34.11 52.72
C THR A 206 1.78 33.55 51.60
N LYS A 207 2.36 32.97 50.56
CA LYS A 207 1.56 32.38 49.46
C LYS A 207 1.38 30.88 49.75
N TRP A 208 2.35 30.28 50.42
CA TRP A 208 2.31 28.81 50.72
C TRP A 208 1.07 28.45 51.54
N ASN A 209 0.90 29.06 52.71
CA ASN A 209 -0.23 28.74 53.62
C ASN A 209 -1.55 29.38 53.14
N LYS A 210 -1.50 30.30 52.19
CA LYS A 210 -2.74 30.88 51.62
C LYS A 210 -3.23 29.99 50.49
N VAL A 211 -2.32 29.30 49.79
CA VAL A 211 -2.75 28.40 48.68
C VAL A 211 -2.81 26.97 49.21
N LEU A 212 -2.61 26.79 50.51
CA LEU A 212 -2.82 25.50 51.19
C LEU A 212 -4.26 25.54 51.65
N LYS A 213 -4.68 26.73 52.08
CA LYS A 213 -6.06 27.00 52.54
C LYS A 213 -7.07 26.48 51.51
N GLN A 214 -6.85 26.75 50.22
CA GLN A 214 -7.81 26.33 49.18
C GLN A 214 -7.53 24.86 48.84
N VAL A 215 -6.39 24.33 49.25
CA VAL A 215 -6.16 22.89 48.99
C VAL A 215 -7.05 22.11 49.97
N THR A 216 -7.22 22.63 51.18
CA THR A 216 -8.09 22.01 52.22
C THR A 216 -9.56 22.19 51.82
N GLU A 217 -9.96 23.41 51.51
CA GLU A 217 -11.36 23.75 51.16
C GLU A 217 -11.86 22.80 50.06
N LYS A 218 -11.08 22.57 49.00
CA LYS A 218 -11.49 21.66 47.89
C LYS A 218 -11.43 20.20 48.40
N LEU A 219 -10.51 19.88 49.31
CA LEU A 219 -10.34 18.51 49.87
C LEU A 219 -11.52 18.19 50.81
N LYS A 220 -12.17 19.22 51.36
CA LYS A 220 -13.32 19.00 52.27
C LYS A 220 -14.61 19.22 51.48
N GLU A 221 -14.57 18.93 50.19
CA GLU A 221 -15.79 18.95 49.34
C GLU A 221 -16.07 17.53 48.87
N HIS A 222 -15.10 16.63 49.08
CA HIS A 222 -15.17 15.20 48.69
C HIS A 222 -15.28 14.36 49.96
N PHE A 223 -15.26 15.01 51.12
CA PHE A 223 -15.36 14.30 52.42
C PHE A 223 -16.56 14.88 53.20
N ASN A 224 -17.62 15.23 52.47
CA ASN A 224 -18.90 15.79 53.00
C ASN A 224 -18.63 16.82 54.10
N ASN A 225 -18.11 17.97 53.71
CA ASN A 225 -17.73 19.13 54.58
C ASN A 225 -17.30 18.62 55.95
N LYS A 226 -16.28 17.83 56.07
CA LYS A 226 -15.68 17.29 57.31
C LYS A 226 -14.54 18.22 57.74
N THR A 227 -13.73 17.79 58.69
CA THR A 227 -12.60 18.65 59.10
C THR A 227 -11.33 18.07 58.49
N ILE A 228 -10.49 18.94 57.93
CA ILE A 228 -9.21 18.51 57.32
C ILE A 228 -8.09 19.10 58.15
N ILE A 229 -7.21 18.26 58.66
CA ILE A 229 -6.04 18.75 59.44
C ILE A 229 -4.82 18.15 58.78
N PHE A 230 -3.74 18.90 58.63
CA PHE A 230 -2.51 18.33 58.01
C PHE A 230 -1.57 17.88 59.10
N GLN A 231 -0.61 17.04 58.77
CA GLN A 231 0.31 16.57 59.82
C GLN A 231 1.60 16.07 59.22
N PRO A 232 2.65 15.83 60.01
CA PRO A 232 3.89 15.28 59.49
C PRO A 232 3.73 13.82 59.16
N PRO A 233 4.59 13.28 58.27
CA PRO A 233 4.59 11.87 57.93
C PRO A 233 4.66 11.02 59.19
N SER A 234 3.88 9.96 59.21
CA SER A 234 3.87 9.05 60.37
C SER A 234 5.23 8.38 60.53
N GLY A 235 5.95 8.10 59.45
CA GLY A 235 7.29 7.48 59.57
C GLY A 235 7.62 6.63 58.37
N GLY A 236 8.66 5.79 58.52
CA GLY A 236 9.09 4.84 57.50
C GLY A 236 10.53 5.07 57.07
N ASP A 237 10.75 5.24 55.76
CA ASP A 237 12.09 5.45 55.18
C ASP A 237 12.30 6.96 55.06
N LEU A 238 13.55 7.41 55.15
CA LEU A 238 13.88 8.85 55.19
C LEU A 238 13.43 9.58 53.91
N GLU A 239 13.39 8.91 52.77
CA GLU A 239 13.00 9.54 51.49
C GLU A 239 11.52 9.90 51.44
N ILE A 240 10.67 9.28 52.24
CA ILE A 240 9.22 9.64 52.20
C ILE A 240 8.90 10.52 53.41
N THR A 241 9.73 10.45 54.45
CA THR A 241 9.54 11.35 55.60
C THR A 241 9.99 12.73 55.14
N MET A 242 11.26 12.82 54.74
CA MET A 242 11.92 14.06 54.25
C MET A 242 11.58 14.26 52.79
N HIS A 243 11.13 15.44 52.39
CA HIS A 243 10.88 15.73 50.95
C HIS A 243 12.21 15.51 50.21
N SER A 244 12.28 14.49 49.36
CA SER A 244 13.54 14.09 48.67
C SER A 244 13.54 14.52 47.20
N PHE A 245 14.74 14.79 46.65
CA PHE A 245 14.94 15.08 45.20
C PHE A 245 16.43 15.08 44.87
N ASN A 246 16.77 15.38 43.62
CA ASN A 246 18.18 15.43 43.16
C ASN A 246 18.49 16.83 42.63
N CYS A 247 19.20 17.63 43.41
CA CYS A 247 19.61 19.00 43.00
C CYS A 247 20.96 18.90 42.29
N ARG A 248 20.95 19.17 40.99
CA ARG A 248 22.15 19.24 40.12
C ARG A 248 23.18 18.17 40.47
N GLY A 249 22.75 17.02 40.99
CA GLY A 249 23.69 15.91 41.25
C GLY A 249 23.60 15.28 42.63
N GLU A 250 23.36 16.05 43.70
CA GLU A 250 23.28 15.47 45.05
C GLU A 250 21.83 15.27 45.49
N PHE A 251 21.64 14.25 46.33
CA PHE A 251 20.30 13.88 46.86
C PHE A 251 20.00 14.72 48.10
N PHE A 252 19.00 15.60 47.97
CA PHE A 252 18.53 16.53 49.02
C PHE A 252 17.32 15.95 49.74
N TYR A 253 17.40 15.90 51.07
CA TYR A 253 16.30 15.49 51.97
C TYR A 253 15.96 16.69 52.83
N CYS A 254 14.87 17.38 52.53
CA CYS A 254 14.47 18.57 53.31
C CYS A 254 13.24 18.28 54.15
N ASN A 255 13.35 18.58 55.44
CA ASN A 255 12.26 18.42 56.43
C ASN A 255 11.22 19.51 56.23
N THR A 256 10.05 19.13 55.75
CA THR A 256 8.96 20.11 55.56
C THR A 256 8.48 20.49 56.95
N THR A 257 7.49 19.75 57.46
CA THR A 257 6.92 19.97 58.82
C THR A 257 6.41 21.40 58.96
N GLN A 258 7.32 22.34 59.26
CA GLN A 258 6.94 23.75 59.43
C GLN A 258 5.99 24.13 58.29
N LEU A 259 5.98 23.30 57.23
CA LEU A 259 5.12 23.56 56.04
C LEU A 259 3.83 22.73 56.15
N PHE A 260 3.79 21.78 57.09
CA PHE A 260 2.60 20.92 57.29
C PHE A 260 2.01 21.09 58.69
N ASN A 261 2.74 21.67 59.64
CA ASN A 261 2.17 21.99 60.97
C ASN A 261 0.91 22.82 60.76
N ASN A 262 -0.25 22.14 60.73
CA ASN A 262 -1.62 22.63 60.40
C ASN A 262 -1.74 24.15 60.45
N THR A 263 -2.05 24.65 61.66
CA THR A 263 -2.19 26.08 62.05
C THR A 263 -2.38 27.07 60.90
N CYS A 264 -1.34 27.88 60.74
CA CYS A 264 -1.24 29.16 60.00
C CYS A 264 -2.04 29.18 58.70
N ILE A 265 -3.36 29.32 58.76
CA ILE A 265 -4.15 29.36 57.51
C ILE A 265 -5.35 30.31 57.67
N GLY A 272 -1.42 36.47 60.86
CA GLY A 272 -0.18 37.28 60.81
C GLY A 272 1.02 36.47 61.21
N CYS A 273 0.82 35.17 61.31
CA CYS A 273 1.75 34.15 61.84
C CYS A 273 3.16 34.30 61.23
N ASN A 274 3.43 33.94 59.97
CA ASN A 274 4.83 34.05 59.48
C ASN A 274 4.87 34.62 58.06
N GLY A 275 6.08 34.72 57.52
CA GLY A 275 6.34 35.18 56.14
C GLY A 275 7.27 34.21 55.45
N THR A 276 8.52 34.14 55.86
CA THR A 276 9.48 33.25 55.15
C THR A 276 9.72 31.97 55.95
N ILE A 277 9.65 30.84 55.25
CA ILE A 277 9.83 29.48 55.81
C ILE A 277 11.22 28.99 55.45
N THR A 278 11.84 28.20 56.33
CA THR A 278 13.22 27.69 56.13
C THR A 278 13.31 26.26 56.59
N LEU A 279 12.97 25.30 55.75
CA LEU A 279 13.10 23.87 56.08
C LEU A 279 14.59 23.59 56.12
N PRO A 280 15.10 22.84 57.10
CA PRO A 280 16.53 22.58 57.22
C PRO A 280 17.14 21.82 56.06
N CYS A 281 17.07 20.51 56.15
CA CYS A 281 17.52 19.65 55.04
C CYS A 281 18.91 19.08 55.27
N LYS A 282 19.21 18.04 54.49
CA LYS A 282 20.47 17.27 54.58
C LYS A 282 20.81 16.72 53.19
N ILE A 283 22.03 16.26 53.00
CA ILE A 283 22.46 15.67 51.70
C ILE A 283 23.01 14.28 52.00
N LYS A 284 22.38 13.24 51.48
CA LYS A 284 22.78 11.84 51.79
C LYS A 284 23.65 11.29 50.66
N GLN A 285 24.58 10.41 51.02
CA GLN A 285 25.51 9.78 50.06
C GLN A 285 25.16 8.30 49.93
N ILE A 286 24.43 7.76 50.90
CA ILE A 286 23.97 6.35 50.81
C ILE A 286 22.47 6.41 50.85
N ILE A 287 21.77 5.80 49.91
CA ILE A 287 20.29 6.00 49.87
C ILE A 287 19.61 4.81 49.23
N ASN A 288 18.36 4.59 49.58
CA ASN A 288 17.55 3.46 49.05
C ASN A 288 17.09 3.84 47.65
N MET A 289 17.31 2.95 46.68
CA MET A 289 16.99 3.26 45.27
C MET A 289 15.48 3.30 45.10
N TRP A 290 15.01 4.16 44.20
CA TRP A 290 13.59 4.24 43.80
C TRP A 290 13.39 3.43 42.51
N GLN A 291 14.43 2.72 42.07
CA GLN A 291 14.46 1.88 40.85
C GLN A 291 13.96 0.50 41.24
N GLY A 292 14.47 0.01 42.37
CA GLY A 292 14.12 -1.32 42.89
C GLY A 292 14.30 -1.36 44.38
N THR A 293 13.91 -2.44 45.02
CA THR A 293 14.10 -2.52 46.47
C THR A 293 15.60 -2.73 46.70
N GLY A 294 16.34 -1.65 46.88
CA GLY A 294 17.79 -1.75 47.15
C GLY A 294 18.33 -0.42 47.60
N GLN A 295 19.64 -0.33 47.86
CA GLN A 295 20.26 0.95 48.21
C GLN A 295 21.62 1.03 47.52
N ALA A 296 22.17 2.24 47.38
CA ALA A 296 23.43 2.47 46.64
C ALA A 296 24.13 3.74 47.15
N MET A 297 25.44 3.66 47.39
CA MET A 297 26.26 4.79 47.86
C MET A 297 26.67 5.66 46.67
N TYR A 298 26.54 6.98 46.78
CA TYR A 298 26.94 7.92 45.70
C TYR A 298 28.13 8.73 46.17
N ALA A 299 28.44 9.81 45.43
CA ALA A 299 29.68 10.63 45.59
C ALA A 299 29.43 11.93 46.34
N PRO A 300 30.37 12.37 47.20
CA PRO A 300 30.22 13.64 47.90
C PRO A 300 30.18 14.76 46.87
N PRO A 301 30.04 16.03 47.30
CA PRO A 301 30.06 17.18 46.41
C PRO A 301 31.28 18.09 46.65
N ILE A 302 31.40 19.15 45.85
CA ILE A 302 32.46 20.20 45.97
C ILE A 302 31.75 21.50 46.35
N ASP A 303 32.44 22.49 46.90
CA ASP A 303 31.74 23.75 47.29
C ASP A 303 31.22 24.45 46.02
N GLY A 304 30.04 24.08 45.54
CA GLY A 304 29.44 24.64 44.32
C GLY A 304 28.28 25.54 44.65
N LYS A 305 28.03 25.77 45.94
CA LYS A 305 26.89 26.61 46.34
C LYS A 305 25.66 26.07 45.59
N ILE A 306 25.45 24.75 45.67
CA ILE A 306 24.36 24.03 44.95
C ILE A 306 23.04 24.77 45.18
N ASN A 307 22.30 25.07 44.12
CA ASN A 307 21.05 25.85 44.25
C ASN A 307 20.02 25.40 43.21
N CYS A 308 18.83 25.04 43.67
CA CYS A 308 17.67 24.62 42.84
C CYS A 308 16.50 25.52 43.17
N VAL A 309 15.98 26.21 42.16
CA VAL A 309 14.80 27.10 42.35
C VAL A 309 13.65 26.53 41.55
N SER A 310 12.90 25.60 42.17
CA SER A 310 11.81 24.88 41.47
C SER A 310 10.45 25.54 41.72
N ASN A 311 9.45 25.04 41.01
CA ASN A 311 8.04 25.46 41.10
C ASN A 311 7.27 24.33 41.77
N ILE A 312 6.96 24.41 43.08
CA ILE A 312 6.10 23.35 43.69
C ILE A 312 4.76 23.42 42.97
N THR A 313 4.27 22.32 42.43
CA THR A 313 3.01 22.37 41.64
C THR A 313 2.11 21.15 41.92
N GLY A 314 1.93 20.76 43.17
CA GLY A 314 1.07 19.62 43.49
C GLY A 314 1.71 18.77 44.56
N ILE A 315 0.94 18.06 45.37
CA ILE A 315 1.57 17.33 46.48
C ILE A 315 1.07 15.90 46.51
N LEU A 316 1.85 15.02 47.12
CA LEU A 316 1.54 13.57 47.29
C LEU A 316 1.12 13.33 48.74
N LEU A 317 -0.19 13.20 48.99
CA LEU A 317 -0.76 13.01 50.36
C LEU A 317 -1.33 11.61 50.55
N THR A 318 -1.35 11.14 51.80
CA THR A 318 -2.00 9.86 52.17
C THR A 318 -2.94 10.13 53.34
N ARG A 319 -4.18 9.64 53.25
CA ARG A 319 -5.18 9.83 54.33
C ARG A 319 -4.93 8.79 55.44
N ASP A 320 -5.63 8.93 56.56
CA ASP A 320 -5.49 8.01 57.73
C ASP A 320 -6.74 7.13 57.87
N GLY A 321 -6.63 6.02 58.62
CA GLY A 321 -7.75 5.08 58.83
C GLY A 321 -8.69 5.52 59.95
N GLY A 322 -9.88 6.01 59.61
CA GLY A 322 -10.89 6.52 60.55
C GLY A 322 -11.69 7.66 59.95
N ALA A 323 -12.57 7.34 59.00
CA ALA A 323 -13.39 8.36 58.30
C ALA A 323 -14.68 8.65 59.09
N ASN A 324 -15.58 7.66 59.16
CA ASN A 324 -16.87 7.86 59.87
C ASN A 324 -16.58 8.30 61.30
N ASN A 325 -15.65 7.61 61.95
CA ASN A 325 -15.16 8.00 63.29
C ASN A 325 -14.55 9.39 63.12
N THR A 326 -14.99 10.33 63.98
CA THR A 326 -14.61 11.78 64.08
C THR A 326 -15.34 12.61 63.03
N SER A 327 -15.11 13.91 63.07
CA SER A 327 -15.67 14.91 62.14
C SER A 327 -14.51 15.56 61.39
N ASN A 328 -13.39 14.86 61.31
CA ASN A 328 -12.18 15.43 60.67
C ASN A 328 -11.38 14.32 60.02
N GLU A 329 -10.53 14.69 59.07
CA GLU A 329 -9.60 13.75 58.39
C GLU A 329 -8.19 14.32 58.52
N THR A 330 -7.21 13.48 58.75
CA THR A 330 -5.79 13.90 58.86
C THR A 330 -5.07 13.44 57.59
N PHE A 331 -4.36 14.34 56.92
CA PHE A 331 -3.58 14.03 55.69
C PHE A 331 -2.09 14.10 56.03
N ARG A 332 -1.23 13.45 55.24
CA ARG A 332 0.23 13.47 55.51
C ARG A 332 0.97 13.44 54.17
N PRO A 333 2.25 13.85 54.12
CA PRO A 333 3.05 13.80 52.91
C PRO A 333 3.39 12.39 52.46
N GLY A 334 3.07 12.06 51.22
CA GLY A 334 3.29 10.72 50.66
C GLY A 334 4.33 10.73 49.57
N GLY A 335 4.25 9.75 48.68
CA GLY A 335 5.19 9.58 47.56
C GLY A 335 5.78 8.19 47.57
N GLY A 336 7.06 8.07 47.22
CA GLY A 336 7.79 6.80 47.14
C GLY A 336 7.66 6.19 45.75
N ASN A 337 6.45 6.07 45.23
CA ASN A 337 6.21 5.52 43.88
C ASN A 337 6.36 6.66 42.89
N ILE A 338 7.47 6.71 42.17
CA ILE A 338 7.67 7.79 41.17
C ILE A 338 6.55 7.66 40.15
N LYS A 339 6.10 6.44 39.91
CA LYS A 339 5.07 6.29 38.89
C LYS A 339 4.02 7.38 39.03
N ASP A 340 3.69 7.78 40.26
CA ASP A 340 2.67 8.83 40.47
C ASP A 340 3.21 10.15 39.95
N ASN A 341 4.53 10.32 39.96
CA ASN A 341 5.19 11.55 39.48
C ASN A 341 4.91 11.69 37.97
N TRP A 342 4.94 10.58 37.23
CA TRP A 342 4.64 10.54 35.77
C TRP A 342 3.14 10.70 35.55
N ARG A 343 2.35 10.10 36.43
CA ARG A 343 0.87 10.11 36.40
C ARG A 343 0.30 11.52 36.46
N SER A 344 0.95 12.42 37.21
CA SER A 344 0.47 13.80 37.41
C SER A 344 0.51 14.59 36.10
N GLU A 345 1.40 14.25 35.18
CA GLU A 345 1.51 14.99 33.91
C GLU A 345 0.88 14.19 32.78
N LEU A 346 0.88 12.88 32.88
CA LEU A 346 0.39 11.99 31.81
C LEU A 346 -1.11 11.74 31.95
N TYR A 347 -1.74 12.42 32.89
CA TYR A 347 -3.15 12.20 33.30
C TYR A 347 -4.12 12.44 32.15
N LYS A 348 -3.71 13.09 31.06
CA LYS A 348 -4.69 13.50 30.03
C LYS A 348 -4.63 12.63 28.77
N TYR A 349 -3.52 11.98 28.49
CA TYR A 349 -3.39 11.25 27.21
C TYR A 349 -3.57 9.74 27.41
N LYS A 350 -3.98 9.06 26.35
CA LYS A 350 -4.19 7.59 26.30
C LYS A 350 -3.78 7.05 24.91
N VAL A 351 -3.05 5.96 24.88
CA VAL A 351 -2.58 5.29 23.63
C VAL A 351 -3.79 4.63 22.95
N VAL A 352 -3.91 4.78 21.63
CA VAL A 352 -5.00 4.17 20.82
C VAL A 352 -4.35 3.56 19.55
N GLN A 353 -4.83 2.42 19.07
CA GLN A 353 -4.27 1.80 17.84
C GLN A 353 -5.28 1.90 16.71
N ILE A 354 -5.00 2.66 15.66
CA ILE A 354 -5.94 2.75 14.50
C ILE A 354 -5.38 1.96 13.33
N GLU A 355 -4.10 1.57 13.42
CA GLU A 355 -3.30 0.82 12.41
C GLU A 355 -3.82 1.11 11.01
CA MPT B 1 10.22 -2.40 49.06
C MPT B 1 10.43 -3.58 50.01
O MPT B 1 9.82 -4.65 49.75
CB MPT B 1 9.02 -1.51 49.29
SG MPT B 1 8.21 -1.76 50.90
N ASN B 2 11.37 -4.29 50.64
CA ASN B 2 11.32 -5.40 51.63
C ASN B 2 10.27 -5.07 52.68
N LEU B 3 9.12 -5.73 52.68
CA LEU B 3 7.99 -5.20 53.46
C LEU B 3 7.87 -5.85 54.83
N HIS B 4 7.89 -7.18 54.91
CA HIS B 4 7.82 -7.88 56.22
C HIS B 4 8.76 -7.14 57.17
N PHE B 5 9.85 -6.57 56.63
CA PHE B 5 10.86 -5.83 57.43
C PHE B 5 10.39 -4.41 57.75
N CYS B 6 9.72 -3.73 56.82
CA CYS B 6 9.29 -2.34 57.06
C CYS B 6 8.28 -2.40 58.19
N GLN B 7 7.47 -3.44 58.18
CA GLN B 7 6.54 -3.70 59.28
C GLN B 7 7.31 -4.06 60.54
N LEU B 8 8.37 -4.86 60.42
CA LEU B 8 9.17 -5.23 61.61
C LEU B 8 9.62 -3.97 62.36
N ARG B 9 10.06 -2.97 61.61
CA ARG B 9 10.58 -1.69 62.16
C ARG B 9 9.42 -0.82 62.64
N CYS B 10 8.50 -0.50 61.74
CA CYS B 10 7.31 0.34 62.00
C CYS B 10 6.54 -0.21 63.23
N LYS B 11 6.73 -1.48 63.56
CA LYS B 11 6.26 -2.04 64.84
C LYS B 11 6.78 -1.21 66.01
N SER B 12 8.09 -1.00 66.09
CA SER B 12 8.73 -0.29 67.22
C SER B 12 8.13 1.09 67.40
N LEU B 13 7.52 1.66 66.36
CA LEU B 13 6.76 2.92 66.49
C LEU B 13 5.26 2.65 66.69
N GLY B 14 4.87 1.39 66.87
CA GLY B 14 3.46 1.03 67.06
C GLY B 14 2.64 1.24 65.80
N LEU B 15 3.23 0.99 64.63
CA LEU B 15 2.59 1.34 63.34
C LEU B 15 2.61 0.16 62.39
N LEU B 16 1.65 0.20 61.47
CA LEU B 16 1.57 -0.76 60.35
C LEU B 16 2.62 -0.39 59.28
N GLY B 17 3.23 -1.40 58.70
CA GLY B 17 4.20 -1.20 57.62
C GLY B 17 3.59 -1.45 56.26
N ARG B 18 3.84 -0.54 55.34
CA ARG B 18 3.29 -0.66 53.98
C ARG B 18 4.30 -0.10 53.01
N CYS B 19 4.40 -0.73 51.85
CA CYS B 19 5.36 -0.28 50.82
C CYS B 19 4.92 1.05 50.26
N ALA B 20 5.84 2.01 50.26
CA ALA B 20 5.72 3.21 49.40
C ALA B 20 6.68 3.10 48.22
N DPR B 21 6.56 2.09 47.33
CA DPR B 21 7.42 2.01 46.14
CB DPR B 21 6.35 1.77 45.07
CG DPR B 21 5.42 0.81 45.73
CD DPR B 21 5.34 1.28 47.17
C DPR B 21 8.50 0.92 46.07
O DPR B 21 8.36 -0.10 45.41
N THR B 22 9.61 1.26 46.70
CA THR B 22 10.82 0.43 46.93
C THR B 22 11.19 0.75 48.37
N U2X B 23 10.11 1.37 48.90
C U2X B 23 9.29 1.85 51.15
O U2X B 23 8.15 1.45 50.92
CA U2X B 23 10.26 2.23 50.02
CB U2X B 23 9.96 3.64 49.61
CG U2X B 23 11.01 4.46 48.91
CD1 U2X B 23 12.40 4.27 49.02
CD2 U2X B 23 10.51 5.51 48.14
CE1 U2X B 23 13.26 5.16 48.33
CE2 U2X B 23 11.36 6.40 47.46
CZ U2X B 23 12.74 6.23 47.57
OH U2X B 23 13.63 7.15 46.87
C7 U2X B 23 12.93 8.25 46.22
C1 U2X B 23 14.16 11.56 44.62
C2 U2X B 23 13.25 10.47 45.15
C3 U2X B 23 13.91 9.12 45.40
C4 U2X B 23 15.22 9.22 46.14
C5 U2X B 23 16.03 10.46 45.85
C6 U2X B 23 15.60 11.15 44.57
N CYS B 24 9.62 2.17 52.32
CA CYS B 24 8.91 1.71 53.53
C CYS B 24 8.23 2.89 54.22
N ALA B 25 6.90 2.83 54.33
CA ALA B 25 6.09 3.79 55.10
C ALA B 25 5.38 3.07 56.24
N CYS B 26 4.93 3.83 57.21
CA CYS B 26 4.16 3.28 58.34
C CYS B 26 2.86 4.09 58.49
N VAL B 27 1.76 3.39 58.64
CA VAL B 27 0.44 4.01 58.95
C VAL B 27 -0.26 3.18 60.01
N NH2 B 28 -1.51 2.97 59.86
N GLN C 1 -10.02 13.20 -6.14
CA GLN C 1 -10.28 14.51 -6.81
C GLN C 1 -9.36 15.58 -6.23
N VAL C 2 -8.47 15.20 -5.31
CA VAL C 2 -7.51 16.16 -4.72
C VAL C 2 -6.46 16.50 -5.78
N GLN C 3 -6.43 17.77 -6.18
CA GLN C 3 -5.54 18.33 -7.19
C GLN C 3 -4.56 19.29 -6.52
N LEU C 4 -3.28 19.14 -6.79
CA LEU C 4 -2.24 20.07 -6.32
C LEU C 4 -1.43 20.45 -7.55
N VAL C 5 -1.84 21.45 -8.33
CA VAL C 5 -1.11 21.75 -9.61
C VAL C 5 -0.17 22.96 -9.47
N GLN C 6 0.94 22.93 -10.21
CA GLN C 6 1.95 24.01 -10.21
C GLN C 6 1.73 24.89 -11.44
N SER C 7 2.67 25.76 -11.76
CA SER C 7 2.54 26.63 -12.95
C SER C 7 3.63 26.27 -13.95
N GLY C 8 4.11 27.24 -14.70
CA GLY C 8 5.19 26.99 -15.69
C GLY C 8 6.59 27.03 -15.07
N ALA C 9 7.61 27.01 -15.90
CA ALA C 9 9.01 26.98 -15.44
C ALA C 9 9.54 28.41 -15.37
N GLU C 10 10.72 28.57 -14.79
CA GLU C 10 11.28 29.92 -14.58
C GLU C 10 12.75 29.95 -14.98
N VAL C 11 13.16 31.08 -15.54
CA VAL C 11 14.58 31.37 -15.86
C VAL C 11 14.91 32.68 -15.15
N LYS C 12 15.87 32.66 -14.24
CA LYS C 12 16.24 33.90 -13.53
C LYS C 12 17.76 34.06 -13.56
N LYS C 13 18.22 35.30 -13.52
CA LYS C 13 19.68 35.62 -13.45
C LYS C 13 20.14 35.37 -12.02
N PRO C 14 21.43 35.11 -11.79
CA PRO C 14 21.92 34.90 -10.42
C PRO C 14 21.54 36.08 -9.52
N GLY C 15 20.95 35.79 -8.35
CA GLY C 15 20.59 36.79 -7.34
C GLY C 15 19.39 37.65 -7.70
N ALA C 16 18.29 37.08 -8.18
CA ALA C 16 17.14 37.91 -8.60
C ALA C 16 15.83 37.45 -7.96
N SER C 17 15.79 36.21 -7.46
CA SER C 17 14.68 35.55 -6.70
C SER C 17 13.47 35.14 -7.59
N VAL C 18 12.87 33.99 -7.29
CA VAL C 18 11.69 33.50 -8.06
C VAL C 18 10.58 33.07 -7.10
N LYS C 19 9.33 33.43 -7.41
CA LYS C 19 8.16 33.05 -6.60
C LYS C 19 7.41 31.96 -7.34
N LEU C 20 7.53 30.72 -6.86
CA LEU C 20 6.87 29.51 -7.38
C LEU C 20 5.41 29.49 -6.89
N SER C 21 4.48 29.03 -7.71
CA SER C 21 3.03 29.03 -7.37
C SER C 21 2.53 27.60 -7.21
N CYS C 22 1.56 27.40 -6.32
CA CYS C 22 0.91 26.08 -6.16
C CYS C 22 -0.57 26.27 -5.84
N LYS C 23 -1.43 25.63 -6.61
CA LYS C 23 -2.90 25.72 -6.42
C LYS C 23 -3.46 24.33 -6.13
N ALA C 24 -4.11 24.18 -4.99
CA ALA C 24 -4.71 22.89 -4.54
C ALA C 24 -6.22 23.02 -4.62
N SER C 25 -6.92 21.91 -4.87
CA SER C 25 -8.39 21.90 -5.06
C SER C 25 -8.98 20.57 -4.63
N GLY C 26 -10.28 20.54 -4.30
CA GLY C 26 -11.00 19.32 -3.93
C GLY C 26 -10.83 18.93 -2.47
N TYR C 27 -10.30 19.81 -1.62
CA TYR C 27 -10.12 19.50 -0.18
C TYR C 27 -10.08 20.80 0.62
N THR C 28 -9.82 20.74 1.93
CA THR C 28 -9.77 21.98 2.75
C THR C 28 -8.32 22.46 2.79
N PHE C 29 -7.94 23.32 1.85
CA PHE C 29 -6.53 23.74 1.75
C PHE C 29 -6.07 24.33 3.08
N THR C 30 -6.99 24.79 3.93
CA THR C 30 -6.61 25.39 5.25
C THR C 30 -6.27 24.29 6.24
N SER C 31 -6.75 23.09 6.01
CA SER C 31 -6.52 22.02 7.01
C SER C 31 -5.09 21.51 6.89
N TYR C 32 -4.80 20.90 5.76
CA TYR C 32 -3.51 20.19 5.55
C TYR C 32 -2.38 21.16 5.18
N ASP C 33 -1.19 20.78 5.62
CA ASP C 33 0.10 21.49 5.44
C ASP C 33 0.53 21.47 3.99
N ILE C 34 1.54 22.24 3.63
CA ILE C 34 2.05 22.14 2.23
C ILE C 34 3.56 22.04 2.27
N ASN C 35 4.10 20.96 1.72
CA ASN C 35 5.56 20.81 1.70
C ASN C 35 6.12 21.19 0.35
N TRP C 36 7.37 21.60 0.33
CA TRP C 36 8.08 21.96 -0.93
C TRP C 36 9.37 21.16 -0.99
N VAL C 37 9.65 20.50 -2.10
CA VAL C 37 10.85 19.64 -2.25
C VAL C 37 11.41 19.85 -3.66
N ARG C 38 12.72 19.73 -3.88
CA ARG C 38 13.29 19.90 -5.24
C ARG C 38 14.13 18.70 -5.65
N GLN C 39 14.51 18.68 -6.92
CA GLN C 39 15.40 17.64 -7.49
C GLN C 39 16.21 18.29 -8.59
N ALA C 40 17.51 18.42 -8.40
CA ALA C 40 18.39 18.99 -9.44
C ALA C 40 18.68 17.88 -10.43
N PRO C 41 18.75 18.18 -11.76
CA PRO C 41 19.05 17.17 -12.77
C PRO C 41 20.35 16.51 -12.31
N GLY C 42 20.27 15.20 -12.12
CA GLY C 42 21.38 14.38 -11.62
C GLY C 42 21.40 14.40 -10.11
N GLN C 43 20.32 14.90 -9.50
CA GLN C 43 20.20 15.01 -8.04
C GLN C 43 19.16 14.00 -7.55
N GLY C 44 19.07 13.84 -6.23
CA GLY C 44 18.05 13.00 -5.58
C GLY C 44 16.91 13.88 -5.11
N LEU C 45 16.25 13.51 -4.04
CA LEU C 45 15.15 14.37 -3.54
C LEU C 45 15.67 15.14 -2.33
N GLU C 46 15.24 16.39 -2.24
CA GLU C 46 15.68 17.27 -1.12
C GLU C 46 14.47 18.09 -0.63
N TRP C 47 14.04 17.80 0.60
CA TRP C 47 12.86 18.48 1.19
C TRP C 47 13.30 19.90 1.60
N MET C 48 12.47 20.89 1.32
CA MET C 48 12.85 22.31 1.58
C MET C 48 12.18 22.80 2.87
N GLY C 49 10.85 22.87 2.91
CA GLY C 49 10.16 23.33 4.13
C GLY C 49 8.70 22.94 4.17
N TRP C 50 8.05 23.22 5.29
CA TRP C 50 6.61 22.94 5.52
C TRP C 50 5.90 24.26 5.83
N MET C 51 4.59 24.32 5.67
CA MET C 51 3.86 25.56 6.01
C MET C 51 2.45 25.20 6.48
N ASN C 52 2.00 25.81 7.59
CA ASN C 52 0.65 25.59 8.14
C ASN C 52 -0.32 26.56 7.47
N PRO C 53 -1.30 26.00 6.65
CA PRO C 53 -2.19 26.89 5.89
C PRO C 53 -3.24 27.77 6.63
N LYS C 54 -3.64 27.48 7.87
CA LYS C 54 -4.68 28.30 8.56
C LYS C 54 -3.96 29.38 9.37
N THR C 55 -2.78 29.06 9.82
CA THR C 55 -1.89 29.97 10.57
C THR C 55 -0.52 29.79 9.95
N GLY C 56 -0.07 30.67 9.05
CA GLY C 56 1.17 30.49 8.27
C GLY C 56 2.43 30.33 9.10
N ASN C 57 2.52 29.32 9.98
CA ASN C 57 3.82 29.09 10.63
C ASN C 57 4.67 28.40 9.57
N THR C 58 5.95 28.72 9.51
CA THR C 58 6.82 28.20 8.44
C THR C 58 8.09 27.67 9.04
N GLY C 59 8.51 26.50 8.60
CA GLY C 59 9.79 25.90 9.01
C GLY C 59 10.54 25.46 7.77
N TYR C 60 11.82 25.72 7.66
CA TYR C 60 12.57 25.31 6.46
C TYR C 60 13.77 24.45 6.88
N ALA C 61 14.67 24.14 5.96
CA ALA C 61 15.84 23.32 6.33
C ALA C 61 17.02 24.25 6.63
N GLN C 62 18.06 23.73 7.27
CA GLN C 62 19.24 24.57 7.54
C GLN C 62 19.81 24.98 6.20
N LYS C 63 20.17 23.99 5.37
CA LYS C 63 20.75 24.23 4.03
C LYS C 63 20.01 25.39 3.35
N PHE C 64 18.67 25.35 3.37
CA PHE C 64 17.87 26.41 2.73
C PHE C 64 17.44 27.42 3.79
N GLN C 65 18.08 27.38 4.96
CA GLN C 65 17.76 28.27 6.09
C GLN C 65 18.04 29.72 5.69
N GLY C 66 17.02 30.52 5.39
CA GLY C 66 17.21 31.96 5.14
C GLY C 66 16.73 32.42 3.78
N ARG C 67 17.06 31.69 2.71
CA ARG C 67 16.66 32.13 1.33
C ARG C 67 15.17 31.83 1.08
N VAL C 68 14.74 30.63 1.47
CA VAL C 68 13.35 30.13 1.28
C VAL C 68 12.38 31.05 2.02
N THR C 69 11.15 31.13 1.58
CA THR C 69 10.10 31.96 2.23
C THR C 69 8.73 31.53 1.72
N MET C 70 8.04 30.65 2.44
CA MET C 70 6.70 30.15 2.02
C MET C 70 5.63 31.09 2.55
N THR C 71 4.61 31.41 1.75
CA THR C 71 3.47 32.25 2.19
C THR C 71 2.19 31.61 1.66
N ARG C 72 1.06 32.28 1.81
CA ARG C 72 -0.19 31.73 1.26
C ARG C 72 -1.25 32.81 1.20
N ASP C 73 -2.27 32.57 0.39
CA ASP C 73 -3.49 33.40 0.43
C ASP C 73 -4.68 32.47 0.22
N THR C 74 -5.35 32.20 1.34
CA THR C 74 -6.54 31.31 1.51
C THR C 74 -7.67 31.82 0.62
N SER C 75 -7.83 33.13 0.50
CA SER C 75 -8.76 33.77 -0.44
C SER C 75 -8.59 33.08 -1.79
N THR C 76 -7.35 32.98 -2.24
CA THR C 76 -7.01 32.39 -3.55
C THR C 76 -6.91 30.87 -3.45
N SER C 77 -6.64 30.36 -2.24
CA SER C 77 -6.41 28.92 -1.93
C SER C 77 -5.14 28.45 -2.65
N THR C 78 -4.14 29.33 -2.72
CA THR C 78 -2.87 29.06 -3.44
C THR C 78 -1.70 29.22 -2.50
N ALA C 79 -0.73 28.34 -2.55
CA ALA C 79 0.50 28.40 -1.71
C ALA C 79 1.64 29.04 -2.51
N TYR C 80 2.62 29.64 -1.83
CA TYR C 80 3.78 30.24 -2.53
C TYR C 80 5.08 29.77 -1.89
N MET C 81 6.20 30.02 -2.57
CA MET C 81 7.54 29.65 -2.05
C MET C 81 8.62 30.39 -2.83
N GLU C 82 9.04 31.55 -2.33
CA GLU C 82 10.13 32.32 -2.97
C GLU C 82 11.46 31.64 -2.67
N LEU C 83 12.47 31.91 -3.48
CA LEU C 83 13.84 31.44 -3.22
C LEU C 83 14.74 32.57 -3.66
N SER C 84 15.09 33.48 -2.77
CA SER C 84 15.90 34.66 -3.12
C SER C 84 17.38 34.30 -3.09
N SER C 85 18.19 35.22 -3.64
CA SER C 85 19.67 35.13 -3.81
C SER C 85 19.95 33.93 -4.69
N LEU C 86 19.48 33.97 -5.94
CA LEU C 86 19.45 32.71 -6.71
C LEU C 86 20.80 32.38 -7.32
N ARG C 87 21.35 31.28 -6.83
CA ARG C 87 22.56 30.65 -7.38
C ARG C 87 22.11 29.71 -8.50
N SER C 88 23.03 29.33 -9.37
CA SER C 88 22.71 28.45 -10.53
C SER C 88 22.89 26.98 -10.15
N GLU C 89 23.14 26.71 -8.87
CA GLU C 89 23.05 25.31 -8.34
C GLU C 89 21.64 25.14 -7.75
N ASP C 90 20.87 26.22 -7.74
CA ASP C 90 19.46 26.29 -7.29
C ASP C 90 18.59 26.30 -8.54
N THR C 91 18.99 25.53 -9.53
CA THR C 91 18.17 25.34 -10.75
C THR C 91 17.86 23.86 -10.84
N ALA C 92 16.59 23.52 -10.67
CA ALA C 92 16.11 22.12 -10.61
C ALA C 92 14.59 22.14 -10.71
N VAL C 93 13.95 20.99 -10.48
CA VAL C 93 12.47 20.95 -10.50
C VAL C 93 12.03 21.13 -9.05
N TYR C 94 11.18 22.12 -8.83
CA TYR C 94 10.63 22.46 -7.50
C TYR C 94 9.17 22.04 -7.52
N TYR C 95 8.76 21.14 -6.62
CA TYR C 95 7.35 20.71 -6.53
C TYR C 95 6.73 21.00 -5.17
N CYS C 96 5.44 21.29 -5.15
CA CYS C 96 4.61 21.29 -3.92
C CYS C 96 4.04 19.88 -3.70
N ALA C 97 3.72 19.59 -2.44
CA ALA C 97 3.19 18.26 -2.05
C ALA C 97 2.35 18.38 -0.79
N THR C 98 1.54 17.36 -0.47
CA THR C 98 0.70 17.35 0.75
C THR C 98 0.39 15.91 1.15
N TYR C 99 -0.43 15.68 2.18
CA TYR C 99 -0.62 14.31 2.68
C TYR C 99 -2.02 13.77 2.36
N ARG C 100 -2.28 12.56 2.84
CA ARG C 100 -3.56 11.83 2.75
C ARG C 100 -4.62 12.71 3.42
N ILE C 101 -5.59 13.22 2.68
CA ILE C 101 -6.59 14.11 3.33
C ILE C 101 -7.48 13.24 4.23
N ILE C 102 -7.20 13.26 5.52
CA ILE C 102 -7.93 12.54 6.59
C ILE C 102 -8.00 13.47 7.78
N ALA C 103 -9.04 13.41 8.59
CA ALA C 103 -9.11 14.27 9.77
C ALA C 103 -8.31 13.61 10.89
N ALA C 104 -7.56 12.56 10.60
CA ALA C 104 -6.78 11.82 11.62
C ALA C 104 -5.32 12.27 11.61
N VAL C 105 -4.52 11.83 12.58
CA VAL C 105 -3.07 12.21 12.67
C VAL C 105 -2.18 11.03 12.31
N GLY C 106 -0.90 11.38 12.13
CA GLY C 106 0.19 10.44 11.84
C GLY C 106 0.29 10.17 10.36
N TYR C 107 -0.65 10.69 9.57
CA TYR C 107 -0.64 10.37 8.13
C TYR C 107 -0.06 11.55 7.37
N ARG C 108 1.14 11.93 7.74
CA ARG C 108 1.76 13.13 7.15
C ARG C 108 2.85 12.70 6.17
N TYR C 109 2.49 11.82 5.23
CA TYR C 109 3.35 11.48 4.09
C TYR C 109 2.84 12.27 2.90
N PHE C 110 3.68 12.54 1.93
CA PHE C 110 3.23 13.29 0.75
C PHE C 110 2.51 12.34 -0.17
N GLN C 111 1.21 12.48 -0.28
CA GLN C 111 0.44 11.59 -1.16
C GLN C 111 -0.04 12.35 -2.39
N TYR C 112 -0.03 13.67 -2.34
CA TYR C 112 -0.47 14.50 -3.49
C TYR C 112 0.71 15.35 -3.95
N TRP C 113 1.32 14.96 -5.06
CA TRP C 113 2.48 15.72 -5.62
C TRP C 113 1.97 16.68 -6.68
N GLY C 114 2.75 17.71 -6.99
CA GLY C 114 2.39 18.70 -8.02
C GLY C 114 2.94 18.28 -9.37
N GLN C 115 2.76 19.11 -10.38
CA GLN C 115 3.28 18.77 -11.73
C GLN C 115 4.78 19.04 -11.75
N GLY C 116 5.23 20.19 -11.28
CA GLY C 116 6.66 20.50 -11.28
C GLY C 116 6.94 21.83 -11.95
N ALA C 117 7.95 22.55 -11.47
CA ALA C 117 8.35 23.84 -12.06
C ALA C 117 9.86 23.81 -12.28
N LEU C 118 10.31 24.11 -13.50
CA LEU C 118 11.75 24.14 -13.83
C LEU C 118 12.25 25.55 -13.58
N VAL C 119 13.14 25.71 -12.61
CA VAL C 119 13.73 27.04 -12.35
C VAL C 119 15.12 27.02 -12.93
N THR C 120 15.24 27.62 -14.11
CA THR C 120 16.51 27.73 -14.86
C THR C 120 17.11 29.07 -14.45
N VAL C 121 18.31 29.06 -13.88
CA VAL C 121 18.99 30.28 -13.39
C VAL C 121 20.20 30.54 -14.27
N SER C 122 20.06 31.46 -15.23
CA SER C 122 21.14 31.89 -16.16
C SER C 122 20.70 33.16 -16.89
N SER C 123 21.64 33.82 -17.58
CA SER C 123 21.41 35.08 -18.32
C SER C 123 21.19 34.84 -19.82
N ALA C 124 20.86 33.60 -20.20
CA ALA C 124 20.66 33.16 -21.60
C ALA C 124 19.95 34.23 -22.45
N SER C 125 18.81 34.75 -21.98
CA SER C 125 17.99 35.70 -22.76
C SER C 125 17.59 35.09 -24.11
N THR C 126 16.79 34.02 -24.04
CA THR C 126 16.20 33.19 -25.11
C THR C 126 17.00 33.32 -26.42
N LYS C 127 17.15 32.17 -27.08
CA LYS C 127 17.89 31.97 -28.35
C LYS C 127 17.32 30.75 -29.08
N GLY C 128 16.94 30.91 -30.34
CA GLY C 128 16.47 29.79 -31.17
C GLY C 128 17.65 28.93 -31.59
N PRO C 129 17.45 27.65 -31.95
CA PRO C 129 18.57 26.82 -32.33
C PRO C 129 18.72 26.91 -33.84
N SER C 130 19.92 26.73 -34.33
CA SER C 130 20.16 26.60 -35.78
C SER C 130 20.09 25.11 -36.05
N VAL C 131 19.39 24.69 -37.10
CA VAL C 131 19.24 23.25 -37.38
C VAL C 131 20.23 22.82 -38.45
N PHE C 132 20.98 21.76 -38.17
CA PHE C 132 22.02 21.21 -39.07
C PHE C 132 21.89 19.70 -39.18
N PRO C 133 21.87 19.09 -40.39
CA PRO C 133 21.73 17.64 -40.53
C PRO C 133 22.91 16.78 -40.05
N LEU C 134 22.62 15.55 -39.61
CA LEU C 134 23.66 14.61 -39.11
C LEU C 134 23.78 13.44 -40.08
N ALA C 135 24.04 13.72 -41.35
CA ALA C 135 24.18 12.68 -42.40
C ALA C 135 25.61 12.15 -42.42
N PRO C 136 25.81 10.83 -42.62
CA PRO C 136 27.14 10.22 -42.68
C PRO C 136 27.61 9.84 -44.09
N SER C 137 28.58 8.93 -44.20
CA SER C 137 29.15 8.48 -45.50
C SER C 137 29.94 7.18 -45.31
N GLU C 143 28.85 -1.58 -42.55
CA GLU C 143 27.84 -0.49 -42.58
C GLU C 143 26.44 -1.09 -42.43
N SER C 144 26.18 -1.75 -41.29
CA SER C 144 24.86 -2.38 -41.03
C SER C 144 23.97 -1.41 -40.26
N THR C 145 22.81 -1.06 -40.85
CA THR C 145 21.80 -0.13 -40.27
C THR C 145 22.32 1.32 -40.27
N ALA C 146 21.99 2.07 -41.32
CA ALA C 146 22.43 3.48 -41.44
C ALA C 146 21.85 4.24 -40.26
N ALA C 147 22.49 5.32 -39.86
CA ALA C 147 22.02 6.15 -38.73
C ALA C 147 22.07 7.59 -39.18
N LEU C 148 21.04 8.36 -38.91
CA LEU C 148 21.10 9.80 -39.27
C LEU C 148 20.21 10.59 -38.31
N GLY C 149 20.03 11.89 -38.55
CA GLY C 149 19.17 12.67 -37.66
C GLY C 149 19.39 14.16 -37.78
N CYS C 150 19.18 14.85 -36.67
CA CYS C 150 19.22 16.32 -36.62
C CYS C 150 20.06 16.78 -35.42
N LEU C 151 20.68 17.94 -35.56
CA LEU C 151 21.48 18.55 -34.49
C LEU C 151 20.94 19.95 -34.25
N VAL C 152 20.27 20.17 -33.11
CA VAL C 152 19.77 21.52 -32.78
C VAL C 152 20.79 22.10 -31.81
N LYS C 153 21.40 23.23 -32.16
CA LYS C 153 22.46 23.80 -31.31
C LYS C 153 22.17 25.26 -31.02
N ASP C 154 22.75 25.74 -29.92
CA ASP C 154 22.69 27.16 -29.49
C ASP C 154 21.24 27.65 -29.45
N TYR C 155 20.51 27.23 -28.42
CA TYR C 155 19.10 27.62 -28.19
C TYR C 155 18.88 27.72 -26.68
N PHE C 156 18.16 28.74 -26.25
CA PHE C 156 17.80 28.92 -24.82
C PHE C 156 16.34 29.32 -24.71
N PRO C 157 15.59 28.73 -23.77
CA PRO C 157 16.08 27.65 -22.93
C PRO C 157 15.38 26.37 -23.38
N GLU C 158 15.23 25.45 -22.45
CA GLU C 158 14.50 24.18 -22.65
C GLU C 158 13.01 24.48 -22.57
N PRO C 159 12.13 23.64 -23.13
CA PRO C 159 12.52 22.45 -23.84
C PRO C 159 12.30 22.66 -25.34
N VAL C 160 12.87 21.76 -26.12
CA VAL C 160 12.78 21.75 -27.61
C VAL C 160 12.05 20.47 -28.04
N THR C 161 11.35 20.53 -29.16
CA THR C 161 10.53 19.40 -29.67
C THR C 161 11.17 18.78 -30.90
N VAL C 162 11.48 17.49 -30.87
CA VAL C 162 12.09 16.81 -32.05
C VAL C 162 11.13 15.73 -32.57
N SER C 163 10.19 16.12 -33.42
CA SER C 163 9.21 15.18 -34.02
C SER C 163 9.67 14.84 -35.43
N TRP C 164 10.10 13.60 -35.63
CA TRP C 164 10.63 13.11 -36.93
C TRP C 164 9.50 12.78 -37.91
N ASN C 165 9.28 13.67 -38.88
CA ASN C 165 8.29 13.50 -39.98
C ASN C 165 6.86 13.53 -39.43
N SER C 166 6.48 14.67 -38.85
CA SER C 166 5.10 14.89 -38.36
C SER C 166 4.63 13.67 -37.56
N GLY C 167 5.49 13.09 -36.73
CA GLY C 167 5.12 12.01 -35.79
C GLY C 167 5.53 10.61 -36.25
N SER C 168 5.06 10.19 -37.43
CA SER C 168 5.26 8.86 -38.07
C SER C 168 6.60 8.23 -37.69
N LEU C 169 7.68 8.62 -38.38
CA LEU C 169 9.00 7.99 -38.15
C LEU C 169 9.32 8.09 -36.66
N THR C 170 9.05 7.04 -35.92
CA THR C 170 9.27 6.99 -34.46
C THR C 170 9.97 5.71 -34.06
N SER C 171 9.91 4.72 -34.93
CA SER C 171 10.51 3.40 -34.65
C SER C 171 12.02 3.58 -34.55
N GLY C 172 12.64 3.18 -33.43
CA GLY C 172 14.09 3.29 -33.21
C GLY C 172 14.64 4.67 -33.55
N VAL C 173 13.94 5.71 -33.13
CA VAL C 173 14.28 7.13 -33.42
C VAL C 173 14.08 7.86 -32.10
N HIS C 174 15.15 8.18 -31.41
CA HIS C 174 15.01 8.80 -30.08
C HIS C 174 15.88 10.03 -29.98
N THR C 175 15.29 11.17 -29.60
CA THR C 175 16.05 12.42 -29.36
C THR C 175 16.78 12.24 -28.02
N PHE C 176 18.00 12.80 -27.90
CA PHE C 176 18.79 12.62 -26.67
C PHE C 176 18.58 13.81 -25.74
N PRO C 177 18.55 13.59 -24.41
CA PRO C 177 18.59 14.68 -23.46
C PRO C 177 19.44 15.81 -24.03
N ALA C 178 19.22 17.04 -23.56
CA ALA C 178 20.02 18.20 -23.97
C ALA C 178 21.24 18.30 -23.04
N VAL C 179 22.28 19.00 -23.47
CA VAL C 179 23.49 19.24 -22.62
C VAL C 179 23.70 20.74 -22.57
N LEU C 180 24.31 21.22 -21.51
CA LEU C 180 24.60 22.66 -21.41
C LEU C 180 26.06 22.83 -21.73
N GLN C 181 26.39 23.63 -22.73
CA GLN C 181 27.82 23.92 -23.00
C GLN C 181 28.16 25.23 -22.30
N SER C 182 29.44 25.57 -22.18
CA SER C 182 29.87 26.71 -21.33
C SER C 182 29.34 28.06 -21.84
N SER C 183 28.89 28.19 -23.08
CA SER C 183 28.24 29.45 -23.52
C SER C 183 27.01 29.68 -22.65
N GLY C 184 26.27 28.63 -22.34
CA GLY C 184 25.00 28.75 -21.61
C GLY C 184 23.83 28.59 -22.56
N LEU C 185 24.11 28.02 -23.72
CA LEU C 185 23.10 27.68 -24.76
C LEU C 185 22.96 26.17 -24.79
N TYR C 186 21.84 25.66 -25.27
CA TYR C 186 21.59 24.20 -25.24
C TYR C 186 21.87 23.57 -26.61
N SER C 187 22.21 22.29 -26.60
CA SER C 187 22.52 21.51 -27.82
C SER C 187 22.17 20.04 -27.61
N LEU C 188 21.19 19.47 -28.31
CA LEU C 188 20.92 18.02 -28.13
C LEU C 188 21.16 17.24 -29.44
N SER C 189 21.18 15.91 -29.32
CA SER C 189 21.40 15.00 -30.48
C SER C 189 20.11 14.20 -30.75
N SER C 190 19.62 14.27 -31.99
CA SER C 190 18.39 13.58 -32.46
C SER C 190 18.72 12.49 -33.48
N VAL C 191 18.99 11.27 -33.03
CA VAL C 191 19.48 10.14 -33.87
C VAL C 191 18.32 9.24 -34.30
N VAL C 192 18.25 8.91 -35.59
CA VAL C 192 17.27 7.97 -36.21
C VAL C 192 18.07 6.89 -36.92
N THR C 193 17.73 5.62 -36.76
CA THR C 193 18.47 4.56 -37.49
C THR C 193 17.47 3.72 -38.27
N VAL C 194 17.70 3.53 -39.57
CA VAL C 194 16.78 2.74 -40.43
C VAL C 194 17.28 1.29 -40.49
N PRO C 195 16.58 0.38 -41.20
CA PRO C 195 17.00 -1.03 -41.29
C PRO C 195 18.24 -1.16 -42.19
N SER C 196 19.34 -1.68 -41.62
CA SER C 196 20.61 -1.86 -42.38
C SER C 196 20.66 -0.51 -43.08
N SER C 197 20.83 -0.52 -44.42
CA SER C 197 21.20 0.67 -45.22
C SER C 197 20.59 0.54 -46.63
N SER C 198 19.95 -0.60 -46.91
CA SER C 198 19.32 -0.85 -48.23
C SER C 198 18.10 0.06 -48.41
N LEU C 199 17.28 0.17 -47.36
CA LEU C 199 16.06 1.02 -47.40
C LEU C 199 16.37 2.36 -46.76
N GLY C 200 17.28 3.14 -47.34
CA GLY C 200 17.64 4.49 -46.88
C GLY C 200 17.04 5.47 -47.85
N THR C 201 15.81 5.15 -48.28
CA THR C 201 15.10 5.78 -49.41
C THR C 201 14.10 6.83 -48.90
N GLN C 202 13.17 6.42 -48.03
CA GLN C 202 12.09 7.28 -47.46
C GLN C 202 12.67 8.66 -47.10
N THR C 203 12.12 9.71 -47.68
CA THR C 203 12.50 11.07 -47.28
C THR C 203 12.62 11.14 -45.77
N TYR C 204 13.44 12.06 -45.30
CA TYR C 204 13.50 12.41 -43.87
C TYR C 204 13.59 13.93 -43.76
N VAL C 205 12.52 14.54 -43.25
CA VAL C 205 12.46 16.00 -42.93
C VAL C 205 12.06 16.15 -41.46
N CYS C 206 12.96 16.65 -40.62
CA CYS C 206 12.79 16.69 -39.14
C CYS C 206 12.21 18.03 -38.71
N ASN C 207 11.30 17.97 -37.75
CA ASN C 207 10.57 19.16 -37.28
C ASN C 207 11.09 19.53 -35.89
N VAL C 208 11.53 20.76 -35.75
CA VAL C 208 12.15 21.33 -34.52
C VAL C 208 11.21 22.37 -33.93
N ASN C 209 10.88 22.24 -32.65
CA ASN C 209 10.03 23.28 -31.99
C ASN C 209 10.68 23.73 -30.69
N HIS C 210 11.04 24.99 -30.66
CA HIS C 210 11.52 25.70 -29.44
C HIS C 210 10.49 26.77 -29.17
N LYS C 211 9.38 26.37 -28.52
CA LYS C 211 8.22 27.22 -28.19
C LYS C 211 8.68 28.64 -27.91
N PRO C 212 9.55 28.88 -26.91
CA PRO C 212 10.00 30.23 -26.61
C PRO C 212 10.56 30.93 -27.86
N SER C 213 11.28 30.20 -28.72
CA SER C 213 11.89 30.81 -29.92
C SER C 213 10.84 30.96 -31.01
N ASN C 214 9.74 30.21 -30.91
CA ASN C 214 8.63 30.25 -31.91
C ASN C 214 9.26 30.04 -33.29
N THR C 215 10.01 28.95 -33.41
CA THR C 215 10.66 28.53 -34.66
C THR C 215 10.50 27.03 -34.76
N LYS C 216 9.94 26.52 -35.84
CA LYS C 216 9.69 25.07 -35.98
C LYS C 216 10.24 24.62 -37.33
N VAL C 217 11.14 25.40 -37.90
CA VAL C 217 11.73 25.15 -39.25
C VAL C 217 12.16 23.67 -39.34
N ASP C 218 11.72 22.97 -40.39
CA ASP C 218 12.07 21.55 -40.62
C ASP C 218 13.19 21.49 -41.67
N LYS C 219 14.11 20.52 -41.56
CA LYS C 219 15.25 20.40 -42.51
C LYS C 219 15.33 18.98 -43.05
N ARG C 220 15.68 18.84 -44.34
CA ARG C 220 15.81 17.52 -45.03
C ARG C 220 17.17 16.92 -44.71
N VAL C 221 17.28 15.60 -44.59
CA VAL C 221 18.57 14.98 -44.23
C VAL C 221 18.97 13.94 -45.28
N GLU C 222 19.77 14.32 -46.26
CA GLU C 222 20.21 13.38 -47.33
C GLU C 222 21.71 13.52 -47.56
N ILE C 223 22.33 12.50 -48.14
CA ILE C 223 23.78 12.50 -48.52
C ILE C 223 23.90 12.86 -50.00
N ALA D 1 19.18 13.91 15.90
CA ALA D 1 20.05 13.23 14.90
C ALA D 1 19.22 12.94 13.64
N ILE D 2 19.11 11.65 13.31
CA ILE D 2 18.39 10.96 12.18
C ILE D 2 19.22 11.01 10.89
N GLN D 3 19.85 9.90 10.52
CA GLN D 3 20.67 9.84 9.28
C GLN D 3 20.15 8.70 8.41
N MET D 4 19.29 9.03 7.44
CA MET D 4 18.74 7.99 6.54
C MET D 4 19.71 7.71 5.39
N THR D 5 20.06 6.44 5.19
CA THR D 5 21.02 6.03 4.13
C THR D 5 20.47 4.87 3.30
N GLN D 6 19.98 5.20 2.10
CA GLN D 6 19.50 4.19 1.12
C GLN D 6 20.71 3.38 0.69
N SER D 7 20.63 2.06 0.83
CA SER D 7 21.74 1.10 0.55
C SER D 7 22.48 1.39 -0.74
N PRO D 8 21.98 0.88 -1.90
CA PRO D 8 22.64 1.07 -3.18
C PRO D 8 22.04 2.26 -3.95
N SER D 9 22.79 2.78 -4.92
CA SER D 9 22.32 3.92 -5.75
C SER D 9 21.81 3.40 -7.08
N SER D 10 22.23 2.20 -7.49
CA SER D 10 21.84 1.61 -8.79
C SER D 10 21.93 0.07 -8.73
N LEU D 11 21.08 -0.62 -9.50
CA LEU D 11 21.08 -2.11 -9.49
C LEU D 11 20.68 -2.70 -10.85
N SER D 12 21.23 -3.89 -11.12
CA SER D 12 21.03 -4.79 -12.29
C SER D 12 19.62 -5.41 -12.45
N ALA D 13 19.36 -6.56 -11.83
CA ALA D 13 17.98 -7.11 -11.72
C ALA D 13 17.40 -7.50 -13.08
N SER D 14 17.38 -8.81 -13.35
CA SER D 14 16.72 -9.35 -14.55
C SER D 14 15.30 -8.78 -14.59
N VAL D 15 14.42 -9.55 -15.20
CA VAL D 15 12.97 -9.28 -15.19
C VAL D 15 12.37 -10.48 -14.49
N GLY D 16 11.43 -10.19 -13.59
CA GLY D 16 10.87 -11.25 -12.75
C GLY D 16 11.97 -11.80 -11.88
N ASP D 17 12.62 -10.85 -11.22
CA ASP D 17 13.71 -11.07 -10.24
C ASP D 17 13.27 -10.42 -8.94
N LYS D 18 13.87 -10.86 -7.85
CA LYS D 18 13.67 -10.41 -6.45
C LYS D 18 14.69 -9.31 -6.14
N VAL D 19 14.22 -8.09 -5.87
CA VAL D 19 15.14 -6.98 -5.52
C VAL D 19 14.78 -6.44 -4.13
N THR D 20 15.76 -6.40 -3.23
CA THR D 20 15.65 -5.89 -1.85
C THR D 20 16.40 -4.57 -1.69
N ILE D 21 15.67 -3.47 -1.72
CA ILE D 21 16.21 -2.10 -1.52
C ILE D 21 16.23 -1.77 -0.02
N THR D 22 17.39 -1.72 0.60
CA THR D 22 17.54 -1.47 2.07
C THR D 22 17.53 0.03 2.43
N CYS D 23 16.94 0.38 3.57
CA CYS D 23 16.92 1.78 4.12
C CYS D 23 17.23 1.71 5.61
N ARG D 24 18.35 2.28 6.03
CA ARG D 24 18.78 2.29 7.46
C ARG D 24 18.67 3.70 8.03
N ALA D 25 19.04 3.87 9.30
CA ALA D 25 18.96 5.19 9.96
C ALA D 25 19.90 5.24 11.16
N SER D 26 19.89 6.39 11.84
CA SER D 26 20.73 6.69 13.03
C SER D 26 19.96 6.32 14.30
N GLN D 27 18.82 6.98 14.52
CA GLN D 27 17.95 6.71 15.66
C GLN D 27 16.55 6.44 15.10
N GLY D 28 15.87 5.42 15.62
CA GLY D 28 14.48 5.08 15.22
C GLY D 28 13.51 6.23 15.41
N PHE D 29 12.54 6.36 14.53
CA PHE D 29 11.53 7.44 14.57
C PHE D 29 10.14 6.83 14.70
N GLY D 30 10.07 5.59 15.18
CA GLY D 30 8.78 4.90 15.42
C GLY D 30 8.14 4.39 14.15
N ASN D 31 8.92 3.75 13.29
CA ASN D 31 8.47 3.14 12.01
C ASN D 31 7.42 4.00 11.32
N TYR D 32 7.76 5.19 10.84
CA TYR D 32 6.80 6.01 10.06
C TYR D 32 7.83 6.24 8.95
N LEU D 33 8.01 5.18 8.14
CA LEU D 33 8.97 5.02 7.01
C LEU D 33 8.05 5.01 5.80
N ALA D 34 8.35 5.85 4.81
CA ALA D 34 7.60 5.98 3.54
C ALA D 34 8.49 5.50 2.39
N TRP D 35 7.90 5.00 1.31
CA TRP D 35 8.66 4.55 0.13
C TRP D 35 8.05 5.22 -1.09
N TYR D 36 8.80 6.09 -1.77
CA TYR D 36 8.27 6.81 -2.96
C TYR D 36 8.98 6.29 -4.21
N GLN D 37 8.31 6.37 -5.37
CA GLN D 37 8.95 5.89 -6.62
C GLN D 37 8.87 7.00 -7.66
N GLN D 38 10.00 7.33 -8.29
CA GLN D 38 9.99 8.34 -9.37
C GLN D 38 10.25 7.63 -10.69
N LYS D 39 9.22 7.55 -11.53
CA LYS D 39 9.35 6.99 -12.89
C LYS D 39 10.09 8.05 -13.71
N PRO D 40 11.07 7.71 -14.56
CA PRO D 40 11.84 8.74 -15.27
C PRO D 40 10.95 9.73 -16.00
N GLY D 41 11.06 11.01 -15.64
CA GLY D 41 10.37 12.12 -16.31
C GLY D 41 8.97 12.33 -15.78
N LYS D 42 8.57 11.49 -14.82
CA LYS D 42 7.26 11.67 -14.16
C LYS D 42 7.50 12.27 -12.78
N VAL D 43 6.44 12.81 -12.18
CA VAL D 43 6.44 13.18 -10.73
C VAL D 43 6.35 11.89 -9.93
N PRO D 44 6.91 11.81 -8.72
CA PRO D 44 6.95 10.56 -7.98
C PRO D 44 5.62 10.33 -7.28
N LYS D 45 5.32 9.08 -6.92
CA LYS D 45 4.05 8.79 -6.21
C LYS D 45 4.31 7.87 -5.03
N LEU D 46 3.49 7.97 -3.98
CA LEU D 46 3.75 7.20 -2.74
C LEU D 46 3.48 5.72 -2.98
N LEU D 47 4.35 4.85 -2.48
CA LEU D 47 4.20 3.39 -2.64
C LEU D 47 3.70 2.80 -1.33
N ILE D 48 4.64 2.47 -0.44
CA ILE D 48 4.37 1.88 0.89
C ILE D 48 4.38 3.01 1.93
N TYR D 49 3.44 3.04 2.88
CA TYR D 49 3.46 4.04 3.97
C TYR D 49 3.46 3.32 5.32
N ALA D 50 3.89 4.01 6.36
CA ALA D 50 3.99 3.47 7.73
C ALA D 50 4.69 2.11 7.68
N ALA D 51 5.83 2.03 6.99
CA ALA D 51 6.72 0.86 7.01
C ALA D 51 6.25 -0.24 6.06
N THR D 52 5.01 -0.71 6.18
CA THR D 52 4.57 -1.88 5.39
C THR D 52 3.18 -1.69 4.80
N THR D 53 2.41 -0.74 5.29
CA THR D 53 1.00 -0.65 4.82
C THR D 53 1.00 -0.16 3.36
N LEU D 54 0.62 -1.04 2.41
CA LEU D 54 0.55 -0.74 0.96
C LEU D 54 -0.52 0.33 0.69
N GLN D 55 -0.32 1.12 -0.34
CA GLN D 55 -1.29 2.17 -0.72
C GLN D 55 -2.26 1.56 -1.73
N SER D 56 -3.47 2.09 -1.83
CA SER D 56 -4.50 1.59 -2.78
C SER D 56 -3.97 1.77 -4.21
N GLU D 57 -4.62 1.12 -5.17
CA GLU D 57 -4.28 1.20 -6.62
C GLU D 57 -2.76 1.09 -6.82
N VAL D 58 -2.11 0.07 -6.25
CA VAL D 58 -0.64 -0.12 -6.42
C VAL D 58 -0.35 -1.61 -6.41
N PRO D 59 0.41 -2.16 -7.38
CA PRO D 59 0.81 -3.56 -7.36
C PRO D 59 1.29 -4.15 -6.04
N SER D 60 1.01 -5.41 -5.82
CA SER D 60 1.39 -6.14 -4.59
C SER D 60 2.73 -6.87 -4.80
N ARG D 61 3.56 -6.44 -5.74
CA ARG D 61 4.89 -7.10 -5.87
C ARG D 61 5.86 -6.33 -4.98
N PHE D 62 5.44 -5.13 -4.59
CA PHE D 62 6.11 -4.20 -3.65
C PHE D 62 5.73 -4.56 -2.22
N SER D 63 6.69 -4.90 -1.37
CA SER D 63 6.41 -5.25 0.05
C SER D 63 7.31 -4.46 1.00
N GLY D 64 6.71 -3.65 1.89
CA GLY D 64 7.46 -2.87 2.89
C GLY D 64 7.74 -3.71 4.12
N SER D 65 8.97 -4.16 4.29
CA SER D 65 9.40 -4.99 5.43
C SER D 65 10.16 -4.13 6.45
N GLY D 66 11.01 -4.79 7.24
CA GLY D 66 11.90 -4.12 8.20
C GLY D 66 11.13 -3.19 9.13
N SER D 67 11.76 -2.67 10.17
CA SER D 67 11.08 -1.79 11.16
C SER D 67 12.01 -1.39 12.29
N GLY D 68 11.98 -0.10 12.63
CA GLY D 68 12.83 0.48 13.67
C GLY D 68 14.02 1.18 13.07
N THR D 69 15.02 0.41 12.67
CA THR D 69 16.34 0.95 12.31
C THR D 69 16.83 0.37 10.98
N ASP D 70 16.05 -0.50 10.35
CA ASP D 70 16.55 -1.36 9.26
C ASP D 70 15.42 -1.86 8.38
N PHE D 71 14.94 -1.04 7.46
CA PHE D 71 13.77 -1.41 6.62
C PHE D 71 14.22 -1.88 5.24
N THR D 72 13.26 -2.39 4.48
CA THR D 72 13.50 -3.01 3.17
C THR D 72 12.27 -2.82 2.28
N LEU D 73 12.46 -2.70 0.96
CA LEU D 73 11.39 -2.65 -0.05
C LEU D 73 11.66 -3.77 -1.03
N THR D 74 10.83 -4.81 -1.04
CA THR D 74 11.12 -5.99 -1.89
C THR D 74 10.11 -6.07 -3.03
N ILE D 75 10.61 -6.42 -4.21
CA ILE D 75 9.82 -6.68 -5.44
C ILE D 75 10.32 -8.01 -5.99
N SER D 76 9.45 -9.00 -5.91
CA SER D 76 9.65 -10.31 -6.57
C SER D 76 8.84 -10.22 -7.87
N SER D 77 9.25 -10.98 -8.90
CA SER D 77 8.59 -10.89 -10.23
C SER D 77 8.69 -9.47 -10.75
N LEU D 78 9.93 -8.99 -10.86
CA LEU D 78 10.31 -7.68 -11.44
C LEU D 78 9.77 -7.66 -12.87
N GLN D 79 9.33 -6.48 -13.33
CA GLN D 79 8.88 -6.27 -14.72
C GLN D 79 9.38 -4.92 -15.22
N PRO D 80 9.32 -4.68 -16.55
CA PRO D 80 9.71 -3.40 -17.15
C PRO D 80 8.90 -2.14 -16.80
N GLU D 81 7.78 -2.32 -16.11
CA GLU D 81 6.89 -1.20 -15.72
C GLU D 81 7.36 -0.66 -14.38
N ASP D 82 8.09 -1.53 -13.68
CA ASP D 82 8.58 -1.25 -12.31
C ASP D 82 10.00 -0.69 -12.40
N VAL D 83 10.23 0.36 -13.19
CA VAL D 83 11.60 0.95 -13.24
C VAL D 83 11.51 2.45 -13.06
N ALA D 84 12.34 2.94 -12.14
CA ALA D 84 12.55 4.35 -11.75
C ALA D 84 13.59 4.33 -10.65
N THR D 85 13.56 5.34 -9.78
CA THR D 85 14.35 5.28 -8.53
C THR D 85 13.38 5.35 -7.37
N TYR D 86 13.60 4.51 -6.38
CA TYR D 86 12.71 4.42 -5.20
C TYR D 86 13.41 5.09 -4.03
N TYR D 87 12.86 6.19 -3.56
CA TYR D 87 13.46 6.96 -2.43
C TYR D 87 12.71 6.70 -1.13
N CYS D 88 13.43 6.32 -0.07
CA CYS D 88 12.84 6.11 1.28
C CYS D 88 12.81 7.42 2.04
N GLN D 89 11.70 7.67 2.75
CA GLN D 89 11.59 8.97 3.45
C GLN D 89 10.94 8.80 4.82
N LYS D 90 11.16 9.78 5.69
CA LYS D 90 10.61 9.82 7.06
C LYS D 90 9.54 10.90 7.14
N TYR D 91 8.45 10.65 7.84
CA TYR D 91 7.38 11.66 7.91
C TYR D 91 6.78 11.73 9.31
N ASN D 92 7.50 11.33 10.36
CA ASN D 92 6.92 11.47 11.71
C ASN D 92 6.69 12.97 11.92
N SER D 93 7.72 13.76 11.69
CA SER D 93 7.60 15.23 11.87
C SER D 93 8.66 15.90 11.00
N ALA D 94 8.39 17.12 10.56
CA ALA D 94 9.39 17.90 9.81
C ALA D 94 10.61 17.97 10.72
N PRO D 95 11.82 17.61 10.29
CA PRO D 95 12.22 17.65 8.89
C PRO D 95 11.91 16.34 8.15
N PHE D 96 11.12 16.43 7.08
CA PHE D 96 10.73 15.26 6.25
C PHE D 96 11.89 14.88 5.34
N THR D 97 12.94 14.28 5.88
CA THR D 97 14.16 13.98 5.10
C THR D 97 13.92 12.72 4.26
N PHE D 98 14.39 12.75 3.01
CA PHE D 98 14.35 11.63 2.03
C PHE D 98 15.69 10.92 2.05
N GLY D 99 15.81 9.76 1.43
CA GLY D 99 17.11 9.09 1.29
C GLY D 99 17.81 9.59 0.03
N GLN D 100 19.03 9.16 -0.21
CA GLN D 100 19.76 9.60 -1.41
C GLN D 100 18.93 9.22 -2.62
N GLY D 101 18.68 7.92 -2.79
CA GLY D 101 17.87 7.37 -3.88
C GLY D 101 18.38 6.02 -4.29
N THR D 102 17.65 5.32 -5.15
CA THR D 102 18.05 3.99 -5.66
C THR D 102 17.41 3.76 -7.02
N ARG D 103 18.21 3.66 -8.09
CA ARG D 103 17.61 3.48 -9.44
C ARG D 103 17.76 2.04 -9.90
N LEU D 104 16.75 1.53 -10.60
CA LEU D 104 16.69 0.11 -11.00
C LEU D 104 17.08 -0.10 -12.45
N GLU D 105 17.77 -1.22 -12.72
CA GLU D 105 18.27 -1.57 -14.09
C GLU D 105 17.28 -2.49 -14.82
N ILE D 106 17.80 -3.60 -15.36
CA ILE D 106 17.00 -4.58 -16.17
C ILE D 106 17.93 -5.70 -16.66
N LYS D 107 19.22 -5.64 -16.28
CA LYS D 107 20.27 -6.64 -16.60
C LYS D 107 20.50 -6.74 -18.10
N ARG D 108 19.63 -7.47 -18.84
CA ARG D 108 19.76 -7.60 -20.31
C ARG D 108 20.99 -8.44 -20.69
N ALA D 109 21.27 -8.54 -21.99
CA ALA D 109 22.42 -9.30 -22.53
C ALA D 109 23.48 -8.36 -23.08
N VAL D 110 24.73 -8.61 -22.72
CA VAL D 110 25.93 -7.83 -23.15
C VAL D 110 25.83 -7.51 -24.65
N ALA D 111 24.98 -6.56 -25.03
CA ALA D 111 24.87 -6.13 -26.43
C ALA D 111 26.05 -5.20 -26.75
N ALA D 112 26.53 -5.20 -28.00
CA ALA D 112 27.63 -4.33 -28.46
C ALA D 112 27.02 -3.15 -29.21
N PRO D 113 27.64 -1.96 -29.14
CA PRO D 113 27.10 -0.79 -29.80
C PRO D 113 27.49 -0.63 -31.28
N SER D 114 26.74 0.19 -32.02
CA SER D 114 27.04 0.50 -33.43
C SER D 114 27.62 1.92 -33.49
N VAL D 115 28.83 2.07 -34.00
CA VAL D 115 29.52 3.40 -34.08
C VAL D 115 29.16 4.08 -35.39
N PHE D 116 29.04 5.41 -35.40
CA PHE D 116 28.60 6.21 -36.57
C PHE D 116 29.17 7.63 -36.51
N ILE D 117 30.06 8.05 -37.39
CA ILE D 117 30.52 9.48 -37.39
C ILE D 117 29.53 10.30 -38.22
N PHE D 118 29.32 11.56 -37.84
CA PHE D 118 28.41 12.49 -38.55
C PHE D 118 29.21 13.74 -38.91
N PRO D 119 29.94 13.76 -40.05
CA PRO D 119 30.77 14.89 -40.44
C PRO D 119 30.04 16.23 -40.37
N PRO D 120 30.73 17.33 -40.04
CA PRO D 120 30.12 18.65 -40.03
C PRO D 120 29.55 18.92 -41.40
N SER D 121 28.34 19.44 -41.46
CA SER D 121 27.67 19.69 -42.76
C SER D 121 28.10 21.02 -43.38
N GLU D 122 27.42 21.38 -44.47
CA GLU D 122 27.67 22.61 -45.26
C GLU D 122 27.58 23.84 -44.35
N ASP D 123 26.38 24.17 -43.86
CA ASP D 123 26.10 25.44 -43.14
C ASP D 123 26.69 25.45 -41.71
N GLN D 124 27.21 24.31 -41.24
CA GLN D 124 27.80 24.24 -39.86
C GLN D 124 29.17 24.92 -39.84
N VAL D 125 29.81 25.05 -41.00
CA VAL D 125 31.16 25.68 -41.16
C VAL D 125 31.00 27.14 -41.55
N LYS D 126 29.79 27.61 -41.86
CA LYS D 126 29.63 29.00 -42.32
C LYS D 126 29.48 29.97 -41.14
N SER D 127 29.59 29.50 -39.90
CA SER D 127 29.42 30.37 -38.71
C SER D 127 30.65 30.36 -37.78
N GLY D 128 31.59 29.42 -37.96
CA GLY D 128 32.75 29.37 -37.06
C GLY D 128 32.44 28.55 -35.84
N THR D 129 31.35 27.80 -35.91
CA THR D 129 30.83 26.88 -34.88
C THR D 129 30.75 25.51 -35.52
N VAL D 130 31.62 24.56 -35.17
CA VAL D 130 31.54 23.24 -35.85
C VAL D 130 31.49 22.11 -34.83
N SER D 131 30.44 21.29 -34.89
CA SER D 131 30.27 20.15 -33.97
C SER D 131 30.40 18.84 -34.73
N VAL D 132 31.03 17.85 -34.11
CA VAL D 132 31.29 16.53 -34.76
C VAL D 132 30.74 15.44 -33.86
N VAL D 133 29.55 14.95 -34.15
CA VAL D 133 28.82 13.97 -33.29
C VAL D 133 29.31 12.55 -33.53
N CYS D 134 29.85 11.94 -32.48
CA CYS D 134 30.01 10.48 -32.40
C CYS D 134 28.70 9.91 -31.84
N LEU D 135 28.36 8.71 -32.26
CA LEU D 135 27.08 8.12 -31.78
C LEU D 135 27.17 6.61 -31.68
N LEU D 136 27.59 6.06 -30.54
CA LEU D 136 27.58 4.58 -30.33
C LEU D 136 26.12 4.16 -30.11
N ASN D 137 25.63 3.12 -30.79
CA ASN D 137 24.18 2.77 -30.72
C ASN D 137 23.93 1.36 -30.17
N ASN D 138 22.76 1.23 -29.54
CA ASN D 138 22.13 0.04 -28.90
C ASN D 138 23.13 -0.85 -28.16
N PHE D 139 23.67 -0.38 -27.04
CA PHE D 139 24.63 -1.18 -26.24
C PHE D 139 24.10 -1.40 -24.82
N TYR D 140 24.79 -2.27 -24.09
CA TYR D 140 24.54 -2.57 -22.67
C TYR D 140 25.74 -3.34 -22.14
N PRO D 141 26.30 -3.08 -20.94
CA PRO D 141 25.72 -2.16 -19.95
C PRO D 141 25.89 -0.70 -20.34
N ARG D 142 26.16 0.18 -19.38
CA ARG D 142 26.37 1.61 -19.67
C ARG D 142 27.88 1.92 -19.63
N GLU D 143 28.70 1.11 -18.95
CA GLU D 143 30.16 1.35 -18.95
C GLU D 143 30.63 1.37 -20.40
N ALA D 144 30.77 2.58 -20.97
CA ALA D 144 31.18 2.81 -22.37
C ALA D 144 32.30 3.85 -22.43
N SER D 145 33.23 3.71 -23.37
CA SER D 145 34.34 4.66 -23.62
C SER D 145 34.09 5.40 -24.92
N VAL D 146 34.47 6.67 -24.99
CA VAL D 146 34.35 7.49 -26.23
C VAL D 146 35.57 8.39 -26.27
N LYS D 147 36.69 7.87 -26.78
CA LYS D 147 37.94 8.68 -26.89
C LYS D 147 37.99 9.32 -28.27
N TRP D 148 38.02 10.63 -28.41
CA TRP D 148 38.25 11.26 -29.74
C TRP D 148 39.76 11.27 -29.99
N LYS D 149 40.19 11.30 -31.25
CA LYS D 149 41.64 11.28 -31.56
C LYS D 149 41.92 12.10 -32.79
N VAL D 150 41.66 13.40 -32.73
CA VAL D 150 41.90 14.29 -33.90
C VAL D 150 43.39 14.27 -34.24
N ASP D 151 43.74 13.92 -35.49
CA ASP D 151 45.14 13.87 -36.02
C ASP D 151 45.96 12.81 -35.31
N GLY D 152 45.29 11.75 -34.86
CA GLY D 152 45.92 10.55 -34.27
C GLY D 152 46.55 10.85 -32.93
N VAL D 153 46.18 11.94 -32.26
CA VAL D 153 46.82 12.26 -30.96
C VAL D 153 45.88 11.85 -29.82
N LEU D 154 44.92 12.71 -29.42
CA LEU D 154 43.87 12.57 -28.36
C LEU D 154 43.31 13.96 -28.09
N LYS D 155 42.00 14.13 -28.00
CA LYS D 155 41.45 15.47 -27.67
C LYS D 155 40.70 15.39 -26.33
N THR D 156 41.46 15.53 -25.25
CA THR D 156 40.95 15.52 -23.85
C THR D 156 39.90 16.61 -23.69
N GLY D 157 38.68 16.24 -23.35
CA GLY D 157 37.59 17.19 -23.10
C GLY D 157 36.97 17.71 -24.38
N ASN D 158 36.38 18.90 -24.29
CA ASN D 158 35.75 19.58 -25.44
C ASN D 158 34.61 18.70 -25.98
N SER D 159 34.59 17.41 -25.65
CA SER D 159 33.49 16.53 -26.08
C SER D 159 32.39 16.56 -25.03
N GLN D 160 31.17 16.15 -25.38
CA GLN D 160 30.04 16.18 -24.41
C GLN D 160 29.09 15.01 -24.60
N GLU D 161 29.25 13.95 -23.81
CA GLU D 161 28.35 12.78 -23.78
C GLU D 161 26.93 13.16 -23.35
N SER D 162 25.93 12.39 -23.76
CA SER D 162 24.50 12.63 -23.43
C SER D 162 23.69 11.38 -23.75
N VAL D 163 23.69 10.41 -22.84
CA VAL D 163 22.98 9.10 -22.89
C VAL D 163 21.47 9.29 -22.72
N THR D 164 20.66 8.25 -22.93
CA THR D 164 19.16 8.33 -22.83
C THR D 164 18.62 7.21 -21.94
N GLU D 165 17.33 7.29 -21.60
CA GLU D 165 16.69 6.36 -20.62
C GLU D 165 16.74 4.94 -21.21
N GLN D 166 17.19 3.96 -20.41
CA GLN D 166 17.25 2.54 -20.83
C GLN D 166 15.95 2.16 -21.55
N ASP D 167 16.06 1.82 -22.83
CA ASP D 167 14.93 1.49 -23.75
C ASP D 167 14.05 0.37 -23.17
N SER D 168 12.74 0.53 -23.24
CA SER D 168 11.80 -0.44 -22.63
C SER D 168 11.90 -1.80 -23.34
N LYS D 169 12.16 -1.79 -24.64
CA LYS D 169 12.17 -3.02 -25.48
C LYS D 169 13.53 -3.73 -25.41
N ASP D 170 14.58 -3.18 -26.00
CA ASP D 170 15.89 -3.88 -26.13
C ASP D 170 16.70 -3.77 -24.85
N ASN D 171 16.30 -2.92 -23.90
CA ASN D 171 17.01 -2.69 -22.63
C ASN D 171 18.41 -2.22 -22.97
N THR D 172 18.50 -1.23 -23.87
CA THR D 172 19.77 -0.72 -24.41
C THR D 172 19.83 0.78 -24.29
N TYR D 173 21.04 1.30 -24.38
CA TYR D 173 21.30 2.75 -24.29
C TYR D 173 21.83 3.25 -25.63
N SER D 174 21.64 4.54 -25.89
CA SER D 174 22.16 5.22 -27.08
C SER D 174 22.91 6.47 -26.62
N LEU D 175 24.17 6.62 -27.05
CA LEU D 175 25.09 7.72 -26.68
C LEU D 175 24.94 8.89 -27.66
N SER D 176 25.67 9.97 -27.38
CA SER D 176 25.66 11.22 -28.20
C SER D 176 26.89 12.05 -27.83
N SER D 177 28.07 11.46 -27.97
CA SER D 177 29.38 12.09 -27.62
C SER D 177 29.72 13.22 -28.59
N THR D 178 29.12 14.40 -28.42
CA THR D 178 29.36 15.59 -29.28
C THR D 178 30.70 16.23 -28.92
N LEU D 179 31.25 17.01 -29.85
CA LEU D 179 32.57 17.69 -29.75
C LEU D 179 32.55 18.95 -30.58
N THR D 180 32.32 20.11 -29.97
CA THR D 180 32.25 21.40 -30.70
C THR D 180 33.63 22.05 -30.72
N LEU D 181 33.94 22.79 -31.79
CA LEU D 181 35.26 23.44 -32.00
C LEU D 181 35.07 24.67 -32.88
N SER D 182 36.12 25.46 -33.05
CA SER D 182 36.09 26.66 -33.91
C SER D 182 36.57 26.32 -35.33
N ASN D 183 36.23 27.16 -36.30
CA ASN D 183 36.67 26.95 -37.69
C ASN D 183 38.19 26.86 -37.75
N THR D 184 38.87 27.73 -37.04
CA THR D 184 40.33 27.77 -37.09
C THR D 184 40.81 26.43 -36.54
N ASP D 185 40.38 26.05 -35.33
CA ASP D 185 40.85 24.81 -34.65
C ASP D 185 40.33 23.57 -35.40
N TYR D 186 39.24 23.71 -36.13
CA TYR D 186 38.64 22.58 -36.90
C TYR D 186 39.35 22.44 -38.25
N GLN D 187 39.82 23.57 -38.81
CA GLN D 187 40.52 23.57 -40.12
C GLN D 187 42.03 23.42 -39.88
N SER D 188 42.45 23.41 -38.61
CA SER D 188 43.88 23.28 -38.26
C SER D 188 44.18 21.80 -38.14
N HIS D 189 43.23 20.97 -38.58
CA HIS D 189 43.36 19.49 -38.55
C HIS D 189 42.29 18.92 -39.50
N ASN D 190 42.55 17.76 -40.10
CA ASN D 190 41.54 17.21 -41.06
C ASN D 190 41.21 15.75 -40.80
N VAL D 191 41.90 15.05 -39.91
CA VAL D 191 41.59 13.61 -39.67
C VAL D 191 40.93 13.44 -38.30
N TYR D 192 39.60 13.50 -38.26
CA TYR D 192 38.80 13.33 -37.03
C TYR D 192 38.58 11.83 -36.80
N ALA D 193 38.38 11.37 -35.57
CA ALA D 193 38.27 9.92 -35.33
C ALA D 193 37.64 9.67 -33.97
N CYS D 194 36.68 8.74 -33.93
CA CYS D 194 35.98 8.37 -32.70
C CYS D 194 36.26 6.91 -32.36
N GLU D 195 36.93 6.70 -31.24
CA GLU D 195 37.30 5.38 -30.69
C GLU D 195 36.33 5.00 -29.59
N VAL D 196 36.07 3.70 -29.43
CA VAL D 196 34.86 3.27 -28.70
C VAL D 196 35.20 1.96 -27.99
N THR D 197 34.77 1.85 -26.74
CA THR D 197 34.99 0.59 -26.02
C THR D 197 33.79 0.22 -25.15
N HIS D 198 33.72 -1.08 -24.88
CA HIS D 198 32.59 -1.80 -24.27
C HIS D 198 33.02 -3.26 -24.22
N GLN D 199 32.69 -4.01 -25.28
CA GLN D 199 33.04 -5.45 -25.40
C GLN D 199 33.22 -5.84 -26.89
N GLY D 200 34.47 -6.11 -27.29
CA GLY D 200 34.85 -6.53 -28.66
C GLY D 200 36.36 -6.57 -28.80
N LEU D 201 36.91 -5.60 -29.51
CA LEU D 201 38.37 -5.39 -29.72
C LEU D 201 38.61 -3.90 -29.48
N SER D 202 37.78 -3.13 -30.17
CA SER D 202 37.59 -1.66 -30.22
C SER D 202 36.67 -1.37 -31.42
N SER D 203 36.38 -0.11 -31.69
CA SER D 203 35.56 0.24 -32.87
C SER D 203 35.79 1.69 -33.26
N PRO D 204 37.04 2.13 -33.47
CA PRO D 204 37.31 3.51 -33.87
C PRO D 204 36.90 3.71 -35.33
N VAL D 205 36.24 4.81 -35.64
CA VAL D 205 35.81 5.13 -37.02
C VAL D 205 36.32 6.52 -37.38
N THR D 206 37.11 6.64 -38.44
CA THR D 206 37.79 7.90 -38.84
C THR D 206 36.97 8.61 -39.92
N LYS D 207 37.34 9.85 -40.21
CA LYS D 207 36.78 10.68 -41.32
C LYS D 207 37.81 11.74 -41.70
N SER D 208 38.22 11.80 -42.96
CA SER D 208 39.18 12.82 -43.47
C SER D 208 38.41 14.00 -44.06
N PHE D 209 39.06 14.71 -44.96
CA PHE D 209 38.52 15.80 -45.82
C PHE D 209 37.77 16.91 -45.04
N ASN D 210 37.03 17.67 -45.85
CA ASN D 210 36.19 18.80 -45.46
C ASN D 210 34.85 18.27 -44.92
N PRO E 2 -39.62 -18.98 -6.53
CA PRO E 2 -38.22 -19.40 -6.44
C PRO E 2 -38.09 -20.65 -5.58
N VAL E 3 -36.93 -21.31 -5.57
CA VAL E 3 -36.83 -22.54 -4.74
C VAL E 3 -35.50 -22.59 -4.03
N TRP E 4 -35.49 -23.28 -2.89
CA TRP E 4 -34.32 -23.50 -2.02
C TRP E 4 -34.76 -24.43 -0.88
N LYS E 5 -33.83 -25.16 -0.29
CA LYS E 5 -34.12 -26.07 0.84
C LYS E 5 -32.80 -26.38 1.53
N ASP E 6 -32.85 -26.64 2.82
CA ASP E 6 -31.64 -26.92 3.64
C ASP E 6 -30.78 -27.94 2.90
N ALA E 7 -29.51 -28.03 3.27
CA ALA E 7 -28.51 -28.93 2.65
C ALA E 7 -27.25 -28.95 3.52
N ASP E 8 -26.39 -29.91 3.27
CA ASP E 8 -25.10 -30.08 3.98
C ASP E 8 -24.01 -30.20 2.91
N THR E 9 -23.06 -29.29 2.88
CA THR E 9 -22.05 -29.26 1.79
C THR E 9 -20.70 -28.87 2.36
N THR E 10 -19.65 -29.59 2.01
CA THR E 10 -18.29 -29.22 2.49
C THR E 10 -18.02 -27.76 2.08
N LEU E 11 -17.98 -26.86 3.05
CA LEU E 11 -17.87 -25.39 2.84
C LEU E 11 -16.45 -24.98 2.45
N PHE E 12 -16.28 -23.75 1.97
CA PHE E 12 -14.94 -23.19 1.66
C PHE E 12 -14.80 -21.83 2.35
N CYS E 13 -13.65 -21.60 2.97
CA CYS E 13 -13.39 -20.36 3.71
C CYS E 13 -12.63 -19.35 2.86
N ALA E 14 -12.62 -18.10 3.33
CA ALA E 14 -11.94 -16.98 2.65
C ALA E 14 -11.28 -16.09 3.69
N SER E 15 -10.00 -16.30 3.97
CA SER E 15 -9.24 -15.48 4.94
C SER E 15 -8.62 -14.28 4.23
N ASP E 16 -7.89 -13.46 4.97
CA ASP E 16 -7.13 -12.31 4.41
C ASP E 16 -5.69 -12.42 4.88
N ALA E 17 -5.29 -13.64 5.29
CA ALA E 17 -3.94 -13.95 5.78
C ALA E 17 -2.87 -13.33 4.87
N LYS E 18 -2.46 -12.10 5.20
CA LYS E 18 -1.43 -11.37 4.44
C LYS E 18 -0.20 -12.27 4.34
N ALA E 19 -0.38 -13.51 3.89
CA ALA E 19 0.65 -14.58 3.83
C ALA E 19 2.01 -14.01 3.38
N HIS E 20 2.79 -13.47 4.33
CA HIS E 20 4.16 -12.93 4.11
C HIS E 20 4.88 -12.78 5.46
N GLU E 21 4.44 -13.52 6.49
CA GLU E 21 5.07 -13.50 7.83
C GLU E 21 5.34 -14.93 8.31
N THR E 22 5.27 -15.12 9.63
CA THR E 22 5.45 -16.42 10.31
C THR E 22 4.23 -16.68 11.19
N GLU E 23 3.37 -15.66 11.28
CA GLU E 23 2.11 -15.59 12.07
C GLU E 23 1.22 -16.81 11.78
N VAL E 24 1.02 -17.66 12.79
CA VAL E 24 0.23 -18.92 12.71
C VAL E 24 -1.18 -18.68 12.15
N HIS E 25 -1.97 -17.77 12.72
CA HIS E 25 -3.37 -17.64 12.23
C HIS E 25 -3.31 -16.94 10.85
N ASN E 26 -2.32 -16.06 10.68
CA ASN E 26 -2.18 -15.34 9.39
C ASN E 26 -1.67 -16.28 8.30
N VAL E 27 -0.90 -17.28 8.69
CA VAL E 27 -0.32 -18.19 7.67
C VAL E 27 -1.25 -19.36 7.39
N TRP E 28 -1.80 -20.00 8.42
CA TRP E 28 -2.65 -21.17 8.07
C TRP E 28 -3.58 -20.80 6.91
N ALA E 29 -4.18 -19.62 6.93
CA ALA E 29 -5.21 -19.21 5.95
C ALA E 29 -4.59 -18.80 4.62
N THR E 30 -3.25 -18.72 4.54
CA THR E 30 -2.56 -18.43 3.26
C THR E 30 -2.79 -19.65 2.35
N HIS E 31 -3.29 -20.76 2.93
CA HIS E 31 -3.70 -22.01 2.25
C HIS E 31 -5.22 -22.14 2.36
N ALA E 32 -5.68 -23.40 2.49
CA ALA E 32 -7.08 -23.86 2.68
C ALA E 32 -8.11 -22.79 2.28
N CYS E 33 -8.04 -21.59 2.84
CA CYS E 33 -8.99 -20.52 2.50
C CYS E 33 -8.44 -19.66 1.36
N VAL E 34 -9.24 -18.75 0.85
CA VAL E 34 -8.79 -17.95 -0.33
C VAL E 34 -9.00 -16.48 -0.03
N PRO E 35 -8.44 -15.57 -0.85
CA PRO E 35 -8.64 -14.14 -0.67
C PRO E 35 -10.10 -13.72 -0.47
N THR E 36 -10.31 -12.81 0.47
CA THR E 36 -11.65 -12.31 0.83
C THR E 36 -12.26 -11.59 -0.35
N ASP E 37 -13.55 -11.79 -0.56
CA ASP E 37 -14.32 -11.08 -1.60
C ASP E 37 -14.21 -9.58 -1.36
N PRO E 38 -13.92 -8.74 -2.36
CA PRO E 38 -13.82 -7.30 -2.16
C PRO E 38 -15.14 -6.56 -2.33
N ASN E 39 -15.99 -7.02 -3.26
CA ASN E 39 -17.33 -6.39 -3.44
C ASN E 39 -18.35 -7.50 -3.18
N PRO E 40 -18.72 -7.80 -1.91
CA PRO E 40 -19.61 -8.92 -1.65
C PRO E 40 -21.05 -8.51 -1.89
N GLN E 41 -21.94 -9.48 -1.97
CA GLN E 41 -23.35 -9.16 -2.26
C GLN E 41 -24.26 -9.65 -1.13
N GLU E 42 -25.34 -8.93 -0.95
CA GLU E 42 -26.40 -9.22 0.04
C GLU E 42 -27.72 -8.92 -0.65
N ILE E 43 -28.49 -9.96 -0.96
CA ILE E 43 -29.79 -9.80 -1.66
C ILE E 43 -30.90 -9.99 -0.63
N HIS E 44 -31.94 -9.14 -0.72
CA HIS E 44 -33.10 -9.15 0.20
C HIS E 44 -34.23 -9.95 -0.45
N LEU E 45 -34.94 -10.80 0.30
CA LEU E 45 -36.01 -11.66 -0.27
C LEU E 45 -37.38 -11.02 -0.11
N GLU E 46 -37.45 -9.68 -0.19
CA GLU E 46 -38.68 -8.84 -0.05
C GLU E 46 -39.59 -9.44 1.02
N ASN E 47 -40.75 -9.98 0.66
CA ASN E 47 -41.69 -10.57 1.67
C ASN E 47 -41.41 -12.06 1.77
N VAL E 48 -40.71 -12.47 2.81
CA VAL E 48 -40.47 -13.92 3.04
C VAL E 48 -40.27 -14.14 4.53
N THR E 49 -40.26 -15.41 4.94
CA THR E 49 -40.13 -15.83 6.34
C THR E 49 -39.44 -17.18 6.33
N GLU E 50 -38.24 -17.28 6.90
CA GLU E 50 -37.48 -18.56 6.91
C GLU E 50 -37.32 -19.06 8.35
N ASN E 51 -37.25 -20.37 8.54
CA ASN E 51 -37.09 -20.95 9.89
C ASN E 51 -35.63 -21.32 10.11
N PHE E 52 -34.98 -20.74 11.11
CA PHE E 52 -33.57 -21.09 11.41
C PHE E 52 -33.50 -21.90 12.70
N ASN E 53 -32.34 -22.51 12.91
CA ASN E 53 -32.03 -23.27 14.13
C ASN E 53 -30.52 -23.22 14.30
N MET E 54 -30.05 -22.60 15.38
CA MET E 54 -28.63 -22.36 15.68
C MET E 54 -27.99 -23.61 16.27
N TRP E 55 -28.79 -24.60 16.61
CA TRP E 55 -28.27 -25.79 17.32
C TRP E 55 -28.11 -26.95 16.34
N LYS E 56 -28.95 -26.99 15.32
CA LYS E 56 -28.86 -28.03 14.25
C LYS E 56 -28.35 -27.39 12.97
N ASN E 57 -27.10 -26.95 12.96
CA ASN E 57 -26.45 -26.33 11.78
C ASN E 57 -25.11 -27.02 11.54
N ASN E 58 -24.82 -27.42 10.32
CA ASN E 58 -23.57 -28.17 10.00
C ASN E 58 -22.45 -27.18 9.67
N MET E 59 -22.72 -25.87 9.63
CA MET E 59 -21.63 -24.88 9.44
C MET E 59 -20.65 -25.04 10.60
N VAL E 60 -21.16 -25.17 11.81
CA VAL E 60 -20.35 -25.31 13.05
C VAL E 60 -19.44 -26.55 12.96
N GLU E 61 -19.91 -27.72 12.57
CA GLU E 61 -19.01 -28.91 12.60
C GLU E 61 -17.83 -28.67 11.65
N GLN E 62 -18.06 -28.09 10.48
CA GLN E 62 -16.93 -27.82 9.56
C GLN E 62 -16.02 -26.76 10.18
N MET E 63 -16.59 -25.68 10.66
CA MET E 63 -15.78 -24.60 11.28
C MET E 63 -15.02 -25.19 12.46
N GLN E 64 -15.64 -26.10 13.20
CA GLN E 64 -14.95 -26.73 14.33
C GLN E 64 -13.73 -27.45 13.79
N GLU E 65 -13.94 -28.26 12.75
CA GLU E 65 -12.86 -29.09 12.16
C GLU E 65 -11.74 -28.22 11.58
N ASP E 66 -12.05 -27.04 11.06
CA ASP E 66 -11.00 -26.13 10.55
C ASP E 66 -10.06 -25.77 11.70
N VAL E 67 -10.58 -25.21 12.78
CA VAL E 67 -9.72 -24.78 13.92
C VAL E 67 -8.94 -25.99 14.43
N ILE E 68 -9.53 -27.18 14.54
CA ILE E 68 -8.74 -28.37 14.96
C ILE E 68 -7.61 -28.55 13.95
N SER E 69 -7.91 -28.51 12.66
CA SER E 69 -6.85 -28.63 11.64
C SER E 69 -5.83 -27.51 11.88
N LEU E 70 -6.31 -26.28 12.03
CA LEU E 70 -5.44 -25.09 12.23
C LEU E 70 -4.49 -25.39 13.38
N TRP E 71 -5.04 -25.64 14.56
CA TRP E 71 -4.21 -25.89 15.77
C TRP E 71 -3.24 -27.04 15.49
N ASP E 72 -3.80 -28.21 15.16
CA ASP E 72 -3.04 -29.47 14.94
C ASP E 72 -1.81 -29.18 14.09
N GLN E 73 -1.96 -28.51 12.95
CA GLN E 73 -0.72 -28.32 12.17
C GLN E 73 0.04 -27.09 12.65
N SER E 74 -0.64 -26.13 13.28
CA SER E 74 0.04 -24.91 13.79
C SER E 74 0.99 -25.29 14.92
N LEU E 75 0.76 -26.47 15.49
CA LEU E 75 1.49 -27.05 16.65
C LEU E 75 0.88 -28.42 16.97
N GLN E 76 1.73 -29.36 17.40
CA GLN E 76 1.38 -30.75 17.78
C GLN E 76 1.61 -30.89 19.28
N PRO E 77 0.96 -31.83 19.99
CA PRO E 77 1.15 -31.98 21.44
C PRO E 77 2.63 -32.15 21.81
N CYS E 78 3.23 -31.18 22.49
CA CYS E 78 4.66 -31.24 22.91
C CYS E 78 4.84 -32.41 23.90
N CYS E 91 9.98 -26.86 23.71
CA CYS E 91 9.51 -26.72 22.30
C CYS E 91 9.49 -25.25 21.90
N PRO E 92 9.13 -24.91 20.64
CA PRO E 92 9.02 -23.52 20.19
C PRO E 92 7.63 -22.93 20.46
N LYS E 93 7.26 -21.90 19.71
CA LYS E 93 5.94 -21.23 19.86
C LYS E 93 5.44 -20.77 18.50
N ILE E 94 4.53 -19.81 18.49
CA ILE E 94 3.98 -19.20 17.26
C ILE E 94 3.28 -17.91 17.69
N SER E 95 3.82 -16.74 17.37
CA SER E 95 3.26 -15.42 17.77
C SER E 95 1.76 -15.38 17.45
N PHE E 96 0.94 -15.81 18.41
CA PHE E 96 -0.51 -16.01 18.27
C PHE E 96 -1.22 -14.68 18.02
N ASP E 97 -2.33 -14.76 17.29
CA ASP E 97 -3.16 -13.59 16.92
C ASP E 97 -4.26 -14.05 15.95
N PRO E 98 -5.55 -14.05 16.35
CA PRO E 98 -6.64 -14.51 15.48
C PRO E 98 -6.86 -13.59 14.27
N ILE E 99 -7.42 -14.13 13.18
CA ILE E 99 -7.69 -13.33 11.95
C ILE E 99 -9.15 -13.56 11.55
N PRO E 100 -9.97 -12.50 11.32
CA PRO E 100 -11.35 -12.67 10.88
C PRO E 100 -11.40 -13.66 9.72
N ILE E 101 -12.50 -14.39 9.56
CA ILE E 101 -12.58 -15.48 8.54
C ILE E 101 -14.00 -15.50 8.00
N HIS E 102 -14.17 -15.67 6.69
CA HIS E 102 -15.54 -15.79 6.12
C HIS E 102 -15.75 -17.22 5.66
N TYR E 103 -16.98 -17.74 5.79
CA TYR E 103 -17.37 -19.08 5.31
C TYR E 103 -18.26 -18.87 4.09
N CYS E 104 -18.14 -19.77 3.12
CA CYS E 104 -18.61 -19.48 1.75
C CYS E 104 -19.05 -20.74 1.05
N THR E 105 -20.28 -20.77 0.62
CA THR E 105 -20.86 -21.96 -0.04
C THR E 105 -20.27 -22.09 -1.43
N PRO E 106 -19.97 -23.33 -1.88
CA PRO E 106 -19.50 -23.59 -3.23
C PRO E 106 -20.69 -23.55 -4.19
N ALA E 107 -20.43 -23.35 -5.48
CA ALA E 107 -21.44 -23.16 -6.54
C ALA E 107 -22.62 -24.12 -6.39
N GLY E 108 -23.83 -23.60 -6.53
CA GLY E 108 -25.08 -24.36 -6.40
C GLY E 108 -25.59 -24.32 -4.97
N TYR E 109 -25.00 -23.49 -4.11
CA TYR E 109 -25.41 -23.36 -2.68
C TYR E 109 -25.38 -21.89 -2.26
N VAL E 110 -26.42 -21.42 -1.59
CA VAL E 110 -26.51 -20.01 -1.12
C VAL E 110 -26.40 -19.99 0.40
N ILE E 111 -26.34 -18.80 1.00
CA ILE E 111 -26.23 -18.66 2.48
C ILE E 111 -27.27 -17.65 2.91
N LEU E 112 -28.29 -18.10 3.63
CA LEU E 112 -29.38 -17.20 4.07
C LEU E 112 -28.97 -16.53 5.37
N LYS E 113 -29.34 -15.27 5.53
CA LYS E 113 -28.96 -14.44 6.69
C LYS E 113 -30.22 -13.97 7.39
N CYS E 114 -30.25 -14.05 8.71
CA CYS E 114 -31.34 -13.45 9.50
C CYS E 114 -31.04 -11.99 9.76
N ASN E 115 -31.81 -11.13 9.13
CA ASN E 115 -31.68 -9.66 9.22
C ASN E 115 -32.57 -9.13 10.34
N ASP E 116 -33.11 -10.01 11.18
CA ASP E 116 -33.99 -9.57 12.30
C ASP E 116 -33.11 -9.14 13.48
N LYS E 117 -33.28 -7.88 13.90
CA LYS E 117 -32.44 -7.23 14.94
C LYS E 117 -32.38 -8.09 16.20
N ASN E 118 -33.50 -8.64 16.63
CA ASN E 118 -33.58 -9.44 17.88
C ASN E 118 -33.76 -10.91 17.56
N PHE E 119 -32.73 -11.60 17.10
CA PHE E 119 -32.92 -13.04 16.78
C PHE E 119 -32.20 -13.86 17.85
N ASN E 120 -32.74 -15.04 18.09
CA ASN E 120 -32.28 -15.91 19.20
C ASN E 120 -31.90 -17.29 18.68
N GLY E 121 -31.32 -17.33 17.50
CA GLY E 121 -30.73 -18.55 16.91
C GLY E 121 -31.70 -19.58 16.39
N THR E 122 -33.01 -19.45 16.64
CA THR E 122 -34.01 -20.43 16.14
C THR E 122 -35.37 -19.79 15.96
N GLY E 123 -36.29 -20.54 15.37
CA GLY E 123 -37.66 -20.07 15.14
C GLY E 123 -37.76 -19.50 13.74
N PRO E 124 -38.61 -18.48 13.51
CA PRO E 124 -38.76 -17.83 12.21
C PRO E 124 -37.64 -16.86 11.82
N CYS E 125 -37.97 -15.75 11.18
CA CYS E 125 -36.86 -14.86 10.80
C CYS E 125 -37.26 -13.75 9.83
N LYS E 126 -38.54 -13.45 9.69
CA LYS E 126 -39.06 -12.38 8.79
C LYS E 126 -37.97 -11.81 7.86
N ASN E 127 -37.12 -10.90 8.36
CA ASN E 127 -36.11 -10.19 7.55
C ASN E 127 -34.95 -11.14 7.26
N VAL E 128 -34.94 -11.70 6.06
CA VAL E 128 -33.86 -12.62 5.62
C VAL E 128 -33.21 -12.05 4.37
N SER E 129 -32.01 -12.50 4.06
CA SER E 129 -31.27 -12.06 2.85
C SER E 129 -30.28 -13.15 2.44
N SER E 130 -29.74 -13.06 1.22
CA SER E 130 -28.82 -14.09 0.70
C SER E 130 -27.41 -13.52 0.58
N VAL E 131 -26.40 -14.34 0.93
CA VAL E 131 -24.96 -13.98 0.85
C VAL E 131 -24.19 -15.22 0.36
N GLN E 132 -22.94 -15.06 -0.07
CA GLN E 132 -22.14 -16.22 -0.56
C GLN E 132 -21.20 -16.64 0.56
N CYS E 133 -20.65 -15.64 1.24
CA CYS E 133 -19.73 -15.86 2.36
C CYS E 133 -20.39 -15.34 3.63
N THR E 134 -20.06 -15.96 4.75
CA THR E 134 -20.54 -15.51 6.07
C THR E 134 -20.07 -14.08 6.24
N HIS E 135 -19.22 -13.86 7.25
CA HIS E 135 -18.62 -12.53 7.53
C HIS E 135 -17.34 -12.75 8.34
N GLY E 136 -16.61 -11.68 8.61
CA GLY E 136 -15.33 -11.81 9.34
C GLY E 136 -15.57 -12.28 10.76
N ILE E 137 -15.64 -13.59 10.97
CA ILE E 137 -15.82 -14.07 12.37
C ILE E 137 -14.46 -14.52 12.89
N LYS E 138 -13.94 -13.79 13.89
CA LYS E 138 -12.67 -14.15 14.53
C LYS E 138 -12.93 -15.42 15.32
N PRO E 139 -12.10 -16.45 15.18
CA PRO E 139 -12.31 -17.73 15.85
C PRO E 139 -11.46 -17.86 17.11
N VAL E 140 -11.79 -17.10 18.14
CA VAL E 140 -11.03 -17.09 19.42
C VAL E 140 -11.60 -18.19 20.32
N VAL E 141 -10.75 -19.11 20.76
CA VAL E 141 -11.19 -20.24 21.62
C VAL E 141 -11.22 -19.73 23.06
N SER E 142 -12.40 -19.70 23.69
CA SER E 142 -12.56 -19.19 25.07
C SER E 142 -13.00 -20.31 26.00
N THR E 143 -13.82 -19.92 26.98
CA THR E 143 -14.52 -20.69 28.04
C THR E 143 -15.14 -19.66 28.97
N GLN E 144 -16.38 -19.89 29.40
CA GLN E 144 -17.09 -18.95 30.32
C GLN E 144 -17.54 -17.70 29.55
N LEU E 145 -16.58 -16.92 29.05
CA LEU E 145 -16.87 -15.66 28.31
C LEU E 145 -16.49 -15.81 26.83
N LEU E 146 -17.18 -15.08 25.97
CA LEU E 146 -16.91 -15.08 24.51
C LEU E 146 -16.33 -13.72 24.13
N LEU E 147 -15.18 -13.73 23.49
CA LEU E 147 -14.41 -12.48 23.26
C LEU E 147 -14.21 -12.20 21.77
N ASN E 148 -13.88 -10.96 21.46
CA ASN E 148 -13.55 -10.52 20.09
C ASN E 148 -14.62 -11.01 19.12
N GLY E 149 -15.88 -10.81 19.44
CA GLY E 149 -16.96 -11.36 18.62
C GLY E 149 -17.93 -10.28 18.17
N SER E 150 -19.07 -10.73 17.66
CA SER E 150 -20.15 -9.83 17.17
C SER E 150 -20.90 -9.27 18.36
N LEU E 151 -21.64 -8.19 18.14
CA LEU E 151 -22.45 -7.55 19.20
C LEU E 151 -23.89 -7.62 18.78
N ALA E 152 -24.80 -8.03 19.64
CA ALA E 152 -26.23 -8.02 19.27
C ALA E 152 -26.58 -6.58 18.87
N GLU E 153 -27.19 -6.41 17.71
CA GLU E 153 -27.43 -5.05 17.15
C GLU E 153 -28.19 -4.19 18.16
N GLU E 154 -29.19 -4.71 18.90
CA GLU E 154 -29.96 -3.84 19.81
C GLU E 154 -30.07 -4.38 21.24
N GLU E 155 -31.03 -5.25 21.55
CA GLU E 155 -31.23 -5.70 22.96
C GLU E 155 -30.26 -6.85 23.31
N ILE E 156 -30.29 -7.30 24.55
CA ILE E 156 -29.43 -8.43 24.96
C ILE E 156 -30.12 -9.69 24.46
N ILE E 157 -29.37 -10.74 24.19
CA ILE E 157 -30.03 -11.94 23.63
C ILE E 157 -29.63 -13.15 24.45
N ILE E 158 -30.67 -13.83 24.90
CA ILE E 158 -30.61 -15.10 25.65
C ILE E 158 -30.81 -16.16 24.59
N ARG E 159 -29.94 -17.14 24.52
CA ARG E 159 -30.05 -18.10 23.40
C ARG E 159 -29.74 -19.50 23.86
N SER E 160 -30.69 -20.42 23.80
CA SER E 160 -30.29 -21.84 23.88
C SER E 160 -31.41 -22.72 23.36
N GLU E 161 -31.06 -23.94 23.00
CA GLU E 161 -32.01 -24.89 22.37
C GLU E 161 -33.32 -24.93 23.16
N ASN E 162 -33.25 -25.43 24.38
CA ASN E 162 -34.40 -25.68 25.26
C ASN E 162 -34.09 -24.95 26.56
N LEU E 163 -34.63 -23.76 26.72
CA LEU E 163 -34.34 -22.97 27.93
C LEU E 163 -34.64 -23.82 29.17
N THR E 164 -35.82 -24.42 29.23
CA THR E 164 -36.27 -25.11 30.44
C THR E 164 -35.46 -26.39 30.63
N ASN E 165 -34.89 -26.92 29.56
CA ASN E 165 -33.94 -28.03 29.74
C ASN E 165 -32.74 -27.53 30.54
N ASN E 166 -32.11 -28.48 31.20
CA ASN E 166 -31.05 -28.22 32.19
C ASN E 166 -29.70 -28.69 31.67
N ALA E 167 -29.69 -29.53 30.64
CA ALA E 167 -28.43 -30.00 30.02
C ALA E 167 -28.05 -29.03 28.91
N LYS E 168 -29.07 -28.41 28.31
CA LYS E 168 -28.90 -27.44 27.21
C LYS E 168 -28.16 -26.22 27.74
N THR E 169 -26.97 -25.95 27.18
CA THR E 169 -26.14 -24.78 27.53
C THR E 169 -26.80 -23.54 26.93
N ILE E 170 -26.71 -22.41 27.60
CA ILE E 170 -27.37 -21.14 27.16
C ILE E 170 -26.27 -20.15 26.84
N ILE E 171 -26.47 -19.33 25.82
CA ILE E 171 -25.44 -18.33 25.40
C ILE E 171 -26.09 -16.96 25.57
N VAL E 172 -25.30 -15.98 26.01
CA VAL E 172 -25.78 -14.59 26.18
C VAL E 172 -25.08 -13.71 25.17
N HIS E 173 -25.84 -12.98 24.37
CA HIS E 173 -25.26 -12.03 23.38
C HIS E 173 -25.46 -10.65 23.98
N LEU E 174 -24.36 -9.94 24.25
CA LEU E 174 -24.38 -8.60 24.87
C LEU E 174 -24.49 -7.57 23.76
N ASN E 175 -25.12 -6.42 24.02
CA ASN E 175 -25.24 -5.36 23.01
C ASN E 175 -24.26 -4.22 23.29
N LYS E 176 -23.35 -4.40 24.23
CA LYS E 176 -22.32 -3.39 24.54
C LYS E 176 -21.08 -4.12 25.05
N SER E 177 -19.91 -3.85 24.49
CA SER E 177 -18.67 -4.61 24.82
C SER E 177 -18.20 -4.27 26.24
N VAL E 178 -17.41 -5.15 26.83
CA VAL E 178 -16.80 -4.91 28.16
C VAL E 178 -15.33 -5.34 28.10
N GLU E 179 -14.43 -4.40 28.28
CA GLU E 179 -12.95 -4.51 28.32
C GLU E 179 -12.45 -5.57 29.29
N ILE E 180 -11.44 -6.33 28.92
CA ILE E 180 -10.76 -7.31 29.83
C ILE E 180 -9.29 -7.34 29.44
N ASN E 181 -8.45 -6.77 30.29
CA ASN E 181 -7.01 -6.54 30.04
C ASN E 181 -6.23 -7.49 30.92
N CYS E 182 -5.77 -8.58 30.35
CA CYS E 182 -4.97 -9.51 31.15
C CYS E 182 -3.50 -9.36 30.80
N THR E 183 -2.65 -9.44 31.83
CA THR E 183 -1.19 -9.19 31.74
C THR E 183 -0.40 -10.14 32.63
N ARG E 184 0.94 -10.06 32.53
CA ARG E 184 1.90 -10.83 33.36
C ARG E 184 3.27 -10.16 33.34
N PRO E 185 3.35 -8.82 33.48
CA PRO E 185 4.62 -8.09 33.38
C PRO E 185 5.79 -8.70 34.15
N ALA E 199 -0.47 -14.82 36.93
CA ALA E 199 -1.86 -14.31 36.98
C ALA E 199 -2.05 -12.96 36.29
N TYR E 200 -2.97 -12.19 36.86
CA TYR E 200 -3.24 -10.78 36.52
C TYR E 200 -4.13 -10.67 35.28
N CYS E 201 -5.41 -10.39 35.51
CA CYS E 201 -6.45 -10.03 34.52
C CYS E 201 -7.27 -8.92 35.19
N GLU E 202 -7.91 -8.06 34.42
CA GLU E 202 -8.54 -6.87 35.04
C GLU E 202 -9.72 -6.43 34.19
N ILE E 203 -10.84 -6.06 34.83
CA ILE E 203 -12.06 -5.62 34.10
C ILE E 203 -12.63 -4.37 34.78
N ASN E 204 -13.22 -3.48 33.99
CA ASN E 204 -13.99 -2.34 34.52
C ASN E 204 -15.35 -2.85 34.99
N GLY E 205 -15.42 -3.02 36.31
CA GLY E 205 -16.53 -3.59 37.10
C GLY E 205 -17.70 -2.67 37.34
N THR E 206 -17.58 -1.38 37.12
CA THR E 206 -18.78 -0.53 37.31
C THR E 206 -19.70 -0.73 36.10
N LYS E 207 -19.08 -0.98 34.95
CA LYS E 207 -19.76 -1.25 33.65
C LYS E 207 -20.05 -2.75 33.63
N TRP E 208 -19.08 -3.55 34.03
CA TRP E 208 -19.22 -5.03 34.00
C TRP E 208 -20.47 -5.49 34.75
N ASN E 209 -20.68 -4.93 35.94
CA ASN E 209 -21.83 -5.28 36.82
C ASN E 209 -23.05 -4.51 36.34
N LYS E 210 -22.87 -3.24 35.98
CA LYS E 210 -24.00 -2.44 35.47
C LYS E 210 -24.61 -3.07 34.21
N VAL E 211 -23.91 -4.00 33.59
CA VAL E 211 -24.37 -4.63 32.31
C VAL E 211 -24.98 -5.99 32.62
N LEU E 212 -24.47 -6.72 33.62
CA LEU E 212 -25.07 -8.02 34.02
C LEU E 212 -26.48 -7.75 34.53
N LYS E 213 -26.66 -6.64 35.24
CA LYS E 213 -27.95 -6.10 35.73
C LYS E 213 -29.02 -6.14 34.63
N GLN E 214 -28.63 -5.85 33.38
CA GLN E 214 -29.55 -5.84 32.23
C GLN E 214 -29.65 -7.26 31.65
N VAL E 215 -28.67 -8.12 31.90
CA VAL E 215 -28.77 -9.50 31.34
C VAL E 215 -29.76 -10.25 32.20
N THR E 216 -29.68 -10.08 33.51
CA THR E 216 -30.62 -10.78 34.43
C THR E 216 -32.04 -10.28 34.20
N GLU E 217 -32.20 -8.99 33.99
CA GLU E 217 -33.53 -8.43 33.68
C GLU E 217 -34.10 -9.07 32.43
N LYS E 218 -33.23 -9.45 31.51
CA LYS E 218 -33.69 -10.13 30.27
C LYS E 218 -33.73 -11.63 30.57
N LEU E 219 -33.04 -12.10 31.60
CA LEU E 219 -33.00 -13.55 31.91
C LEU E 219 -34.10 -13.91 32.93
N LYS E 220 -35.01 -12.98 33.22
CA LYS E 220 -36.17 -13.20 34.12
C LYS E 220 -37.45 -13.12 33.28
N GLU E 221 -37.34 -12.66 32.03
CA GLU E 221 -38.45 -12.58 31.05
C GLU E 221 -38.93 -13.99 30.71
N HIS E 222 -38.00 -14.93 30.71
CA HIS E 222 -38.30 -16.37 30.48
C HIS E 222 -38.89 -16.93 31.75
N PHE E 223 -38.06 -16.99 32.78
CA PHE E 223 -38.46 -17.46 34.12
C PHE E 223 -39.39 -16.37 34.64
N ASN E 224 -40.70 -16.56 34.41
CA ASN E 224 -41.81 -15.62 34.71
C ASN E 224 -41.49 -14.78 35.95
N ASN E 225 -40.94 -13.57 35.70
CA ASN E 225 -40.54 -12.52 36.69
C ASN E 225 -40.18 -13.15 38.05
N LYS E 226 -39.22 -14.02 38.10
CA LYS E 226 -38.73 -14.65 39.34
C LYS E 226 -37.51 -13.88 39.81
N THR E 227 -36.44 -14.59 40.12
CA THR E 227 -35.16 -13.97 40.52
C THR E 227 -34.04 -14.88 40.06
N ILE E 228 -32.86 -14.32 39.78
CA ILE E 228 -31.73 -15.14 39.28
C ILE E 228 -30.51 -14.87 40.12
N ILE E 229 -29.74 -15.92 40.41
CA ILE E 229 -28.51 -15.78 41.23
C ILE E 229 -27.34 -16.35 40.43
N PHE E 230 -26.15 -15.77 40.57
CA PHE E 230 -24.96 -16.29 39.86
C PHE E 230 -24.10 -17.04 40.85
N GLN E 231 -23.82 -18.31 40.55
CA GLN E 231 -22.93 -19.13 41.41
C GLN E 231 -21.61 -19.34 40.66
N PRO E 232 -20.67 -20.13 41.20
CA PRO E 232 -19.41 -20.41 40.53
C PRO E 232 -19.44 -21.79 39.90
N PRO E 233 -18.39 -22.21 39.18
CA PRO E 233 -18.34 -23.53 38.58
C PRO E 233 -18.63 -24.68 39.54
N SER E 234 -19.84 -25.22 39.49
CA SER E 234 -20.29 -26.34 40.36
C SER E 234 -19.26 -27.47 40.33
N GLY E 235 -18.81 -27.89 39.14
CA GLY E 235 -17.84 -28.99 39.09
C GLY E 235 -17.44 -29.39 37.69
N GLY E 236 -16.26 -30.01 37.58
CA GLY E 236 -15.65 -30.48 36.32
C GLY E 236 -14.15 -30.41 36.43
N ASP E 237 -13.48 -29.79 35.45
CA ASP E 237 -12.01 -29.56 35.53
C ASP E 237 -11.74 -28.08 35.29
N LEU E 238 -10.56 -27.61 35.70
CA LEU E 238 -10.19 -26.16 35.71
C LEU E 238 -10.61 -25.45 34.40
N GLU E 239 -10.39 -26.04 33.24
CA GLU E 239 -10.82 -25.44 31.95
C GLU E 239 -12.31 -25.09 32.03
N ILE E 240 -13.16 -26.03 32.47
CA ILE E 240 -14.65 -25.86 32.46
C ILE E 240 -15.11 -24.83 33.50
N THR E 241 -14.30 -24.54 34.51
CA THR E 241 -14.67 -23.59 35.58
C THR E 241 -14.10 -22.21 35.26
N MET E 242 -12.78 -22.12 35.34
CA MET E 242 -11.99 -20.88 35.16
C MET E 242 -12.08 -20.40 33.72
N HIS E 243 -12.46 -19.15 33.51
CA HIS E 243 -12.50 -18.55 32.16
C HIS E 243 -11.14 -18.78 31.54
N SER E 244 -10.97 -19.86 30.80
CA SER E 244 -9.66 -20.22 30.18
C SER E 244 -9.63 -19.78 28.72
N PHE E 245 -8.48 -19.33 28.25
CA PHE E 245 -8.29 -18.90 26.84
C PHE E 245 -6.80 -18.76 26.56
N ASN E 246 -6.44 -18.54 25.30
CA ASN E 246 -5.03 -18.39 24.94
C ASN E 246 -4.77 -17.00 24.40
N CYS E 247 -3.73 -16.35 24.93
CA CYS E 247 -3.28 -15.04 24.43
C CYS E 247 -1.82 -15.11 24.02
N ARG E 248 -1.54 -14.62 22.82
CA ARG E 248 -0.17 -14.50 22.25
C ARG E 248 0.62 -15.81 22.39
N GLY E 249 -0.05 -16.95 22.44
CA GLY E 249 0.64 -18.24 22.45
C GLY E 249 0.69 -18.88 23.81
N GLU E 250 0.21 -18.20 24.85
CA GLU E 250 0.24 -18.88 26.15
C GLU E 250 -1.18 -18.94 26.73
N PHE E 251 -1.44 -19.99 27.49
CA PHE E 251 -2.79 -20.35 27.99
C PHE E 251 -3.08 -19.77 29.39
N PHE E 252 -4.16 -19.00 29.43
CA PHE E 252 -4.68 -18.31 30.62
C PHE E 252 -5.92 -19.03 31.12
N TYR E 253 -6.01 -19.26 32.43
CA TYR E 253 -7.24 -19.80 33.05
C TYR E 253 -7.58 -18.89 34.21
N CYS E 254 -8.39 -17.87 34.00
CA CYS E 254 -8.72 -16.88 35.04
C CYS E 254 -9.86 -17.36 35.91
N ASN E 255 -9.78 -17.06 37.20
CA ASN E 255 -10.84 -17.45 38.15
C ASN E 255 -11.87 -16.34 38.21
N THR E 256 -12.95 -16.45 37.46
CA THR E 256 -13.94 -15.35 37.26
C THR E 256 -14.84 -15.10 38.48
N THR E 257 -14.44 -15.61 39.63
CA THR E 257 -15.35 -15.64 40.82
C THR E 257 -15.86 -14.25 41.23
N GLN E 258 -15.19 -13.15 40.91
CA GLN E 258 -15.62 -11.83 41.44
C GLN E 258 -16.48 -11.11 40.42
N LEU E 259 -16.76 -11.74 39.28
CA LEU E 259 -17.55 -11.09 38.20
C LEU E 259 -19.03 -11.33 38.44
N PHE E 260 -19.34 -12.23 39.36
CA PHE E 260 -20.74 -12.53 39.73
C PHE E 260 -20.83 -12.38 41.25
N ASN E 261 -20.43 -11.23 41.79
CA ASN E 261 -20.40 -11.17 43.27
C ASN E 261 -21.78 -10.56 43.26
N ASN E 262 -22.75 -11.45 43.07
CA ASN E 262 -24.19 -11.20 42.90
C ASN E 262 -24.60 -9.88 43.54
N THR E 263 -23.78 -9.37 44.44
CA THR E 263 -24.21 -8.24 45.28
C THR E 263 -23.78 -6.92 44.65
N CYS E 264 -22.48 -6.64 44.59
CA CYS E 264 -21.95 -5.34 44.12
C CYS E 264 -22.54 -5.10 42.74
N ILE E 265 -23.80 -4.68 42.71
CA ILE E 265 -24.56 -4.45 41.46
C ILE E 265 -25.59 -3.36 41.76
N THR E 269 -29.54 2.44 44.95
CA THR E 269 -28.45 3.30 44.40
C THR E 269 -27.14 3.01 45.12
N MET E 270 -27.24 2.41 46.30
CA MET E 270 -26.10 2.24 47.24
C MET E 270 -25.24 1.02 46.87
N LYS E 271 -24.22 0.79 47.71
CA LYS E 271 -23.17 -0.26 47.55
C LYS E 271 -22.39 0.02 46.26
N GLY E 272 -22.14 1.31 45.95
CA GLY E 272 -21.42 1.78 44.75
C GLY E 272 -20.24 0.88 44.43
N CYS E 273 -19.69 0.30 45.50
CA CYS E 273 -18.66 -0.76 45.49
C CYS E 273 -17.54 -0.25 44.56
N ASN E 274 -16.40 -0.92 44.49
CA ASN E 274 -15.33 -0.36 43.62
C ASN E 274 -15.85 -0.45 42.18
N GLY E 275 -14.94 -0.71 41.23
CA GLY E 275 -15.32 -0.81 39.81
C GLY E 275 -14.22 -1.42 38.95
N THR E 276 -13.06 -1.72 39.54
CA THR E 276 -12.00 -2.39 38.74
C THR E 276 -11.74 -3.80 39.26
N ILE E 277 -12.57 -4.75 38.85
CA ILE E 277 -12.41 -6.17 39.25
C ILE E 277 -11.12 -6.69 38.62
N THR E 278 -10.40 -7.53 39.35
CA THR E 278 -9.05 -7.99 38.96
C THR E 278 -8.90 -9.47 39.32
N LEU E 279 -9.28 -10.36 38.40
CA LEU E 279 -9.18 -11.82 38.63
C LEU E 279 -7.71 -12.27 38.46
N PRO E 280 -7.23 -13.25 39.25
CA PRO E 280 -5.86 -13.75 39.16
C PRO E 280 -5.47 -14.33 37.80
N CYS E 281 -5.74 -15.62 37.61
CA CYS E 281 -5.54 -16.33 36.33
C CYS E 281 -4.17 -17.01 36.23
N LYS E 282 -4.08 -18.31 36.34
CA LYS E 282 -2.73 -18.87 36.10
C LYS E 282 -2.66 -19.57 34.74
N ILE E 283 -1.43 -19.93 34.37
CA ILE E 283 -1.14 -20.45 33.00
C ILE E 283 -0.22 -21.66 33.09
N LYS E 284 -0.18 -22.43 32.01
CA LYS E 284 0.68 -23.63 31.92
C LYS E 284 1.72 -23.40 30.83
N ASP E 303 9.75 -15.12 30.00
CA ASP E 303 9.32 -13.82 30.56
C ASP E 303 8.97 -12.86 29.41
N GLY E 304 8.30 -11.75 29.72
CA GLY E 304 7.83 -10.73 28.77
C GLY E 304 6.48 -10.19 29.23
N LYS E 305 6.22 -8.91 29.04
CA LYS E 305 4.95 -8.30 29.53
C LYS E 305 3.81 -8.57 28.55
N ILE E 306 3.17 -9.74 28.66
CA ILE E 306 1.99 -10.16 27.85
C ILE E 306 0.83 -9.23 28.21
N ASN E 307 0.04 -8.79 27.22
CA ASN E 307 -1.07 -7.86 27.55
C ASN E 307 -2.19 -7.98 26.51
N CYS E 308 -3.15 -8.88 26.76
CA CYS E 308 -4.27 -9.03 25.81
C CYS E 308 -5.48 -8.26 26.35
N VAL E 309 -5.81 -7.19 25.66
CA VAL E 309 -6.97 -6.34 25.98
C VAL E 309 -8.07 -6.73 25.01
N SER E 310 -8.89 -7.72 25.36
CA SER E 310 -9.99 -8.14 24.46
C SER E 310 -11.31 -7.58 24.97
N ASN E 311 -12.26 -7.43 24.06
CA ASN E 311 -13.65 -7.07 24.37
C ASN E 311 -14.42 -8.34 24.69
N ILE E 312 -15.30 -8.28 25.66
CA ILE E 312 -16.15 -9.44 26.05
C ILE E 312 -17.53 -9.20 25.47
N THR E 313 -18.15 -10.16 24.81
CA THR E 313 -19.53 -9.87 24.37
C THR E 313 -20.40 -11.13 24.32
N GLY E 314 -20.09 -12.10 25.17
CA GLY E 314 -20.90 -13.33 25.26
C GLY E 314 -20.43 -14.17 26.40
N ILE E 315 -21.35 -14.83 27.10
CA ILE E 315 -20.98 -15.68 28.27
C ILE E 315 -21.62 -17.06 28.10
N LEU E 316 -20.96 -18.09 28.61
CA LEU E 316 -21.48 -19.49 28.60
C LEU E 316 -22.13 -19.77 29.95
N LEU E 317 -23.45 -19.92 30.00
CA LEU E 317 -24.22 -20.19 31.23
C LEU E 317 -24.64 -21.65 31.30
N THR E 318 -24.97 -22.13 32.50
CA THR E 318 -25.39 -23.53 32.78
C THR E 318 -26.26 -23.55 34.03
N ARG E 319 -27.53 -23.91 33.94
CA ARG E 319 -28.44 -23.93 35.12
C ARG E 319 -28.24 -25.22 35.90
N ASP E 320 -28.81 -25.28 37.11
CA ASP E 320 -28.68 -26.43 38.04
C ASP E 320 -30.04 -27.07 38.28
N GLY E 321 -30.03 -28.30 38.83
CA GLY E 321 -31.21 -29.13 39.11
C GLY E 321 -31.92 -28.75 40.40
N GLY E 322 -31.38 -27.80 41.16
CA GLY E 322 -32.01 -27.30 42.39
C GLY E 322 -32.27 -25.83 42.31
N ALA E 323 -33.29 -25.41 41.54
CA ALA E 323 -33.60 -23.98 41.35
C ALA E 323 -35.05 -23.78 40.91
N ASN E 324 -35.62 -24.76 40.23
CA ASN E 324 -36.99 -24.66 39.69
C ASN E 324 -38.01 -24.48 40.81
N ASN E 325 -37.63 -24.84 42.04
CA ASN E 325 -38.48 -24.62 43.24
C ASN E 325 -38.58 -23.12 43.46
N THR E 326 -38.79 -22.72 44.72
CA THR E 326 -38.81 -21.34 45.27
C THR E 326 -39.25 -20.32 44.22
N SER E 327 -38.41 -19.32 43.98
CA SER E 327 -38.70 -18.27 42.98
C SER E 327 -37.39 -17.65 42.51
N ASN E 328 -36.31 -18.43 42.59
CA ASN E 328 -34.97 -18.00 42.15
C ASN E 328 -34.26 -19.16 41.46
N GLU E 329 -33.83 -18.96 40.20
CA GLU E 329 -33.04 -19.95 39.44
C GLU E 329 -31.60 -19.46 39.36
N THR E 330 -30.65 -20.34 39.64
CA THR E 330 -29.21 -19.99 39.72
C THR E 330 -28.54 -20.38 38.40
N PHE E 331 -27.40 -19.77 38.07
CA PHE E 331 -26.61 -20.04 36.84
C PHE E 331 -25.11 -20.07 37.16
N ARG E 332 -24.34 -20.74 36.31
CA ARG E 332 -22.89 -20.93 36.54
C ARG E 332 -22.17 -21.00 35.19
N PRO E 333 -21.07 -20.24 34.96
CA PRO E 333 -20.29 -20.29 33.73
C PRO E 333 -20.01 -21.71 33.23
N GLY E 334 -20.63 -22.12 32.13
CA GLY E 334 -20.56 -23.52 31.63
C GLY E 334 -19.34 -23.80 30.76
N GLY E 335 -19.55 -24.53 29.68
CA GLY E 335 -18.49 -24.94 28.72
C GLY E 335 -18.73 -26.33 28.20
N GLY E 336 -17.68 -27.16 28.14
CA GLY E 336 -17.74 -28.58 27.76
C GLY E 336 -17.86 -28.81 26.27
N ASN E 337 -17.76 -27.75 25.46
CA ASN E 337 -17.93 -27.84 23.99
C ASN E 337 -17.53 -26.50 23.40
N ILE E 338 -16.53 -26.46 22.52
CA ILE E 338 -16.13 -25.17 21.90
C ILE E 338 -17.29 -24.74 21.01
N LYS E 339 -17.75 -25.60 20.10
CA LYS E 339 -18.86 -25.40 19.10
C LYS E 339 -19.93 -24.37 19.52
N ASP E 340 -20.40 -24.37 20.77
CA ASP E 340 -21.30 -23.32 21.29
C ASP E 340 -20.76 -21.94 20.94
N ASN E 341 -19.47 -21.67 21.18
CA ASN E 341 -18.95 -20.32 20.86
C ASN E 341 -19.02 -20.10 19.35
N TRP E 342 -18.84 -21.11 18.49
CA TRP E 342 -19.02 -20.97 17.02
C TRP E 342 -20.46 -20.59 16.71
N ARG E 343 -21.43 -21.13 17.46
CA ARG E 343 -22.87 -20.89 17.26
C ARG E 343 -23.23 -19.44 17.58
N SER E 344 -22.40 -18.79 18.40
CA SER E 344 -22.57 -17.40 18.88
C SER E 344 -22.56 -16.43 17.68
N GLU E 345 -21.84 -16.76 16.61
CA GLU E 345 -21.77 -15.87 15.43
C GLU E 345 -22.43 -16.51 14.21
N LEU E 346 -22.52 -17.84 14.16
CA LEU E 346 -23.15 -18.58 13.04
C LEU E 346 -24.65 -18.78 13.27
N TYR E 347 -25.35 -17.83 13.88
CA TYR E 347 -26.75 -18.05 14.31
C TYR E 347 -27.71 -17.58 13.21
N LYS E 348 -27.29 -16.56 12.46
CA LYS E 348 -28.17 -15.95 11.45
C LYS E 348 -27.89 -16.56 10.08
N TYR E 349 -26.97 -17.52 10.03
CA TYR E 349 -26.50 -18.11 8.74
C TYR E 349 -27.00 -19.56 8.59
N LYS E 350 -27.35 -19.95 7.36
CA LYS E 350 -27.86 -21.33 7.13
C LYS E 350 -27.59 -21.75 5.68
N VAL E 351 -26.95 -22.91 5.49
CA VAL E 351 -26.64 -23.47 4.15
C VAL E 351 -27.95 -23.74 3.43
N VAL E 352 -27.99 -23.47 2.12
CA VAL E 352 -29.23 -23.72 1.33
C VAL E 352 -28.84 -24.17 -0.07
N GLN E 353 -29.39 -25.29 -0.56
CA GLN E 353 -29.12 -25.74 -1.95
C GLN E 353 -30.16 -25.10 -2.85
N ILE E 354 -29.71 -24.38 -3.86
CA ILE E 354 -30.60 -23.58 -4.74
C ILE E 354 -31.07 -24.48 -5.89
N GLU E 355 -32.27 -24.23 -6.43
CA GLU E 355 -32.91 -25.00 -7.51
C GLU E 355 -33.56 -24.05 -8.53
N GLN F 1 -33.61 -8.56 -24.03
CA GLN F 1 -33.72 -7.11 -24.40
C GLN F 1 -32.57 -6.33 -23.74
N VAL F 2 -31.78 -6.99 -22.90
CA VAL F 2 -30.63 -6.38 -22.18
C VAL F 2 -29.54 -6.12 -23.21
N GLN F 3 -28.81 -5.01 -23.11
CA GLN F 3 -27.73 -4.73 -24.07
C GLN F 3 -26.77 -3.69 -23.50
N LEU F 4 -25.47 -3.97 -23.59
CA LEU F 4 -24.39 -3.04 -23.13
C LEU F 4 -23.66 -2.53 -24.37
N VAL F 5 -23.83 -1.24 -24.69
CA VAL F 5 -23.22 -0.61 -25.91
C VAL F 5 -21.84 -0.09 -25.55
N GLN F 6 -20.79 -0.59 -26.17
CA GLN F 6 -19.41 -0.08 -25.96
C GLN F 6 -19.16 1.11 -26.89
N SER F 7 -18.05 1.80 -26.73
CA SER F 7 -17.75 2.98 -27.58
C SER F 7 -16.98 2.56 -28.83
N GLY F 8 -16.49 3.53 -29.61
CA GLY F 8 -15.83 3.26 -30.89
C GLY F 8 -14.37 2.80 -30.77
N ALA F 9 -13.62 2.90 -31.87
CA ALA F 9 -12.18 2.58 -31.90
C ALA F 9 -11.40 3.82 -31.48
N GLU F 10 -10.22 3.64 -30.90
CA GLU F 10 -9.43 4.77 -30.36
C GLU F 10 -7.98 4.61 -30.81
N VAL F 11 -7.31 5.72 -31.12
CA VAL F 11 -5.89 5.72 -31.57
C VAL F 11 -5.11 6.70 -30.70
N LYS F 12 -4.15 6.20 -29.93
CA LYS F 12 -3.31 7.11 -29.11
C LYS F 12 -1.85 6.67 -29.21
N LYS F 13 -0.94 7.57 -28.88
CA LYS F 13 0.52 7.34 -28.91
C LYS F 13 0.94 6.89 -27.53
N PRO F 14 2.10 6.23 -27.36
CA PRO F 14 2.56 5.76 -26.06
C PRO F 14 2.41 6.73 -24.89
N GLY F 15 1.58 6.36 -23.92
CA GLY F 15 1.34 7.16 -22.70
C GLY F 15 0.42 8.32 -22.97
N ALA F 16 -0.65 8.14 -23.72
CA ALA F 16 -1.53 9.25 -24.13
C ALA F 16 -2.89 9.17 -23.48
N SER F 17 -3.20 8.08 -22.76
CA SER F 17 -4.44 7.79 -21.96
C SER F 17 -5.69 7.56 -22.82
N VAL F 18 -6.40 6.49 -22.55
CA VAL F 18 -7.69 6.24 -23.27
C VAL F 18 -8.81 6.13 -22.23
N LYS F 19 -10.00 6.60 -22.60
CA LYS F 19 -11.23 6.59 -21.79
C LYS F 19 -12.36 6.01 -22.65
N LEU F 20 -12.75 4.76 -22.46
CA LEU F 20 -13.81 4.13 -23.29
C LEU F 20 -15.12 4.03 -22.50
N SER F 21 -16.24 4.38 -23.11
CA SER F 21 -17.57 4.31 -22.47
C SER F 21 -18.11 2.89 -22.55
N CYS F 22 -19.14 2.59 -21.78
CA CYS F 22 -19.97 1.36 -21.86
C CYS F 22 -21.33 1.64 -21.26
N LYS F 23 -22.28 1.99 -22.10
CA LYS F 23 -23.66 2.33 -21.70
C LYS F 23 -24.43 1.02 -21.60
N ALA F 24 -25.30 0.89 -20.60
CA ALA F 24 -26.06 -0.34 -20.33
C ALA F 24 -27.55 -0.07 -20.53
N SER F 25 -28.30 -1.12 -20.84
CA SER F 25 -29.75 -1.00 -21.10
C SER F 25 -30.41 -2.36 -20.96
N GLY F 26 -31.70 -2.37 -20.65
CA GLY F 26 -32.50 -3.59 -20.50
C GLY F 26 -32.56 -4.06 -19.06
N TYR F 27 -31.85 -3.41 -18.15
CA TYR F 27 -31.86 -3.85 -16.74
C TYR F 27 -31.60 -2.67 -15.80
N THR F 28 -31.61 -2.93 -14.51
CA THR F 28 -31.36 -1.92 -13.45
C THR F 28 -29.84 -1.80 -13.29
N PHE F 29 -29.27 -0.86 -14.04
CA PHE F 29 -27.81 -0.63 -14.17
C PHE F 29 -27.11 -0.67 -12.80
N THR F 30 -27.58 0.05 -11.79
CA THR F 30 -26.76 0.20 -10.57
C THR F 30 -26.89 -1.01 -9.62
N SER F 31 -27.74 -1.99 -9.92
CA SER F 31 -27.92 -3.18 -9.06
C SER F 31 -26.90 -4.25 -9.44
N TYR F 32 -26.53 -4.27 -10.73
CA TYR F 32 -25.56 -5.27 -11.23
C TYR F 32 -24.19 -4.63 -11.47
N ASP F 33 -23.15 -5.45 -11.30
CA ASP F 33 -21.74 -5.03 -11.41
C ASP F 33 -21.41 -4.60 -12.85
N ILE F 34 -20.13 -4.35 -13.13
CA ILE F 34 -19.60 -4.00 -14.47
C ILE F 34 -18.13 -4.42 -14.49
N ASN F 35 -17.76 -5.28 -15.42
CA ASN F 35 -16.38 -5.77 -15.52
C ASN F 35 -15.76 -5.38 -16.87
N TRP F 36 -14.44 -5.28 -16.89
CA TRP F 36 -13.69 -4.91 -18.11
C TRP F 36 -12.59 -5.95 -18.36
N VAL F 37 -12.56 -6.52 -19.57
CA VAL F 37 -11.50 -7.50 -19.95
C VAL F 37 -10.99 -7.14 -21.35
N ARG F 38 -9.75 -7.52 -21.68
CA ARG F 38 -9.20 -7.15 -23.00
C ARG F 38 -8.56 -8.37 -23.71
N GLN F 39 -8.59 -8.34 -25.05
CA GLN F 39 -8.00 -9.38 -25.90
C GLN F 39 -6.92 -8.71 -26.74
N ALA F 40 -5.68 -8.78 -26.29
CA ALA F 40 -4.55 -8.17 -27.00
C ALA F 40 -4.18 -9.05 -28.17
N PRO F 41 -4.28 -8.55 -29.44
CA PRO F 41 -3.93 -9.28 -30.66
C PRO F 41 -2.99 -10.47 -30.54
N GLY F 42 -3.53 -11.66 -30.86
CA GLY F 42 -2.79 -12.93 -30.82
C GLY F 42 -2.77 -13.56 -29.44
N GLN F 43 -3.30 -12.86 -28.43
CA GLN F 43 -3.34 -13.37 -27.03
C GLN F 43 -4.78 -13.67 -26.66
N GLY F 44 -5.02 -14.25 -25.49
CA GLY F 44 -6.37 -14.64 -25.06
C GLY F 44 -7.09 -13.55 -24.30
N LEU F 45 -7.97 -13.94 -23.38
CA LEU F 45 -8.76 -12.99 -22.55
C LEU F 45 -7.97 -12.71 -21.28
N GLU F 46 -8.04 -11.47 -20.82
CA GLU F 46 -7.33 -11.02 -19.61
C GLU F 46 -8.26 -10.09 -18.84
N TRP F 47 -8.49 -10.38 -17.56
CA TRP F 47 -9.40 -9.57 -16.72
C TRP F 47 -8.70 -8.31 -16.24
N MET F 48 -9.40 -7.19 -16.25
CA MET F 48 -8.79 -5.90 -15.87
C MET F 48 -9.26 -5.47 -14.48
N GLY F 49 -10.45 -4.88 -14.39
CA GLY F 49 -10.94 -4.40 -13.10
C GLY F 49 -12.44 -4.43 -13.00
N TRP F 50 -12.97 -4.62 -11.78
CA TRP F 50 -14.43 -4.66 -11.52
C TRP F 50 -14.90 -3.31 -10.99
N MET F 51 -16.17 -2.97 -11.15
CA MET F 51 -16.68 -1.67 -10.65
C MET F 51 -18.11 -1.83 -10.13
N ASN F 52 -18.42 -1.16 -9.00
CA ASN F 52 -19.78 -1.19 -8.39
C ASN F 52 -20.48 0.13 -8.75
N PRO F 53 -21.54 0.11 -9.59
CA PRO F 53 -22.21 1.34 -10.02
C PRO F 53 -23.05 2.03 -8.94
N LYS F 54 -23.32 1.32 -7.84
CA LYS F 54 -24.05 1.85 -6.65
C LYS F 54 -23.02 2.44 -5.71
N THR F 55 -22.35 1.57 -4.98
CA THR F 55 -21.30 1.93 -4.02
C THR F 55 -20.03 2.18 -4.79
N GLY F 56 -20.05 3.00 -5.87
CA GLY F 56 -18.94 3.28 -6.81
C GLY F 56 -17.56 2.83 -6.38
N ASN F 57 -17.32 1.53 -6.28
CA ASN F 57 -16.05 0.95 -5.75
C ASN F 57 -15.29 0.31 -6.89
N THR F 58 -14.00 0.11 -6.70
CA THR F 58 -13.11 -0.41 -7.76
C THR F 58 -12.34 -1.62 -7.28
N GLY F 59 -11.95 -2.46 -8.23
CA GLY F 59 -11.11 -3.64 -8.02
C GLY F 59 -10.37 -3.94 -9.31
N TYR F 60 -9.08 -3.59 -9.38
CA TYR F 60 -8.29 -3.80 -10.63
C TYR F 60 -7.33 -4.99 -10.43
N ALA F 61 -6.52 -5.31 -11.44
CA ALA F 61 -5.60 -6.44 -11.28
C ALA F 61 -4.16 -5.94 -11.27
N GLN F 62 -3.24 -6.80 -10.85
CA GLN F 62 -1.82 -6.45 -10.62
C GLN F 62 -1.25 -5.77 -11.86
N LYS F 63 -1.46 -6.33 -13.04
CA LYS F 63 -0.85 -5.76 -14.26
C LYS F 63 -1.49 -4.41 -14.60
N PHE F 64 -2.75 -4.17 -14.26
CA PHE F 64 -3.36 -2.85 -14.53
C PHE F 64 -3.48 -2.06 -13.22
N GLN F 65 -2.98 -2.63 -12.13
CA GLN F 65 -3.10 -1.99 -10.81
C GLN F 65 -2.30 -0.69 -10.82
N GLY F 66 -2.97 0.45 -11.02
CA GLY F 66 -2.30 1.77 -10.97
C GLY F 66 -2.47 2.57 -12.24
N ARG F 67 -2.71 1.91 -13.38
CA ARG F 67 -2.82 2.61 -14.69
C ARG F 67 -4.29 2.74 -15.13
N VAL F 68 -5.26 2.33 -14.31
CA VAL F 68 -6.69 2.46 -14.72
C VAL F 68 -7.54 3.05 -13.60
N THR F 69 -8.59 3.78 -13.96
CA THR F 69 -9.58 4.37 -13.04
C THR F 69 -10.97 4.04 -13.58
N MET F 70 -11.74 3.18 -12.87
CA MET F 70 -13.09 2.77 -13.35
C MET F 70 -14.15 3.70 -12.74
N THR F 71 -14.69 4.60 -13.56
CA THR F 71 -15.69 5.64 -13.22
C THR F 71 -17.11 5.11 -13.47
N ARG F 72 -18.09 6.00 -13.41
CA ARG F 72 -19.46 5.70 -13.81
C ARG F 72 -20.27 6.98 -13.88
N ASP F 73 -21.46 6.87 -14.45
CA ASP F 73 -22.48 7.92 -14.50
C ASP F 73 -23.79 7.16 -14.38
N THR F 74 -24.69 7.59 -13.52
CA THR F 74 -25.94 6.84 -13.30
C THR F 74 -27.06 7.54 -14.04
N SER F 75 -26.86 8.80 -14.42
CA SER F 75 -27.89 9.57 -15.14
C SER F 75 -28.05 8.99 -16.54
N THR F 76 -26.96 8.50 -17.13
CA THR F 76 -26.96 7.94 -18.51
C THR F 76 -26.81 6.43 -18.47
N SER F 77 -26.78 5.84 -17.29
CA SER F 77 -26.60 4.38 -17.10
C SER F 77 -25.37 3.93 -17.89
N THR F 78 -24.24 4.60 -17.72
CA THR F 78 -23.03 4.34 -18.53
C THR F 78 -21.79 4.19 -17.66
N ALA F 79 -21.07 3.09 -17.77
CA ALA F 79 -19.78 2.90 -17.08
C ALA F 79 -18.66 3.53 -17.91
N TYR F 80 -17.44 3.61 -17.38
CA TYR F 80 -16.30 4.24 -18.07
C TYR F 80 -15.01 3.60 -17.57
N MET F 81 -13.99 3.47 -18.40
CA MET F 81 -12.71 2.88 -17.97
C MET F 81 -11.60 3.69 -18.59
N GLU F 82 -10.66 4.17 -17.80
CA GLU F 82 -9.59 5.01 -18.36
C GLU F 82 -8.28 4.34 -18.00
N LEU F 83 -7.40 4.20 -19.00
CA LEU F 83 -6.09 3.53 -18.88
C LEU F 83 -5.02 4.55 -19.25
N SER F 84 -4.09 4.84 -18.34
CA SER F 84 -3.02 5.84 -18.56
C SER F 84 -1.69 5.11 -18.75
N SER F 85 -0.71 5.83 -19.31
CA SER F 85 0.67 5.35 -19.61
C SER F 85 0.60 4.20 -20.61
N LEU F 86 -0.14 4.38 -21.69
CA LEU F 86 -0.42 3.36 -22.73
C LEU F 86 0.87 3.00 -23.44
N ARG F 87 0.99 1.73 -23.81
CA ARG F 87 2.21 1.21 -24.47
C ARG F 87 1.78 0.50 -25.76
N SER F 88 2.58 -0.44 -26.25
CA SER F 88 2.27 -1.14 -27.51
C SER F 88 1.51 -2.42 -27.18
N GLU F 89 1.72 -2.95 -25.98
CA GLU F 89 1.06 -4.19 -25.52
C GLU F 89 -0.37 -3.87 -25.13
N ASP F 90 -0.61 -2.63 -24.72
CA ASP F 90 -1.93 -2.18 -24.24
C ASP F 90 -2.84 -1.97 -25.45
N THR F 91 -2.43 -2.40 -26.63
CA THR F 91 -3.27 -2.27 -27.85
C THR F 91 -3.99 -3.59 -28.04
N ALA F 92 -5.31 -3.61 -27.90
CA ALA F 92 -6.09 -4.84 -28.04
C ALA F 92 -7.57 -4.50 -28.24
N VAL F 93 -8.41 -5.51 -28.10
CA VAL F 93 -9.88 -5.33 -28.06
C VAL F 93 -10.24 -5.34 -26.57
N TYR F 94 -10.73 -4.21 -26.07
CA TYR F 94 -11.12 -4.07 -24.64
C TYR F 94 -12.64 -4.19 -24.56
N TYR F 95 -13.13 -5.05 -23.66
CA TYR F 95 -14.60 -5.26 -23.57
C TYR F 95 -15.16 -5.01 -22.17
N CYS F 96 -16.37 -4.45 -22.11
CA CYS F 96 -17.18 -4.35 -20.86
C CYS F 96 -18.19 -5.50 -20.81
N ALA F 97 -18.57 -5.94 -19.62
CA ALA F 97 -19.54 -7.05 -19.47
C ALA F 97 -20.20 -7.05 -18.09
N THR F 98 -21.46 -7.51 -18.00
CA THR F 98 -22.25 -7.64 -16.74
C THR F 98 -22.51 -9.11 -16.46
N TYR F 99 -23.00 -9.44 -15.26
CA TYR F 99 -23.34 -10.84 -14.90
C TYR F 99 -24.79 -11.13 -15.27
N ARG F 100 -25.24 -12.38 -15.14
CA ARG F 100 -26.64 -12.74 -15.47
C ARG F 100 -27.57 -11.94 -14.54
N ILE F 101 -28.51 -11.17 -15.07
CA ILE F 101 -29.45 -10.42 -14.21
C ILE F 101 -30.33 -11.43 -13.47
N ILE F 102 -30.21 -11.51 -12.16
CA ILE F 102 -30.99 -12.45 -11.31
C ILE F 102 -30.94 -11.93 -9.89
N ALA F 103 -31.99 -12.18 -9.12
CA ALA F 103 -32.01 -11.80 -7.69
C ALA F 103 -31.45 -12.97 -6.88
N ALA F 104 -30.14 -13.16 -6.95
CA ALA F 104 -29.42 -14.24 -6.25
C ALA F 104 -27.91 -14.04 -6.37
N VAL F 105 -27.16 -14.72 -5.52
CA VAL F 105 -25.68 -14.64 -5.49
C VAL F 105 -25.11 -15.87 -6.18
N GLY F 106 -23.81 -15.80 -6.43
CA GLY F 106 -23.05 -16.90 -7.00
C GLY F 106 -23.12 -16.94 -8.50
N TYR F 107 -24.03 -16.20 -9.12
CA TYR F 107 -24.11 -16.20 -10.60
C TYR F 107 -23.33 -15.00 -11.15
N ARG F 108 -22.07 -14.94 -10.76
CA ARG F 108 -21.21 -13.77 -11.02
C ARG F 108 -20.32 -14.03 -12.23
N TYR F 109 -20.84 -14.71 -13.23
CA TYR F 109 -20.10 -14.95 -14.50
C TYR F 109 -20.48 -13.86 -15.47
N PHE F 110 -19.59 -13.58 -16.40
CA PHE F 110 -19.96 -12.66 -17.49
C PHE F 110 -20.86 -13.38 -18.45
N GLN F 111 -22.05 -12.84 -18.62
CA GLN F 111 -23.06 -13.42 -19.54
C GLN F 111 -23.50 -12.39 -20.58
N TYR F 112 -23.13 -11.13 -20.44
CA TYR F 112 -23.52 -10.12 -21.45
C TYR F 112 -22.31 -9.26 -21.79
N TRP F 113 -21.69 -9.49 -22.94
CA TRP F 113 -20.51 -8.69 -23.35
C TRP F 113 -20.93 -7.55 -24.27
N GLY F 114 -19.97 -6.72 -24.64
CA GLY F 114 -20.20 -5.60 -25.57
C GLY F 114 -19.62 -5.91 -26.93
N GLN F 115 -20.00 -5.13 -27.94
CA GLN F 115 -19.49 -5.28 -29.32
C GLN F 115 -17.97 -5.35 -29.28
N GLY F 116 -17.33 -4.44 -28.55
CA GLY F 116 -15.86 -4.42 -28.43
C GLY F 116 -15.34 -3.07 -28.82
N ALA F 117 -14.08 -2.78 -28.52
CA ALA F 117 -13.47 -1.49 -28.88
C ALA F 117 -12.00 -1.69 -29.19
N LEU F 118 -11.63 -1.39 -30.43
CA LEU F 118 -10.25 -1.50 -30.92
C LEU F 118 -9.47 -0.27 -30.46
N VAL F 119 -8.41 -0.49 -29.70
CA VAL F 119 -7.59 0.62 -29.13
C VAL F 119 -6.17 0.37 -29.60
N THR F 120 -5.60 1.33 -30.31
CA THR F 120 -4.26 1.16 -30.94
C THR F 120 -3.27 2.13 -30.31
N VAL F 121 -2.06 1.66 -30.02
CA VAL F 121 -1.00 2.53 -29.42
C VAL F 121 0.04 2.75 -30.49
N SER F 122 -0.25 3.54 -31.52
CA SER F 122 0.74 3.68 -32.61
C SER F 122 1.34 5.08 -32.57
N SER F 123 2.64 5.11 -32.81
CA SER F 123 3.37 6.38 -33.02
C SER F 123 2.90 6.94 -34.36
N ALA F 124 2.40 6.05 -35.23
CA ALA F 124 1.98 6.35 -36.61
C ALA F 124 0.61 7.03 -36.65
N SER F 125 0.21 7.45 -37.84
CA SER F 125 -1.06 8.17 -38.07
C SER F 125 -1.83 7.48 -39.19
N THR F 126 -3.12 7.75 -39.29
CA THR F 126 -4.01 7.12 -40.29
C THR F 126 -3.37 7.20 -41.68
N LYS F 127 -3.33 6.07 -42.39
CA LYS F 127 -2.78 5.96 -43.77
C LYS F 127 -3.55 4.89 -44.51
N GLY F 128 -4.13 5.24 -45.65
CA GLY F 128 -4.86 4.26 -46.48
C GLY F 128 -3.88 3.28 -47.11
N PRO F 129 -4.30 2.07 -47.52
CA PRO F 129 -3.36 1.09 -48.06
C PRO F 129 -3.16 1.29 -49.55
N SER F 130 -2.07 0.76 -50.07
CA SER F 130 -1.80 0.74 -51.53
C SER F 130 -2.05 -0.68 -52.00
N VAL F 131 -3.02 -0.90 -52.86
CA VAL F 131 -3.35 -2.30 -53.25
C VAL F 131 -2.56 -2.66 -54.50
N PHE F 132 -1.83 -3.77 -54.45
CA PHE F 132 -0.98 -4.24 -55.56
C PHE F 132 -1.51 -5.56 -56.06
N PRO F 133 -1.67 -5.81 -57.38
CA PRO F 133 -2.13 -7.11 -57.87
C PRO F 133 -1.08 -8.21 -57.70
N LEU F 134 -1.51 -9.32 -57.10
CA LEU F 134 -0.69 -10.54 -56.93
C LEU F 134 -0.92 -11.38 -58.18
N ALA F 135 -0.01 -11.26 -59.15
CA ALA F 135 -0.16 -11.87 -60.48
C ALA F 135 0.48 -13.26 -60.49
N PRO F 136 -0.19 -14.25 -61.09
CA PRO F 136 0.32 -15.62 -61.16
C PRO F 136 1.29 -15.83 -62.33
N GLU F 143 -0.74 -24.77 -64.17
CA GLU F 143 -0.84 -26.22 -63.80
C GLU F 143 -2.29 -26.55 -63.45
N SER F 144 -3.24 -25.90 -64.14
CA SER F 144 -4.73 -26.04 -64.08
C SER F 144 -5.34 -25.40 -62.83
N THR F 145 -4.79 -25.60 -61.63
CA THR F 145 -5.31 -24.89 -60.43
C THR F 145 -4.71 -23.47 -60.43
N ALA F 146 -5.53 -22.43 -60.50
CA ALA F 146 -5.02 -21.04 -60.64
C ALA F 146 -5.24 -20.22 -59.36
N ALA F 147 -4.26 -19.40 -58.96
CA ALA F 147 -4.30 -18.61 -57.72
C ALA F 147 -3.79 -17.19 -57.97
N LEU F 148 -4.52 -16.18 -57.50
CA LEU F 148 -4.18 -14.75 -57.71
C LEU F 148 -4.68 -13.94 -56.52
N GLY F 149 -4.38 -12.64 -56.41
CA GLY F 149 -5.04 -11.88 -55.33
C GLY F 149 -4.63 -10.44 -55.17
N CYS F 150 -4.93 -9.94 -54.00
CA CYS F 150 -4.66 -8.54 -53.65
C CYS F 150 -3.64 -8.49 -52.53
N LEU F 151 -2.83 -7.44 -52.56
CA LEU F 151 -1.85 -7.16 -51.48
C LEU F 151 -2.18 -5.79 -50.94
N VAL F 152 -2.71 -5.75 -49.72
CA VAL F 152 -3.09 -4.47 -49.06
C VAL F 152 -1.93 -4.08 -48.18
N LYS F 153 -1.16 -3.10 -48.61
CA LYS F 153 0.11 -2.77 -47.91
C LYS F 153 0.04 -1.36 -47.31
N ASP F 154 0.90 -1.17 -46.29
CA ASP F 154 1.19 0.10 -45.56
C ASP F 154 -0.07 0.96 -45.41
N TYR F 155 -0.85 0.66 -44.38
CA TYR F 155 -2.08 1.41 -43.99
C TYR F 155 -2.17 1.41 -42.46
N PHE F 156 -2.73 2.45 -41.87
CA PHE F 156 -2.90 2.51 -40.39
C PHE F 156 -4.21 3.20 -40.03
N PRO F 157 -4.91 2.76 -38.98
CA PRO F 157 -4.78 1.41 -38.46
C PRO F 157 -5.88 0.52 -39.04
N GLU F 158 -5.97 -0.71 -38.53
CA GLU F 158 -7.01 -1.67 -38.97
C GLU F 158 -8.35 -1.21 -38.40
N PRO F 159 -9.48 -1.55 -39.04
CA PRO F 159 -9.60 -2.75 -39.83
C PRO F 159 -9.71 -2.41 -41.32
N VAL F 160 -9.35 -3.33 -42.18
CA VAL F 160 -9.57 -3.13 -43.64
C VAL F 160 -10.43 -4.28 -44.13
N THR F 161 -11.44 -3.95 -44.93
CA THR F 161 -12.35 -4.96 -45.53
C THR F 161 -12.01 -5.06 -47.00
N VAL F 162 -11.76 -6.25 -47.50
CA VAL F 162 -11.45 -6.44 -48.93
C VAL F 162 -12.38 -7.52 -49.48
N SER F 163 -13.15 -7.19 -50.50
CA SER F 163 -14.04 -8.17 -51.17
C SER F 163 -13.44 -8.57 -52.51
N TRP F 164 -14.25 -9.18 -53.37
CA TRP F 164 -13.83 -9.60 -54.74
C TRP F 164 -15.05 -9.42 -55.64
N ASN F 165 -14.91 -8.68 -56.74
CA ASN F 165 -16.01 -8.37 -57.68
C ASN F 165 -17.18 -7.75 -56.93
N SER F 166 -16.89 -6.81 -56.02
CA SER F 166 -17.91 -6.08 -55.22
C SER F 166 -18.94 -7.07 -54.71
N GLY F 167 -18.50 -8.08 -53.96
CA GLY F 167 -19.41 -9.08 -53.36
C GLY F 167 -20.12 -9.87 -54.44
N SER F 168 -19.39 -10.77 -55.08
CA SER F 168 -19.96 -11.62 -56.15
C SER F 168 -19.14 -12.90 -56.25
N LEU F 169 -17.91 -12.87 -55.75
CA LEU F 169 -17.03 -14.05 -55.70
C LEU F 169 -16.75 -14.33 -54.22
N THR F 170 -17.00 -15.54 -53.77
CA THR F 170 -16.77 -15.94 -52.37
C THR F 170 -16.09 -17.29 -52.41
N SER F 171 -16.57 -18.14 -53.29
CA SER F 171 -16.05 -19.51 -53.52
C SER F 171 -14.52 -19.48 -53.60
N GLY F 172 -13.84 -19.94 -52.56
CA GLY F 172 -12.38 -20.08 -52.55
C GLY F 172 -11.67 -18.81 -52.14
N VAL F 173 -12.36 -17.68 -52.19
CA VAL F 173 -11.77 -16.39 -51.74
C VAL F 173 -11.45 -16.52 -50.27
N HIS F 174 -10.18 -16.55 -49.90
CA HIS F 174 -9.87 -16.48 -48.45
C HIS F 174 -8.75 -15.47 -48.16
N THR F 175 -9.17 -14.32 -47.62
CA THR F 175 -8.35 -13.19 -47.13
C THR F 175 -7.50 -13.63 -45.94
N PHE F 176 -6.44 -12.92 -45.61
CA PHE F 176 -5.56 -13.26 -44.46
C PHE F 176 -5.70 -12.21 -43.36
N PRO F 177 -5.03 -12.39 -42.20
CA PRO F 177 -5.04 -11.41 -41.12
C PRO F 177 -4.00 -10.34 -41.39
N ALA F 178 -3.95 -9.30 -40.57
CA ALA F 178 -2.95 -8.22 -40.75
C ALA F 178 -1.68 -8.54 -39.98
N VAL F 179 -0.56 -8.02 -40.43
CA VAL F 179 0.74 -8.17 -39.72
C VAL F 179 1.31 -6.77 -39.50
N LEU F 180 2.10 -6.58 -38.47
CA LEU F 180 2.67 -5.24 -38.22
C LEU F 180 4.14 -5.36 -38.53
N GLN F 181 4.59 -4.70 -39.58
CA GLN F 181 6.01 -4.78 -40.00
C GLN F 181 6.84 -3.85 -39.12
N SER F 182 8.16 -3.97 -39.16
CA SER F 182 9.11 -3.11 -38.39
C SER F 182 8.75 -1.63 -38.57
N SER F 183 8.46 -1.24 -39.81
CA SER F 183 7.97 0.10 -40.17
C SER F 183 6.95 0.56 -39.14
N GLY F 184 5.87 -0.20 -38.98
CA GLY F 184 4.80 0.13 -38.03
C GLY F 184 3.49 0.30 -38.75
N LEU F 185 3.32 -0.44 -39.83
CA LEU F 185 2.07 -0.39 -40.62
C LEU F 185 1.58 -1.82 -40.88
N TYR F 186 0.31 -1.95 -41.26
CA TYR F 186 -0.31 -3.27 -41.51
C TYR F 186 -0.40 -3.55 -43.02
N SER F 187 -0.44 -4.84 -43.35
CA SER F 187 -0.55 -5.33 -44.74
C SER F 187 -1.03 -6.78 -44.67
N LEU F 188 -1.97 -7.15 -45.53
CA LEU F 188 -2.45 -8.55 -45.61
C LEU F 188 -2.25 -9.01 -47.03
N SER F 189 -3.17 -9.82 -47.53
CA SER F 189 -3.17 -10.36 -48.89
C SER F 189 -4.43 -11.19 -49.05
N SER F 190 -5.35 -10.78 -49.93
CA SER F 190 -6.61 -11.51 -50.21
C SER F 190 -6.44 -12.40 -51.46
N VAL F 191 -6.03 -13.66 -51.25
CA VAL F 191 -5.77 -14.71 -52.28
C VAL F 191 -7.10 -15.27 -52.81
N VAL F 192 -7.15 -15.83 -54.02
CA VAL F 192 -8.36 -16.51 -54.57
C VAL F 192 -7.90 -17.80 -55.25
N THR F 193 -8.70 -18.85 -55.22
CA THR F 193 -8.34 -20.06 -56.02
C THR F 193 -9.27 -20.07 -57.22
N VAL F 194 -8.75 -20.50 -58.36
CA VAL F 194 -9.45 -20.28 -59.65
C VAL F 194 -9.04 -21.39 -60.60
N PRO F 195 -9.97 -21.99 -61.37
CA PRO F 195 -9.54 -22.94 -62.39
C PRO F 195 -8.84 -22.24 -63.56
N SER F 196 -7.51 -22.24 -63.49
CA SER F 196 -6.58 -21.62 -64.47
C SER F 196 -7.16 -21.81 -65.87
N SER F 197 -7.18 -20.74 -66.69
CA SER F 197 -7.75 -20.67 -68.07
C SER F 197 -9.28 -20.79 -68.03
N SER F 198 -9.80 -21.97 -67.68
CA SER F 198 -11.26 -22.25 -67.53
C SER F 198 -11.97 -21.07 -66.86
N LEU F 199 -11.39 -20.42 -65.83
CA LEU F 199 -12.20 -19.30 -65.29
C LEU F 199 -11.46 -17.99 -65.54
N GLY F 200 -10.27 -18.05 -66.15
CA GLY F 200 -9.38 -16.89 -66.39
C GLY F 200 -9.79 -16.00 -67.57
N THR F 201 -10.97 -16.25 -68.13
CA THR F 201 -11.61 -15.47 -69.22
C THR F 201 -12.53 -14.43 -68.60
N GLN F 202 -12.62 -14.40 -67.26
CA GLN F 202 -13.52 -13.54 -66.44
C GLN F 202 -12.71 -12.48 -65.70
N THR F 203 -13.26 -11.31 -65.44
CA THR F 203 -12.53 -10.21 -64.75
C THR F 203 -12.46 -10.48 -63.24
N TYR F 204 -11.28 -10.79 -62.71
CA TYR F 204 -11.06 -11.00 -61.25
C TYR F 204 -10.57 -9.72 -60.61
N VAL F 205 -11.45 -8.97 -59.94
CA VAL F 205 -11.03 -7.68 -59.30
C VAL F 205 -11.38 -7.67 -57.81
N CYS F 206 -10.71 -6.79 -57.05
CA CYS F 206 -10.94 -6.62 -55.59
C CYS F 206 -11.26 -5.19 -55.19
N ASN F 207 -11.99 -5.09 -54.08
CA ASN F 207 -12.51 -3.80 -53.51
C ASN F 207 -12.04 -3.57 -52.08
N VAL F 208 -10.73 -3.58 -51.84
CA VAL F 208 -10.14 -3.31 -50.50
C VAL F 208 -10.71 -2.00 -49.97
N ASN F 209 -11.25 -2.01 -48.75
CA ASN F 209 -11.80 -0.79 -48.12
C ASN F 209 -11.06 -0.53 -46.82
N HIS F 210 -10.98 0.73 -46.41
CA HIS F 210 -10.30 1.15 -45.16
C HIS F 210 -11.02 2.39 -44.65
N LYS F 211 -12.12 2.19 -43.92
CA LYS F 211 -13.00 3.30 -43.44
C LYS F 211 -12.17 4.39 -42.77
N PRO F 212 -11.33 4.07 -41.75
CA PRO F 212 -10.51 5.02 -41.00
C PRO F 212 -10.01 6.12 -41.91
N SER F 213 -9.42 5.71 -43.04
CA SER F 213 -8.89 6.63 -44.07
C SER F 213 -10.00 6.97 -45.06
N ASN F 214 -10.98 6.07 -45.18
CA ASN F 214 -12.11 6.19 -46.13
C ASN F 214 -11.57 6.27 -47.55
N THR F 215 -10.62 5.40 -47.84
CA THR F 215 -10.08 5.19 -49.20
C THR F 215 -10.86 4.01 -49.76
N LYS F 216 -11.62 4.22 -50.84
CA LYS F 216 -12.36 3.12 -51.50
C LYS F 216 -11.53 2.75 -52.73
N VAL F 217 -10.89 1.58 -52.71
CA VAL F 217 -9.92 1.13 -53.75
C VAL F 217 -10.50 -0.09 -54.49
N ASP F 218 -10.19 -0.19 -55.79
CA ASP F 218 -10.62 -1.33 -56.65
C ASP F 218 -9.47 -1.64 -57.62
N LYS F 219 -9.03 -2.90 -57.69
CA LYS F 219 -7.89 -3.24 -58.56
C LYS F 219 -8.22 -4.47 -59.39
N ARG F 220 -7.82 -4.50 -60.66
CA ARG F 220 -7.99 -5.66 -61.58
C ARG F 220 -6.73 -6.51 -61.47
N VAL F 221 -6.79 -7.82 -61.63
CA VAL F 221 -5.55 -8.61 -61.42
C VAL F 221 -5.28 -9.54 -62.59
N GLU F 222 -4.37 -9.15 -63.47
CA GLU F 222 -3.91 -10.05 -64.54
C GLU F 222 -2.44 -10.40 -64.28
N ILE F 223 -1.67 -10.74 -65.32
CA ILE F 223 -0.22 -11.15 -65.23
C ILE F 223 0.63 -10.00 -65.82
N ALA G 1 -4.93 -13.79 -5.50
CA ALA G 1 -6.03 -14.79 -5.57
C ALA G 1 -5.45 -16.15 -5.92
N ILE G 2 -6.11 -16.90 -6.79
CA ILE G 2 -5.64 -18.25 -7.22
C ILE G 2 -4.96 -18.15 -8.57
N GLN G 3 -4.25 -19.21 -8.95
CA GLN G 3 -3.55 -19.30 -10.27
C GLN G 3 -4.22 -20.41 -11.08
N MET G 4 -4.99 -20.07 -12.10
CA MET G 4 -5.67 -21.10 -12.92
C MET G 4 -4.89 -21.30 -14.21
N THR G 5 -4.77 -22.54 -14.68
CA THR G 5 -3.96 -22.89 -15.86
C THR G 5 -4.75 -23.77 -16.84
N GLN G 6 -5.01 -23.31 -18.07
CA GLN G 6 -5.72 -24.15 -19.07
C GLN G 6 -4.71 -25.05 -19.77
N SER G 7 -5.11 -26.27 -20.11
CA SER G 7 -4.18 -27.20 -20.78
C SER G 7 -4.98 -28.12 -21.69
N PRO G 8 -4.56 -28.36 -22.94
CA PRO G 8 -3.53 -27.55 -23.58
C PRO G 8 -4.05 -26.26 -24.24
N SER G 9 -3.17 -25.55 -24.95
CA SER G 9 -3.55 -24.28 -25.62
C SER G 9 -3.98 -24.57 -27.07
N SER G 10 -3.57 -25.73 -27.58
CA SER G 10 -3.89 -26.16 -28.97
C SER G 10 -4.62 -27.51 -28.96
N LEU G 11 -5.80 -27.60 -29.57
CA LEU G 11 -6.53 -28.89 -29.65
C LEU G 11 -6.99 -29.20 -31.07
N SER G 12 -6.64 -30.40 -31.55
CA SER G 12 -6.98 -30.92 -32.89
C SER G 12 -7.63 -32.28 -32.72
N ALA G 13 -8.89 -32.46 -33.12
CA ALA G 13 -9.57 -33.76 -33.02
C ALA G 13 -10.51 -33.97 -34.21
N SER G 14 -10.57 -35.20 -34.73
CA SER G 14 -11.42 -35.50 -35.91
C SER G 14 -12.88 -35.28 -35.53
N VAL G 15 -13.64 -34.66 -36.42
CA VAL G 15 -15.10 -34.43 -36.21
C VAL G 15 -15.64 -35.67 -35.51
N GLY G 16 -16.75 -35.51 -34.80
CA GLY G 16 -17.38 -36.62 -34.07
C GLY G 16 -16.38 -37.32 -33.17
N ASP G 17 -15.63 -36.56 -32.40
CA ASP G 17 -14.59 -37.14 -31.51
C ASP G 17 -14.72 -36.46 -30.15
N LYS G 18 -14.07 -37.01 -29.13
CA LYS G 18 -14.22 -36.46 -27.76
C LYS G 18 -13.17 -35.39 -27.50
N VAL G 19 -13.62 -34.19 -27.13
CA VAL G 19 -12.71 -33.07 -26.76
C VAL G 19 -12.70 -32.94 -25.23
N THR G 20 -11.55 -33.14 -24.61
CA THR G 20 -11.43 -33.06 -23.13
C THR G 20 -10.38 -32.01 -22.78
N ILE G 21 -10.76 -30.74 -22.75
CA ILE G 21 -9.80 -29.68 -22.35
C ILE G 21 -9.81 -29.58 -20.83
N THR G 22 -8.69 -29.27 -20.21
CA THR G 22 -8.53 -29.24 -18.75
C THR G 22 -8.32 -27.82 -18.25
N CYS G 23 -8.75 -27.52 -17.03
CA CYS G 23 -8.47 -26.26 -16.33
C CYS G 23 -8.11 -26.59 -14.88
N ARG G 24 -6.83 -26.66 -14.55
CA ARG G 24 -6.45 -26.91 -13.14
C ARG G 24 -6.40 -25.58 -12.39
N ALA G 25 -6.05 -25.60 -11.11
CA ALA G 25 -5.96 -24.36 -10.30
C ALA G 25 -5.06 -24.57 -9.10
N SER G 26 -4.70 -23.48 -8.43
CA SER G 26 -3.80 -23.45 -7.26
C SER G 26 -4.44 -24.19 -6.09
N GLN G 27 -5.70 -23.83 -5.78
CA GLN G 27 -6.54 -24.46 -4.73
C GLN G 27 -8.01 -24.09 -4.99
N GLY G 28 -8.92 -24.64 -4.19
CA GLY G 28 -10.38 -24.53 -4.42
C GLY G 28 -10.93 -23.12 -4.30
N PHE G 29 -12.17 -22.93 -4.74
CA PHE G 29 -12.83 -21.62 -4.62
C PHE G 29 -14.34 -21.78 -4.77
N GLY G 30 -14.87 -22.88 -4.28
CA GLY G 30 -16.32 -23.11 -4.37
C GLY G 30 -16.73 -23.67 -5.70
N ASN G 31 -15.77 -23.90 -6.60
CA ASN G 31 -16.06 -24.52 -7.92
C ASN G 31 -17.09 -23.71 -8.65
N TYR G 32 -16.87 -22.40 -8.67
CA TYR G 32 -17.71 -21.42 -9.40
C TYR G 32 -16.82 -21.21 -10.62
N LEU G 33 -16.66 -22.28 -11.40
CA LEU G 33 -15.85 -22.34 -12.64
C LEU G 33 -16.78 -22.28 -13.85
N ALA G 34 -16.63 -21.26 -14.68
CA ALA G 34 -17.43 -21.06 -15.91
C ALA G 34 -16.59 -21.38 -17.13
N TRP G 35 -17.24 -21.57 -18.27
CA TRP G 35 -16.54 -21.86 -19.56
C TRP G 35 -17.07 -20.93 -20.62
N TYR G 36 -16.16 -20.32 -21.38
CA TYR G 36 -16.48 -19.33 -22.44
C TYR G 36 -15.97 -19.84 -23.79
N GLN G 37 -16.79 -19.76 -24.84
CA GLN G 37 -16.34 -20.16 -26.19
C GLN G 37 -16.27 -18.93 -27.08
N GLN G 38 -15.09 -18.68 -27.66
CA GLN G 38 -14.90 -17.50 -28.53
C GLN G 38 -14.73 -17.97 -29.98
N LYS G 39 -15.76 -17.80 -30.79
CA LYS G 39 -15.60 -18.11 -32.23
C LYS G 39 -14.77 -16.98 -32.82
N PRO G 40 -13.71 -17.24 -33.60
CA PRO G 40 -12.82 -16.17 -34.05
C PRO G 40 -13.60 -15.07 -34.77
N GLY G 41 -13.39 -13.82 -34.37
CA GLY G 41 -13.99 -12.65 -35.03
C GLY G 41 -15.20 -12.12 -34.28
N LYS G 42 -15.75 -12.91 -33.34
CA LYS G 42 -16.94 -12.50 -32.58
C LYS G 42 -16.58 -12.24 -31.10
N VAL G 43 -17.58 -11.93 -30.29
CA VAL G 43 -17.46 -11.67 -28.83
C VAL G 43 -17.43 -13.01 -28.14
N PRO G 44 -16.77 -13.16 -26.98
CA PRO G 44 -16.69 -14.46 -26.32
C PRO G 44 -18.04 -14.70 -25.64
N LYS G 45 -18.65 -15.86 -25.78
CA LYS G 45 -19.95 -16.06 -25.10
C LYS G 45 -19.82 -17.21 -24.08
N LEU G 46 -20.70 -17.23 -23.10
CA LEU G 46 -20.60 -18.22 -21.98
C LEU G 46 -21.38 -19.48 -22.31
N LEU G 47 -20.78 -20.63 -22.02
CA LEU G 47 -21.43 -21.94 -22.22
C LEU G 47 -21.80 -22.54 -20.86
N ILE G 48 -20.87 -23.33 -20.32
CA ILE G 48 -21.02 -24.08 -19.05
C ILE G 48 -20.73 -23.16 -17.87
N TYR G 49 -21.71 -22.84 -17.03
CA TYR G 49 -21.46 -22.02 -15.82
C TYR G 49 -21.51 -22.91 -14.59
N ALA G 50 -20.89 -22.43 -13.51
CA ALA G 50 -20.82 -23.15 -12.22
C ALA G 50 -20.30 -24.58 -12.41
N ALA G 51 -19.26 -24.76 -13.25
CA ALA G 51 -18.51 -26.02 -13.54
C ALA G 51 -19.30 -27.01 -14.40
N THR G 52 -20.59 -27.20 -14.17
CA THR G 52 -21.37 -28.28 -14.83
C THR G 52 -22.70 -27.75 -15.37
N THR G 53 -23.12 -26.59 -14.94
CA THR G 53 -24.48 -26.15 -15.33
C THR G 53 -24.45 -25.56 -16.73
N LEU G 54 -24.91 -26.32 -17.72
CA LEU G 54 -25.02 -25.85 -19.12
C LEU G 54 -26.02 -24.71 -19.19
N GLN G 55 -25.79 -23.73 -20.04
CA GLN G 55 -26.73 -22.59 -20.16
C GLN G 55 -27.83 -22.97 -21.15
N SER G 56 -28.84 -22.13 -21.23
CA SER G 56 -29.98 -22.29 -22.18
C SER G 56 -29.45 -21.90 -23.55
N GLU G 57 -30.03 -22.47 -24.62
CA GLU G 57 -29.60 -22.26 -26.02
C GLU G 57 -28.13 -22.66 -26.09
N VAL G 58 -27.80 -23.87 -25.65
CA VAL G 58 -26.45 -24.48 -25.76
C VAL G 58 -26.70 -25.95 -25.97
N PRO G 59 -25.93 -26.64 -26.83
CA PRO G 59 -26.13 -28.05 -27.06
C PRO G 59 -25.82 -28.87 -25.83
N SER G 60 -26.18 -30.15 -25.88
CA SER G 60 -25.93 -31.16 -24.83
C SER G 60 -24.66 -31.93 -25.14
N ARG G 61 -23.91 -31.45 -26.14
CA ARG G 61 -22.66 -32.07 -26.64
C ARG G 61 -21.53 -31.72 -25.67
N PHE G 62 -21.68 -30.57 -25.03
CA PHE G 62 -20.68 -30.04 -24.07
C PHE G 62 -20.99 -30.57 -22.67
N SER G 63 -19.96 -30.97 -21.94
CA SER G 63 -20.12 -31.50 -20.57
C SER G 63 -19.13 -30.84 -19.63
N GLY G 64 -19.64 -30.15 -18.61
CA GLY G 64 -18.82 -29.56 -17.54
C GLY G 64 -18.68 -30.52 -16.39
N SER G 65 -17.47 -30.98 -16.10
CA SER G 65 -17.18 -31.94 -15.03
C SER G 65 -16.01 -31.45 -14.20
N GLY G 66 -15.58 -32.21 -13.19
CA GLY G 66 -14.48 -31.86 -12.25
C GLY G 66 -14.91 -30.89 -11.16
N SER G 67 -14.37 -31.01 -9.96
CA SER G 67 -14.70 -30.02 -8.91
C SER G 67 -13.56 -29.84 -7.91
N GLY G 68 -13.42 -28.62 -7.41
CA GLY G 68 -12.43 -28.32 -6.36
C GLY G 68 -11.15 -27.78 -6.94
N THR G 69 -10.18 -28.66 -7.25
CA THR G 69 -8.88 -28.29 -7.84
C THR G 69 -8.91 -28.52 -9.35
N ASP G 70 -8.60 -29.75 -9.76
CA ASP G 70 -8.56 -30.20 -11.18
C ASP G 70 -9.97 -30.11 -11.76
N PHE G 71 -10.11 -29.75 -13.02
CA PHE G 71 -11.43 -29.64 -13.66
C PHE G 71 -11.38 -30.23 -15.05
N THR G 72 -12.46 -30.13 -15.82
CA THR G 72 -12.48 -30.75 -17.16
C THR G 72 -13.72 -30.33 -17.93
N LEU G 73 -13.57 -30.17 -19.25
CA LEU G 73 -14.66 -29.84 -20.21
C LEU G 73 -14.55 -30.82 -21.37
N THR G 74 -15.54 -31.68 -21.60
CA THR G 74 -15.41 -32.64 -22.71
C THR G 74 -16.57 -32.51 -23.67
N ILE G 75 -16.31 -32.79 -24.94
CA ILE G 75 -17.36 -32.77 -26.01
C ILE G 75 -17.54 -34.20 -26.49
N SER G 76 -18.76 -34.71 -26.43
CA SER G 76 -19.12 -36.09 -26.84
C SER G 76 -18.57 -36.36 -28.24
N SER G 77 -19.14 -35.70 -29.21
CA SER G 77 -18.68 -35.82 -30.61
C SER G 77 -18.48 -34.40 -31.12
N LEU G 78 -17.24 -34.02 -31.39
CA LEU G 78 -16.92 -32.67 -31.90
C LEU G 78 -17.75 -32.38 -33.14
N GLN G 79 -18.33 -31.20 -33.26
CA GLN G 79 -19.03 -30.81 -34.50
C GLN G 79 -18.29 -29.65 -35.14
N PRO G 80 -18.62 -29.24 -36.38
CA PRO G 80 -17.92 -28.15 -37.03
C PRO G 80 -18.22 -26.81 -36.37
N GLU G 81 -19.41 -26.66 -35.79
CA GLU G 81 -19.85 -25.39 -35.15
C GLU G 81 -19.02 -25.18 -33.88
N ASP G 82 -18.55 -26.26 -33.28
CA ASP G 82 -17.79 -26.21 -32.01
C ASP G 82 -16.35 -25.82 -32.31
N VAL G 83 -16.08 -25.06 -33.35
CA VAL G 83 -14.67 -24.67 -33.59
C VAL G 83 -14.51 -23.27 -33.05
N ALA G 84 -13.68 -23.10 -32.03
CA ALA G 84 -13.35 -21.78 -31.45
C ALA G 84 -12.21 -21.97 -30.46
N THR G 85 -12.01 -20.96 -29.61
CA THR G 85 -11.09 -21.04 -28.47
C THR G 85 -11.94 -20.91 -27.21
N TYR G 86 -11.75 -21.81 -26.24
CA TYR G 86 -12.56 -21.79 -25.00
C TYR G 86 -11.66 -21.62 -23.78
N TYR G 87 -11.99 -20.61 -22.95
CA TYR G 87 -11.22 -20.32 -21.72
C TYR G 87 -12.10 -20.58 -20.49
N CYS G 88 -11.45 -20.93 -19.38
CA CYS G 88 -12.08 -21.14 -18.06
C CYS G 88 -11.86 -19.92 -17.18
N GLN G 89 -12.87 -19.58 -16.39
CA GLN G 89 -12.84 -18.36 -15.55
C GLN G 89 -13.03 -18.72 -14.09
N LYS G 90 -13.02 -17.69 -13.26
CA LYS G 90 -13.26 -17.78 -11.81
C LYS G 90 -14.16 -16.61 -11.44
N TYR G 91 -15.41 -16.89 -11.10
CA TYR G 91 -16.36 -15.83 -10.70
C TYR G 91 -16.73 -16.01 -9.24
N ASN G 92 -15.83 -16.58 -8.45
CA ASN G 92 -16.12 -16.76 -7.00
C ASN G 92 -16.08 -15.37 -6.37
N SER G 93 -15.13 -14.56 -6.80
CA SER G 93 -14.90 -13.15 -6.36
C SER G 93 -13.73 -12.60 -7.16
N ALA G 94 -13.51 -11.30 -7.12
CA ALA G 94 -12.34 -10.68 -7.79
C ALA G 94 -11.08 -11.29 -7.21
N PRO G 95 -10.07 -11.63 -8.02
CA PRO G 95 -10.09 -11.32 -9.44
C PRO G 95 -10.80 -12.44 -10.18
N PHE G 96 -11.33 -12.14 -11.35
CA PHE G 96 -12.00 -13.11 -12.23
C PHE G 96 -10.98 -13.59 -13.27
N THR G 97 -9.81 -14.01 -12.81
CA THR G 97 -8.70 -14.49 -13.63
C THR G 97 -9.19 -15.57 -14.58
N PHE G 98 -8.83 -15.46 -15.86
CA PHE G 98 -9.16 -16.48 -16.89
C PHE G 98 -8.00 -17.43 -17.04
N GLY G 99 -8.16 -18.41 -17.91
CA GLY G 99 -7.08 -19.36 -18.20
C GLY G 99 -6.30 -18.93 -19.41
N GLN G 100 -5.20 -19.60 -19.69
CA GLN G 100 -4.34 -19.25 -20.85
C GLN G 100 -5.15 -19.38 -22.14
N GLY G 101 -6.01 -20.39 -22.23
CA GLY G 101 -6.85 -20.60 -23.43
C GLY G 101 -6.46 -21.88 -24.08
N THR G 102 -7.39 -22.52 -24.78
CA THR G 102 -7.07 -23.75 -25.51
C THR G 102 -7.73 -23.62 -26.87
N ARG G 103 -6.93 -23.64 -27.94
CA ARG G 103 -7.45 -23.51 -29.33
C ARG G 103 -7.75 -24.89 -29.91
N LEU G 104 -9.02 -25.13 -30.23
CA LEU G 104 -9.43 -26.45 -30.76
C LEU G 104 -9.67 -26.42 -32.27
N GLU G 105 -9.12 -27.36 -33.02
CA GLU G 105 -9.37 -27.37 -34.48
C GLU G 105 -9.72 -28.78 -34.94
N ILE G 106 -10.52 -28.85 -36.01
CA ILE G 106 -11.02 -30.10 -36.62
C ILE G 106 -9.83 -30.83 -37.23
N LYS G 107 -9.39 -31.90 -36.59
CA LYS G 107 -8.31 -32.69 -37.20
C LYS G 107 -8.92 -33.27 -38.48
N ARG G 108 -8.28 -33.05 -39.61
CA ARG G 108 -8.75 -33.57 -40.90
C ARG G 108 -7.77 -34.64 -41.32
N ALA G 109 -7.71 -34.88 -42.63
CA ALA G 109 -6.75 -35.79 -43.26
C ALA G 109 -5.65 -34.96 -43.93
N VAL G 110 -4.41 -35.39 -43.78
CA VAL G 110 -3.20 -34.69 -44.27
C VAL G 110 -3.37 -34.30 -45.74
N ALA G 111 -3.79 -33.08 -46.00
CA ALA G 111 -3.90 -32.51 -47.34
C ALA G 111 -2.63 -31.69 -47.53
N ALA G 112 -1.85 -31.96 -48.57
CA ALA G 112 -0.60 -31.22 -48.81
C ALA G 112 -0.96 -29.90 -49.49
N PRO G 113 -0.08 -28.88 -49.38
CA PRO G 113 -0.35 -27.56 -49.96
C PRO G 113 0.05 -27.34 -51.42
N SER G 114 -0.66 -26.42 -52.06
CA SER G 114 -0.38 -25.97 -53.43
C SER G 114 0.45 -24.70 -53.28
N VAL G 115 1.76 -24.77 -53.51
CA VAL G 115 2.70 -23.63 -53.37
C VAL G 115 2.64 -22.73 -54.61
N PHE G 116 2.35 -21.45 -54.39
CA PHE G 116 2.29 -20.44 -55.47
C PHE G 116 3.28 -19.34 -55.14
N ILE G 117 4.27 -19.13 -55.99
CA ILE G 117 5.24 -18.01 -55.83
C ILE G 117 4.70 -16.77 -56.54
N PHE G 118 5.03 -15.60 -56.00
CA PHE G 118 4.48 -14.31 -56.48
C PHE G 118 5.56 -13.23 -56.53
N PRO G 119 6.04 -12.85 -57.72
CA PRO G 119 7.01 -11.78 -57.83
C PRO G 119 6.30 -10.45 -57.66
N PRO G 120 7.01 -9.39 -57.27
CA PRO G 120 6.40 -8.09 -57.08
C PRO G 120 6.01 -7.51 -58.42
N SER G 121 5.04 -6.62 -58.44
CA SER G 121 4.61 -6.00 -59.70
C SER G 121 5.49 -4.79 -60.02
N GLU G 122 5.22 -4.16 -61.15
CA GLU G 122 5.94 -2.93 -61.55
C GLU G 122 5.51 -1.81 -60.61
N ASP G 123 4.21 -1.53 -60.50
CA ASP G 123 3.70 -0.40 -59.66
C ASP G 123 4.21 -0.51 -58.21
N GLN G 124 4.28 -1.71 -57.66
CA GLN G 124 4.86 -1.98 -56.33
C GLN G 124 6.38 -1.74 -56.36
N VAL G 125 7.02 -1.98 -57.50
CA VAL G 125 8.50 -1.82 -57.62
C VAL G 125 8.87 -0.35 -57.55
N LYS G 126 8.05 0.51 -58.15
CA LYS G 126 8.29 1.98 -58.18
C LYS G 126 7.65 2.63 -56.95
N SER G 127 8.02 2.11 -55.77
CA SER G 127 7.55 2.55 -54.43
C SER G 127 8.76 2.61 -53.51
N GLY G 128 9.83 1.89 -53.86
CA GLY G 128 11.06 1.88 -53.08
C GLY G 128 11.17 0.58 -52.33
N THR G 129 10.01 0.08 -51.88
CA THR G 129 9.92 -1.21 -51.17
C THR G 129 9.01 -2.15 -51.96
N VAL G 130 9.34 -3.43 -51.95
CA VAL G 130 8.57 -4.44 -52.73
C VAL G 130 8.36 -5.66 -51.86
N SER G 131 7.25 -6.36 -52.05
CA SER G 131 6.94 -7.59 -51.27
C SER G 131 6.75 -8.76 -52.22
N VAL G 132 7.56 -9.80 -52.07
CA VAL G 132 7.47 -11.04 -52.89
C VAL G 132 6.76 -12.10 -52.04
N VAL G 133 5.49 -12.38 -52.33
CA VAL G 133 4.67 -13.26 -51.45
C VAL G 133 4.64 -14.69 -51.98
N CYS G 134 4.96 -15.66 -51.12
CA CYS G 134 4.87 -17.10 -51.42
C CYS G 134 3.69 -17.64 -50.64
N LEU G 135 2.75 -18.25 -51.34
CA LEU G 135 1.45 -18.62 -50.75
C LEU G 135 1.26 -20.14 -50.69
N LEU G 136 0.89 -20.66 -49.52
CA LEU G 136 0.55 -22.09 -49.28
C LEU G 136 -0.97 -22.14 -49.20
N ASN G 137 -1.62 -22.98 -49.99
CA ASN G 137 -3.10 -22.96 -50.05
C ASN G 137 -3.66 -24.35 -49.76
N ASN G 138 -4.91 -24.41 -49.32
CA ASN G 138 -5.69 -25.62 -48.96
C ASN G 138 -4.77 -26.70 -48.40
N PHE G 139 -4.31 -26.55 -47.15
CA PHE G 139 -3.49 -27.61 -46.51
C PHE G 139 -3.92 -27.83 -45.06
N TYR G 140 -3.38 -28.89 -44.47
CA TYR G 140 -3.57 -29.29 -43.06
C TYR G 140 -2.53 -30.38 -42.81
N PRO G 141 -1.73 -30.41 -41.72
CA PRO G 141 -1.94 -29.63 -40.51
C PRO G 141 -1.51 -28.17 -40.63
N ARG G 142 -2.00 -27.30 -39.75
CA ARG G 142 -1.63 -25.86 -39.76
C ARG G 142 -0.29 -25.75 -39.05
N GLU G 143 0.79 -26.05 -39.78
CA GLU G 143 2.19 -26.00 -39.31
C GLU G 143 3.09 -26.43 -40.46
N ALA G 144 3.84 -25.50 -41.05
CA ALA G 144 4.77 -25.78 -42.16
C ALA G 144 6.09 -25.05 -41.92
N SER G 145 7.13 -25.38 -42.67
CA SER G 145 8.42 -24.68 -42.59
C SER G 145 8.68 -24.00 -43.93
N VAL G 146 8.41 -22.71 -44.03
CA VAL G 146 8.64 -21.95 -45.29
C VAL G 146 9.99 -21.26 -45.18
N LYS G 147 10.97 -21.66 -45.97
CA LYS G 147 12.31 -21.03 -45.97
C LYS G 147 12.46 -20.25 -47.27
N TRP G 148 13.06 -19.07 -47.20
CA TRP G 148 13.28 -18.22 -48.39
C TRP G 148 14.74 -18.34 -48.79
N LYS G 149 15.03 -18.42 -50.09
CA LYS G 149 16.43 -18.47 -50.54
C LYS G 149 16.57 -17.46 -51.67
N VAL G 150 17.53 -16.55 -51.60
CA VAL G 150 17.69 -15.56 -52.71
C VAL G 150 19.02 -15.82 -53.39
N ASP G 151 19.00 -16.15 -54.68
CA ASP G 151 20.22 -16.43 -55.47
C ASP G 151 21.02 -17.56 -54.80
N GLY G 152 20.31 -18.60 -54.35
CA GLY G 152 20.90 -19.83 -53.80
C GLY G 152 21.22 -19.73 -52.34
N VAL G 153 20.98 -18.59 -51.69
CA VAL G 153 21.38 -18.47 -50.26
C VAL G 153 20.19 -18.01 -49.41
N LEU G 154 20.15 -18.52 -48.18
CA LEU G 154 19.07 -18.29 -47.18
C LEU G 154 18.76 -16.79 -47.04
N LYS G 155 17.77 -16.48 -46.23
CA LYS G 155 17.37 -15.08 -45.96
C LYS G 155 16.53 -15.05 -44.69
N THR G 156 17.06 -15.55 -43.59
CA THR G 156 16.39 -15.49 -42.27
C THR G 156 16.30 -14.02 -41.90
N GLY G 157 15.10 -13.49 -41.71
CA GLY G 157 14.86 -12.06 -41.41
C GLY G 157 14.22 -11.39 -42.60
N ASN G 158 13.38 -10.38 -42.36
CA ASN G 158 12.59 -9.57 -43.35
C ASN G 158 11.37 -10.34 -43.88
N SER G 159 11.15 -11.59 -43.47
CA SER G 159 10.00 -12.41 -43.90
C SER G 159 9.01 -12.52 -42.74
N GLN G 160 7.77 -12.86 -43.02
CA GLN G 160 6.73 -12.94 -41.96
C GLN G 160 5.53 -13.71 -42.47
N GLU G 161 5.22 -14.84 -41.85
CA GLU G 161 4.10 -15.72 -42.27
C GLU G 161 2.80 -15.22 -41.62
N SER G 162 1.66 -15.78 -42.03
CA SER G 162 0.32 -15.41 -41.53
C SER G 162 -0.71 -16.44 -42.02
N VAL G 163 -1.12 -17.40 -41.19
CA VAL G 163 -2.11 -18.43 -41.62
C VAL G 163 -3.53 -17.94 -41.30
N THR G 164 -4.54 -18.60 -41.83
CA THR G 164 -5.95 -18.22 -41.57
C THR G 164 -6.62 -19.23 -40.66
N GLU G 165 -7.86 -18.95 -40.27
CA GLU G 165 -8.70 -19.87 -39.49
C GLU G 165 -9.13 -20.98 -40.45
N GLN G 166 -9.36 -22.21 -39.95
CA GLN G 166 -9.76 -23.34 -40.82
C GLN G 166 -11.03 -23.01 -41.63
N ASP G 167 -11.11 -23.50 -42.86
CA ASP G 167 -12.29 -23.25 -43.72
C ASP G 167 -13.45 -24.13 -43.25
N SER G 168 -14.67 -23.72 -43.55
CA SER G 168 -15.90 -24.49 -43.20
C SER G 168 -16.35 -25.28 -44.43
N LYS G 169 -15.39 -25.86 -45.14
CA LYS G 169 -15.58 -26.67 -46.36
C LYS G 169 -14.61 -27.83 -46.29
N ASP G 170 -13.34 -27.56 -46.56
CA ASP G 170 -12.28 -28.61 -46.57
C ASP G 170 -11.59 -28.63 -45.22
N ASN G 171 -11.92 -27.66 -44.36
CA ASN G 171 -11.34 -27.54 -43.00
C ASN G 171 -9.84 -27.65 -43.15
N THR G 172 -9.26 -26.75 -43.94
CA THR G 172 -7.80 -26.69 -44.24
C THR G 172 -7.33 -25.26 -43.98
N TYR G 173 -6.03 -25.05 -44.02
CA TYR G 173 -5.44 -23.72 -43.74
C TYR G 173 -4.82 -23.12 -44.99
N SER G 174 -4.55 -21.82 -44.96
CA SER G 174 -3.91 -21.09 -46.09
C SER G 174 -2.85 -20.15 -45.53
N LEU G 175 -1.58 -20.56 -45.54
CA LEU G 175 -0.44 -19.74 -45.07
C LEU G 175 0.07 -18.83 -46.19
N SER G 176 0.88 -17.84 -45.85
CA SER G 176 1.41 -16.87 -46.84
C SER G 176 2.63 -16.17 -46.24
N SER G 177 3.83 -16.63 -46.58
CA SER G 177 5.10 -16.02 -46.13
C SER G 177 5.51 -14.94 -47.12
N THR G 178 5.69 -13.72 -46.63
CA THR G 178 6.07 -12.55 -47.46
C THR G 178 7.49 -12.12 -47.14
N LEU G 179 8.33 -11.94 -48.14
CA LEU G 179 9.69 -11.41 -47.95
C LEU G 179 9.63 -9.96 -48.38
N THR G 180 9.72 -9.02 -47.44
CA THR G 180 9.55 -7.59 -47.79
C THR G 180 10.93 -6.97 -47.91
N LEU G 181 11.13 -6.13 -48.92
CA LEU G 181 12.45 -5.50 -49.22
C LEU G 181 12.26 -4.24 -50.04
N SER G 182 13.36 -3.62 -50.43
CA SER G 182 13.36 -2.44 -51.31
C SER G 182 14.03 -2.89 -52.60
N ASN G 183 13.54 -2.42 -53.76
CA ASN G 183 14.10 -2.80 -55.07
C ASN G 183 15.64 -2.87 -54.99
N THR G 184 16.30 -1.76 -54.63
CA THR G 184 17.77 -1.71 -54.55
C THR G 184 18.29 -3.05 -54.05
N ASP G 185 17.61 -3.66 -53.09
CA ASP G 185 18.10 -4.97 -52.63
C ASP G 185 17.46 -6.04 -53.51
N TYR G 186 16.24 -5.80 -53.95
CA TYR G 186 15.49 -6.76 -54.77
C TYR G 186 16.00 -6.75 -56.21
N GLN G 187 16.45 -5.60 -56.71
CA GLN G 187 16.94 -5.46 -58.12
C GLN G 187 18.45 -5.72 -58.17
N SER G 188 19.01 -6.20 -57.06
CA SER G 188 20.44 -6.54 -56.88
C SER G 188 20.59 -8.05 -56.86
N HIS G 189 19.54 -8.78 -57.19
CA HIS G 189 19.55 -10.26 -57.13
C HIS G 189 18.74 -10.84 -58.28
N ASN G 190 18.67 -12.15 -58.41
CA ASN G 190 17.97 -12.73 -59.57
C ASN G 190 17.05 -13.87 -59.14
N VAL G 191 17.58 -14.90 -58.47
CA VAL G 191 16.80 -16.11 -58.11
C VAL G 191 16.06 -15.91 -56.78
N TYR G 192 14.73 -15.87 -56.80
CA TYR G 192 13.93 -15.74 -55.57
C TYR G 192 13.11 -17.02 -55.36
N ALA G 193 13.56 -17.91 -54.48
CA ALA G 193 12.92 -19.23 -54.30
C ALA G 193 12.29 -19.40 -52.91
N CYS G 194 11.02 -19.79 -52.89
CA CYS G 194 10.29 -20.16 -51.66
C CYS G 194 10.27 -21.67 -51.59
N GLU G 195 11.13 -22.23 -50.74
CA GLU G 195 11.20 -23.71 -50.55
C GLU G 195 10.25 -24.05 -49.41
N VAL G 196 9.43 -25.10 -49.54
CA VAL G 196 8.37 -25.42 -48.54
C VAL G 196 8.58 -26.83 -48.02
N THR G 197 8.47 -27.03 -46.71
CA THR G 197 8.53 -28.37 -46.05
C THR G 197 7.22 -28.57 -45.30
N HIS G 198 6.67 -29.79 -45.33
CA HIS G 198 5.37 -30.16 -44.70
C HIS G 198 5.42 -31.66 -44.38
N GLN G 199 4.30 -32.28 -44.07
CA GLN G 199 4.22 -33.73 -43.76
C GLN G 199 4.06 -34.52 -45.06
N GLY G 200 3.96 -33.84 -46.20
CA GLY G 200 3.96 -34.41 -47.58
C GLY G 200 4.95 -33.69 -48.50
N LEU G 201 6.24 -33.90 -48.23
CA LEU G 201 7.54 -33.50 -48.92
C LEU G 201 7.77 -32.00 -49.31
N SER G 202 9.02 -31.73 -49.76
CA SER G 202 9.63 -30.37 -49.93
C SER G 202 9.62 -29.92 -51.39
N SER G 203 8.83 -28.89 -51.68
CA SER G 203 8.57 -28.43 -53.05
C SER G 203 8.99 -26.97 -53.13
N PRO G 204 10.14 -26.62 -53.78
CA PRO G 204 10.59 -25.24 -53.86
C PRO G 204 10.07 -24.62 -55.14
N VAL G 205 9.69 -23.36 -55.10
CA VAL G 205 9.26 -22.67 -56.33
C VAL G 205 10.07 -21.38 -56.47
N THR G 206 10.65 -21.14 -57.64
CA THR G 206 11.62 -20.04 -57.88
C THR G 206 11.02 -19.01 -58.86
N LYS G 207 11.81 -17.99 -59.18
CA LYS G 207 11.46 -16.89 -60.12
C LYS G 207 12.73 -16.09 -60.44
N SER G 208 12.86 -15.60 -61.68
CA SER G 208 14.05 -14.83 -62.11
C SER G 208 13.63 -13.59 -62.91
N PHE G 209 14.62 -12.77 -63.30
CA PHE G 209 14.64 -11.56 -64.17
C PHE G 209 13.40 -10.65 -64.05
N ASN G 210 13.01 -10.05 -65.18
CA ASN G 210 11.90 -9.07 -65.28
C ASN G 210 10.69 -9.71 -65.95
C1 NAG H . -13.22 11.57 38.85
C2 NAG H . -13.93 11.23 40.15
C3 NAG H . -15.04 10.24 39.88
C4 NAG H . -15.99 10.76 38.81
C5 NAG H . -15.20 11.17 37.58
C6 NAG H . -16.07 11.83 36.51
C7 NAG H . -12.44 11.48 42.07
C8 NAG H . -11.46 10.77 42.99
N2 NAG H . -13.00 10.70 41.14
O3 NAG H . -15.75 9.96 41.10
O4 NAG H . -16.92 9.74 38.45
O5 NAG H . -14.18 12.11 37.93
O6 NAG H . -15.27 12.16 35.35
O7 NAG H . -12.67 12.69 42.17
C1 NAG I . -11.68 21.84 23.56
C2 NAG I . -12.47 23.12 23.31
C3 NAG I . -11.50 24.16 22.75
C4 NAG I . -10.53 24.55 23.84
C5 NAG I . -9.82 23.31 24.38
C6 NAG I . -10.01 23.11 25.88
C7 NAG I . -14.73 22.35 22.76
C8 NAG I . -15.78 22.23 21.70
N2 NAG I . -13.58 22.90 22.38
O3 NAG I . -12.22 25.29 22.25
O4 NAG I . -9.55 25.43 23.30
O5 NAG I . -10.26 22.10 23.73
O6 NAG I . -8.76 23.29 26.56
O7 NAG I . -14.92 21.98 23.91
C1 NAG J . 13.53 22.77 38.56
C2 NAG J . 14.79 21.95 38.80
C3 NAG J . 15.96 22.85 39.16
C4 NAG J . 16.13 23.96 38.14
C5 NAG J . 14.81 24.70 37.93
C6 NAG J . 14.91 25.73 36.80
C7 NAG J . 15.24 19.78 39.84
C8 NAG J . 14.90 18.85 40.98
N2 NAG J . 14.58 20.93 39.82
O3 NAG J . 17.15 22.07 39.24
O4 NAG J . 17.15 24.87 38.59
O5 NAG J . 13.80 23.78 37.57
O6 NAG J . 13.67 26.42 36.63
O7 NAG J . 16.07 19.47 39.01
C1 NAG K . -13.41 2.76 46.27
C2 NAG K . -13.81 2.01 47.53
C3 NAG K . -15.12 1.29 47.30
C4 NAG K . -16.16 2.33 46.89
C5 NAG K . -15.71 3.04 45.62
C6 NAG K . -16.67 4.14 45.21
C7 NAG K . -12.58 0.94 49.34
C8 NAG K . -11.50 -0.02 49.73
N2 NAG K . -12.79 1.10 48.03
O3 NAG K . -15.52 0.59 48.50
O4 NAG K . -17.45 1.74 46.68
O5 NAG K . -14.42 3.64 45.81
O6 NAG K . -16.76 5.16 46.23
O7 NAG K . -13.25 1.53 50.18
C1 NAG L . -7.10 27.89 42.85
C2 NAG L . -7.95 29.03 42.21
C3 NAG L . -9.01 29.47 43.21
C4 NAG L . -9.91 28.27 43.53
C5 NAG L . -9.09 27.11 44.03
C6 NAG L . -9.97 25.91 44.31
C7 NAG L . -6.43 30.17 40.67
C8 NAG L . -5.47 31.30 40.39
N2 NAG L . -7.05 30.13 41.87
O3 NAG L . -9.79 30.55 42.67
O4 NAG L . -10.86 28.66 44.54
O5 NAG L . -8.11 26.79 42.98
O6 NAG L . -10.24 25.24 43.08
O7 NAG L . -6.64 29.30 39.85
C1 NAG M . 17.57 31.35 46.21
C2 NAG M . 17.54 32.54 45.28
C3 NAG M . 18.84 33.33 45.34
C4 NAG M . 19.84 32.77 46.35
C5 NAG M . 19.22 32.19 47.63
C6 NAG M . 19.22 33.18 48.77
C7 NAG M . 16.25 32.49 43.21
C8 NAG M . 16.09 31.86 41.86
N2 NAG M . 17.29 32.06 43.94
O3 NAG M . 18.58 34.69 45.67
O4 NAG M . 20.66 31.75 45.73
O5 NAG M . 17.87 31.81 47.47
O6 NAG M . 19.01 32.49 50.02
O7 NAG M . 15.46 33.34 43.61
C1 NAG N . 5.44 36.93 49.63
C2 NAG N . 6.20 38.25 49.46
C3 NAG N . 5.31 39.44 49.79
C4 NAG N . 3.99 39.35 49.02
C5 NAG N . 3.33 38.01 49.28
C6 NAG N . 2.02 37.83 48.54
C7 NAG N . 8.62 38.54 49.80
C8 NAG N . 9.74 38.51 50.80
N2 NAG N . 7.40 38.26 50.29
O3 NAG N . 5.99 40.65 49.44
O4 NAG N . 3.10 40.40 49.44
O5 NAG N . 4.21 36.96 48.87
O6 NAG N . 2.07 38.44 47.26
O7 NAG N . 8.81 38.79 48.62
C1 NAG O . 11.54 17.97 61.37
C2 NAG O . 11.94 16.63 61.96
C3 NAG O . 11.07 16.36 63.20
C4 NAG O . 11.21 17.50 64.20
C5 NAG O . 10.93 18.85 63.54
C6 NAG O . 11.27 20.00 64.47
C7 NAG O . 12.61 14.52 60.94
C8 NAG O . 12.30 13.50 59.89
N2 NAG O . 11.78 15.55 61.00
O3 NAG O . 11.47 15.13 63.80
O4 NAG O . 10.32 17.30 65.29
O5 NAG O . 11.71 19.01 62.35
O6 NAG O . 10.34 21.08 64.30
O7 NAG O . 13.57 14.42 61.69
C1 NAG P . 8.32 28.45 37.06
C2 NAG P . 7.08 29.22 36.55
C3 NAG P . 7.49 30.45 35.74
C4 NAG P . 8.48 31.30 36.52
C5 NAG P . 9.68 30.42 36.90
C6 NAG P . 10.73 31.20 37.67
C7 NAG P . 5.20 27.66 36.20
C8 NAG P . 4.47 26.81 35.19
N2 NAG P . 6.25 28.34 35.73
O3 NAG P . 6.33 31.22 35.42
O4 NAG P . 8.91 32.43 35.75
O5 NAG P . 9.23 29.35 37.71
O6 NAG P . 11.75 31.69 36.78
O7 NAG P . 4.86 27.72 37.37
C1 NAG Q . -36.67 -17.80 19.93
C2 NAG Q . -37.44 -18.50 21.05
C3 NAG Q . -38.62 -19.22 20.43
C4 NAG Q . -39.48 -18.24 19.63
C5 NAG Q . -38.65 -17.43 18.67
C6 NAG Q . -39.44 -16.31 18.01
C7 NAG Q . -35.88 -19.14 22.83
C8 NAG Q . -35.05 -20.26 23.38
N2 NAG Q . -36.58 -19.47 21.74
O3 NAG Q . -39.40 -19.85 21.45
O4 NAG Q . -40.46 -18.96 18.87
O5 NAG Q . -37.52 -16.84 19.34
O6 NAG Q . -38.86 -15.04 18.37
O7 NAG Q . -35.88 -18.02 23.32
C1 NAG R . -33.80 -5.78 7.08
C2 NAG R . -34.41 -4.42 7.37
C3 NAG R . -33.39 -3.33 7.03
C4 NAG R . -32.24 -3.42 8.00
C5 NAG R . -31.61 -4.81 7.98
C6 NAG R . -31.53 -5.43 9.37
C7 NAG R . -36.78 -4.82 6.87
C8 NAG R . -37.93 -4.48 5.97
N2 NAG R . -35.63 -4.21 6.60
O3 NAG R . -34.02 -2.06 7.14
O4 NAG R . -31.23 -2.47 7.64
O5 NAG R . -32.33 -5.75 7.13
O6 NAG R . -30.18 -5.72 9.73
O7 NAG R . -36.89 -5.59 7.79
C1 NAG S . -8.64 -10.28 20.96
C2 NAG S . -7.54 -11.33 21.04
C3 NAG S . -6.23 -10.70 21.44
C4 NAG S . -5.86 -9.53 20.57
C5 NAG S . -7.01 -8.52 20.62
C6 NAG S . -6.78 -7.34 19.70
C7 NAG S . -7.44 -13.64 21.90
C8 NAG S . -7.90 -14.59 22.96
N2 NAG S . -7.91 -12.39 21.98
O3 NAG S . -5.18 -11.70 21.39
O4 NAG S . -4.63 -8.92 21.00
O5 NAG S . -8.21 -9.15 20.17
O6 NAG S . -8.05 -6.85 19.23
O7 NAG S . -6.66 -13.98 21.05
C1 NAG T . -37.36 -29.62 26.38
C2 NAG T . -37.12 -31.04 25.87
C3 NAG T . -38.34 -31.89 26.17
C4 NAG T . -38.56 -31.91 27.69
C5 NAG T . -38.69 -30.48 28.20
C6 NAG T . -38.71 -30.45 29.73
C7 NAG T . -36.06 -32.02 23.89
C8 NAG T . -35.84 -31.89 22.41
N2 NAG T . -36.81 -31.05 24.44
O3 NAG T . -38.14 -33.22 25.68
O4 NAG T . -39.73 -32.66 28.01
O5 NAG T . -37.59 -29.67 27.79
O6 NAG T . -37.56 -31.12 30.24
O7 NAG T . -35.60 -32.94 24.54
C1 NAG U . -28.82 -3.42 25.62
C2 NAG U . -29.22 -1.96 25.85
C3 NAG U . -29.21 -1.69 27.35
C4 NAG U . -30.16 -2.67 28.03
C5 NAG U . -29.96 -4.12 27.61
C6 NAG U . -31.12 -4.99 28.04
C7 NAG U . -27.16 -0.65 25.17
C8 NAG U . -26.26 -1.39 26.11
N2 NAG U . -28.47 -0.96 25.09
O3 NAG U . -29.62 -0.35 27.62
O4 NAG U . -30.05 -2.53 29.44
O5 NAG U . -29.82 -4.26 26.18
O6 NAG U . -31.88 -5.39 26.87
O7 NAG U . -26.68 0.23 24.46
C1 NAG V . -3.46 -3.16 30.42
C2 NAG V . -3.70 -1.67 30.28
C3 NAG V . -2.54 -0.87 30.84
C4 NAG V . -1.25 -1.68 30.95
C5 NAG V . -1.46 -3.01 31.67
C6 NAG V . -1.06 -2.93 33.14
C7 NAG V . -4.95 -0.50 28.52
C8 NAG V . -5.11 -0.32 27.04
N2 NAG V . -3.96 -1.33 28.89
O3 NAG V . -2.91 -0.46 32.15
O4 NAG V . -0.72 -1.93 29.64
O5 NAG V . -2.83 -3.42 31.65
O6 NAG V . -0.01 -3.87 33.43
O7 NAG V . -5.67 0.07 29.35
C1 NAG W . -15.23 2.32 33.79
C2 NAG W . -14.12 3.37 33.64
C3 NAG W . -14.55 4.66 34.33
C4 NAG W . -15.90 5.11 33.78
C5 NAG W . -16.93 3.98 33.88
C6 NAG W . -18.25 4.36 33.25
C7 NAG W . -11.80 2.63 33.41
C8 NAG W . -10.58 2.10 34.10
N2 NAG W . -12.86 2.88 34.18
O3 NAG W . -13.55 5.64 34.12
O4 NAG W . -16.35 6.25 34.52
O5 NAG W . -16.44 2.80 33.22
O6 NAG W . -18.09 4.56 31.83
O7 NAG W . -11.81 2.83 32.20
C1 NAG X . -11.54 -18.86 42.88
C2 NAG X . -11.07 -20.19 43.46
C3 NAG X . -11.80 -20.46 44.76
C4 NAG X . -11.59 -19.31 45.74
C5 NAG X . -12.03 -18.00 45.11
C6 NAG X . -11.69 -16.80 45.98
C7 NAG X . -10.29 -21.96 41.97
C8 NAG X . -10.67 -23.06 41.01
N2 NAG X . -11.30 -21.28 42.51
O3 NAG X . -11.31 -21.68 45.31
O4 NAG X . -12.32 -19.56 46.93
O5 NAG X . -11.37 -17.82 43.86
O6 NAG X . -12.77 -16.51 46.87
O7 NAG X . -9.11 -21.72 42.24
C1 NAG Y . -18.04 -10.02 47.31
C2 NAG Y . -16.54 -9.99 47.47
C3 NAG Y . -16.15 -8.76 48.28
C4 NAG Y . -17.25 -8.38 49.29
C5 NAG Y . -18.57 -8.10 48.60
C6 NAG Y . -18.81 -6.61 48.45
C7 NAG Y . -15.85 -12.32 47.46
C8 NAG Y . -17.06 -13.13 47.09
N2 NAG Y . -16.08 -11.19 48.16
O3 NAG Y . -15.90 -7.66 47.39
O4 NAG Y . -17.44 -9.46 50.22
O5 NAG Y . -18.58 -8.70 47.30
O6 NAG Y . -20.03 -6.39 47.74
O7 NAG Y . -14.76 -12.59 46.93
#